data_2WYH
#
_entry.id   2WYH
#
_cell.length_a   92.573
_cell.length_b   88.502
_cell.length_c   134.688
_cell.angle_alpha   90.00
_cell.angle_beta   108.97
_cell.angle_gamma   90.00
#
_symmetry.space_group_name_H-M   'P 1 21 1'
#
loop_
_entity.id
_entity.type
_entity.pdbx_description
1 polymer ALPHA-MANNOSIDASE
2 non-polymer 'ZINC ION'
3 non-polymer GLYCEROL
4 non-polymer 2-AMINO-2-HYDROXYMETHYL-PROPANE-1,3-DIOL
5 water water
#
_entity_poly.entity_id   1
_entity_poly.type   'polypeptide(L)'
_entity_poly.pdbx_seq_one_letter_code
;MGSSHHHHHHSSGLEVLFQGPAMATKKVHIISHSHWDREWYMAYEQHHMRLINLIDDLLEVFQTDPDFHSFHLDGQTIIL
DDYLKVRPEREPEIRQAIASGKLRIGPFYILQDDFLTSSESNVRNMLIGKEDCDRWGASVPLGYFPDTFGNMGQTPQLML
KAGLQAAAFGRGIRPTGFNNQVDTSEKYSSQFSEISWQGPDNSRILGLLFANWYSNGNEIPTTEAEARLFWDKKLADAER
FASTKHLLMMNGCDHQPVQLDVTKAIALANQLYPDYEFVHSCFEDYLADLADDLPENLSTVQGEITSQETDGWYTLANTA
SARIYLKQANTRVSRQLENITEPLAAMAYEVTSTYPHDQLRYAWKTLMQNHPHDSICGCSVDSVHREMMTRFEKAYEVGH
YLAKEAAKQIADAIDTRDFPMDSQPFVLFNTSGHSKTSVAELSLTWKKYHFGQRFPKEVYQEAQEYLARLSQSFQIIDTS
GQVRPEAEILGTSIAFDYDLPKRSFREPYFAIKVRLRLPITLPAMSWKTLALKLGNETTPSETVSLYDDSNQCLENGFLK
VMIQTDGRLTITDKQSGLIYQDLLRFEDCGDIGNEYISRQPNHDQPFYADQGTIKLNIISNTAQVAELEIQQTFAIPISA
DKLLQAEMEAVIDITERQARRSQEKAELTLTTLIRMEKNNPRLQFTTRFDNQMTNHRLRVLFPTHLKTDHHLADSIFETV
KRPNHPDATFWKNPSNPQHQECFVSLFDGENGVTIGNYGLNEYEILPDTNTIAITLLRSVGEMGDWGYFPTPEAQCLGKH
SLSYSFESITKQTQFASYWRAQEGQVPVITTQTNQHEGTLAAEYSYLTGTNDQVALTAFKRRLADNALITRSYNLSNDKT
CDFSLSLPNYNAKVTNLLEKDSKQSTPSQLGKAEILTLAWKKQ
;
_entity_poly.pdbx_strand_id   A,B
#
loop_
_chem_comp.id
_chem_comp.type
_chem_comp.name
_chem_comp.formula
GOL non-polymer GLYCEROL 'C3 H8 O3'
TRS non-polymer 2-AMINO-2-HYDROXYMETHYL-PROPANE-1,3-DIOL 'C4 H12 N O3 1'
ZN non-polymer 'ZINC ION' 'Zn 2'
#
# COMPACT_ATOMS: atom_id res chain seq x y z
N GLY A 13 26.36 -29.00 -55.93
CA GLY A 13 27.04 -28.99 -57.25
C GLY A 13 26.92 -30.31 -57.97
N LEU A 14 27.53 -31.35 -57.40
CA LEU A 14 27.48 -32.69 -57.97
C LEU A 14 26.12 -33.35 -57.73
N GLU A 15 25.43 -32.90 -56.69
CA GLU A 15 24.09 -33.36 -56.34
C GLU A 15 23.07 -33.06 -57.44
N VAL A 16 23.35 -32.06 -58.28
CA VAL A 16 22.43 -31.67 -59.35
C VAL A 16 22.41 -32.67 -60.52
N LEU A 17 23.55 -33.22 -60.91
CA LEU A 17 23.55 -34.27 -61.93
C LEU A 17 23.52 -35.71 -61.39
N PHE A 18 23.72 -35.88 -60.08
CA PHE A 18 23.56 -37.19 -59.44
C PHE A 18 22.75 -37.04 -58.16
N GLN A 19 21.44 -36.88 -58.33
CA GLN A 19 20.54 -36.55 -57.21
C GLN A 19 20.32 -37.73 -56.26
N GLY A 20 20.39 -37.44 -54.96
CA GLY A 20 20.06 -38.42 -53.92
C GLY A 20 18.67 -38.13 -53.36
N PRO A 21 18.22 -38.92 -52.36
CA PRO A 21 16.92 -38.67 -51.72
C PRO A 21 16.80 -37.29 -51.08
N ALA A 22 15.63 -36.68 -51.25
CA ALA A 22 15.28 -35.43 -50.57
C ALA A 22 15.14 -35.74 -49.07
N MET A 23 15.86 -34.98 -48.24
CA MET A 23 15.88 -35.24 -46.80
C MET A 23 15.01 -34.27 -46.03
N ALA A 24 14.42 -34.74 -44.93
CA ALA A 24 13.59 -33.90 -44.08
C ALA A 24 14.46 -33.05 -43.14
N THR A 25 13.89 -31.96 -42.65
CA THR A 25 14.59 -31.09 -41.71
C THR A 25 13.68 -30.86 -40.51
N LYS A 26 14.26 -30.45 -39.38
CA LYS A 26 13.48 -29.99 -38.25
C LYS A 26 13.53 -28.47 -38.26
N LYS A 27 12.49 -27.84 -37.73
CA LYS A 27 12.48 -26.38 -37.58
C LYS A 27 12.49 -26.02 -36.10
N VAL A 28 13.54 -25.31 -35.69
CA VAL A 28 13.76 -24.97 -34.29
C VAL A 28 13.35 -23.52 -34.06
N HIS A 29 12.18 -23.34 -33.44
CA HIS A 29 11.63 -22.02 -33.14
C HIS A 29 12.19 -21.53 -31.81
N ILE A 30 13.05 -20.50 -31.87
CA ILE A 30 13.62 -19.91 -30.68
C ILE A 30 12.75 -18.71 -30.32
N ILE A 31 12.07 -18.80 -29.18
CA ILE A 31 11.25 -17.69 -28.70
C ILE A 31 11.89 -17.05 -27.46
N SER A 32 12.39 -15.82 -27.66
CA SER A 32 12.97 -15.06 -26.56
C SER A 32 11.88 -14.48 -25.69
N HIS A 33 12.07 -14.59 -24.39
CA HIS A 33 11.05 -14.14 -23.45
C HIS A 33 11.68 -13.91 -22.10
N SER A 34 10.91 -13.34 -21.18
CA SER A 34 11.28 -13.34 -19.77
C SER A 34 10.03 -13.64 -18.99
N HIS A 35 10.10 -14.59 -18.06
CA HIS A 35 8.97 -14.87 -17.23
C HIS A 35 9.07 -13.90 -16.06
N TRP A 36 8.23 -12.86 -16.08
CA TRP A 36 8.38 -11.74 -15.15
C TRP A 36 7.34 -11.72 -14.04
N ASP A 37 7.57 -12.50 -12.99
CA ASP A 37 6.74 -12.43 -11.78
C ASP A 37 6.78 -10.98 -11.32
N ARG A 38 5.61 -10.36 -11.22
CA ARG A 38 5.54 -8.91 -10.96
C ARG A 38 6.21 -8.53 -9.63
N GLU A 39 6.03 -9.41 -8.64
CA GLU A 39 6.58 -9.22 -7.30
C GLU A 39 6.67 -10.61 -6.66
N TRP A 40 7.75 -10.89 -5.93
CA TRP A 40 7.93 -12.25 -5.42
C TRP A 40 8.92 -12.28 -4.26
N TYR A 41 10.16 -12.69 -4.52
CA TYR A 41 11.15 -12.79 -3.44
C TYR A 41 11.74 -11.42 -3.09
N MET A 42 11.39 -10.41 -3.88
CA MET A 42 11.68 -9.00 -3.52
C MET A 42 10.39 -8.20 -3.62
N ALA A 43 10.40 -6.99 -3.07
CA ALA A 43 9.24 -6.12 -3.17
C ALA A 43 9.03 -5.76 -4.62
N TYR A 44 7.78 -5.43 -4.98
CA TYR A 44 7.49 -5.01 -6.36
C TYR A 44 8.53 -4.07 -6.97
N GLU A 45 8.86 -2.97 -6.28
CA GLU A 45 9.76 -1.95 -6.85
C GLU A 45 11.16 -2.49 -7.19
N GLN A 46 11.64 -3.45 -6.43
CA GLN A 46 12.95 -4.07 -6.74
C GLN A 46 12.90 -4.83 -8.05
N HIS A 47 11.80 -5.53 -8.29
CA HIS A 47 11.62 -6.23 -9.56
C HIS A 47 11.36 -5.21 -10.68
N HIS A 48 10.56 -4.20 -10.35
CA HIS A 48 10.14 -3.13 -11.26
C HIS A 48 11.36 -2.40 -11.85
N MET A 49 12.35 -2.11 -11.02
CA MET A 49 13.55 -1.40 -11.52
C MET A 49 14.33 -2.27 -12.51
N ARG A 50 14.32 -3.58 -12.29
CA ARG A 50 14.98 -4.52 -13.19
C ARG A 50 14.17 -4.73 -14.48
N LEU A 51 12.85 -4.56 -14.39
CA LEU A 51 11.98 -4.56 -15.58
C LEU A 51 12.30 -3.38 -16.48
N ILE A 52 12.56 -2.22 -15.86
CA ILE A 52 12.99 -1.05 -16.65
C ILE A 52 14.25 -1.41 -17.44
N ASN A 53 15.21 -2.05 -16.77
CA ASN A 53 16.43 -2.53 -17.45
C ASN A 53 16.13 -3.46 -18.62
N LEU A 54 15.23 -4.44 -18.40
CA LEU A 54 14.84 -5.38 -19.47
C LEU A 54 14.29 -4.65 -20.70
N ILE A 55 13.28 -3.81 -20.50
CA ILE A 55 12.69 -3.12 -21.63
C ILE A 55 13.70 -2.16 -22.29
N ASP A 56 14.50 -1.46 -21.49
CA ASP A 56 15.57 -0.58 -22.02
C ASP A 56 16.50 -1.36 -22.97
N ASP A 57 16.95 -2.52 -22.50
CA ASP A 57 17.83 -3.39 -23.30
C ASP A 57 17.14 -3.83 -24.59
N LEU A 58 15.85 -4.15 -24.48
CA LEU A 58 15.05 -4.55 -25.64
C LEU A 58 14.96 -3.46 -26.71
N LEU A 59 14.56 -2.26 -26.28
CA LEU A 59 14.49 -1.12 -27.20
C LEU A 59 15.83 -0.84 -27.87
N GLU A 60 16.92 -0.98 -27.11
CA GLU A 60 18.26 -0.82 -27.65
C GLU A 60 18.62 -1.92 -28.67
N VAL A 61 18.32 -3.18 -28.36
CA VAL A 61 18.65 -4.26 -29.28
C VAL A 61 17.87 -4.17 -30.60
N PHE A 62 16.62 -3.69 -30.52
CA PHE A 62 15.80 -3.50 -31.71
C PHE A 62 16.44 -2.51 -32.67
N GLN A 63 17.19 -1.55 -32.13
CA GLN A 63 17.83 -0.52 -32.94
C GLN A 63 19.20 -0.94 -33.48
N THR A 64 19.84 -1.91 -32.84
CA THR A 64 21.21 -2.30 -33.17
C THR A 64 21.34 -3.63 -33.90
N ASP A 65 20.35 -4.51 -33.75
CA ASP A 65 20.42 -5.84 -34.36
C ASP A 65 19.20 -6.11 -35.23
N PRO A 66 19.35 -5.97 -36.56
CA PRO A 66 18.27 -6.15 -37.54
C PRO A 66 17.73 -7.58 -37.58
N ASP A 67 18.52 -8.53 -37.07
CA ASP A 67 18.15 -9.95 -37.07
C ASP A 67 17.38 -10.43 -35.83
N PHE A 68 17.31 -9.57 -34.81
CA PHE A 68 16.51 -9.84 -33.61
C PHE A 68 15.04 -9.64 -33.99
N HIS A 69 14.31 -10.76 -34.07
CA HIS A 69 12.95 -10.80 -34.62
C HIS A 69 11.88 -10.26 -33.69
N SER A 70 11.83 -10.80 -32.47
CA SER A 70 10.81 -10.40 -31.49
C SER A 70 11.16 -10.87 -30.09
N PHE A 71 10.39 -10.38 -29.11
CA PHE A 71 10.49 -10.79 -27.74
C PHE A 71 9.08 -10.97 -27.16
N HIS A 72 8.85 -12.10 -26.50
CA HIS A 72 7.54 -12.42 -25.95
C HIS A 72 7.40 -11.90 -24.54
N LEU A 73 6.53 -10.91 -24.34
CA LEU A 73 6.42 -10.27 -23.02
C LEU A 73 5.51 -11.00 -22.06
N ASP A 74 5.71 -12.32 -21.93
CA ASP A 74 5.17 -13.13 -20.83
C ASP A 74 3.63 -13.10 -20.72
N GLY A 75 2.96 -12.86 -21.84
CA GLY A 75 1.51 -12.94 -21.93
C GLY A 75 0.73 -11.89 -21.12
N GLN A 76 1.41 -10.89 -20.57
CA GLN A 76 0.78 -9.97 -19.63
C GLN A 76 0.99 -8.50 -19.98
N THR A 77 -0.11 -7.81 -20.25
CA THR A 77 -0.04 -6.41 -20.72
C THR A 77 0.33 -5.43 -19.62
N ILE A 78 0.19 -5.83 -18.35
CA ILE A 78 0.57 -4.93 -17.22
C ILE A 78 2.02 -4.44 -17.33
N ILE A 79 2.89 -5.27 -17.91
CA ILE A 79 4.31 -4.94 -18.08
C ILE A 79 4.49 -3.60 -18.81
N LEU A 80 3.68 -3.37 -19.85
CA LEU A 80 3.75 -2.10 -20.57
C LEU A 80 3.44 -0.89 -19.69
N ASP A 81 2.37 -0.98 -18.89
CA ASP A 81 2.00 0.09 -17.96
C ASP A 81 3.11 0.31 -16.94
N ASP A 82 3.65 -0.78 -16.41
CA ASP A 82 4.72 -0.69 -15.42
C ASP A 82 5.94 0.05 -15.96
N TYR A 83 6.32 -0.26 -17.20
CA TYR A 83 7.44 0.42 -17.83
C TYR A 83 7.15 1.92 -18.01
N LEU A 84 6.00 2.22 -18.57
CA LEU A 84 5.65 3.58 -18.93
C LEU A 84 5.36 4.46 -17.71
N LYS A 85 5.01 3.84 -16.58
CA LYS A 85 4.91 4.58 -15.31
C LYS A 85 6.25 5.23 -14.94
N VAL A 86 7.35 4.58 -15.32
CA VAL A 86 8.69 5.13 -15.05
C VAL A 86 9.24 5.97 -16.21
N ARG A 87 9.01 5.48 -17.43
CA ARG A 87 9.52 6.13 -18.63
C ARG A 87 8.37 6.52 -19.58
N PRO A 88 7.49 7.44 -19.14
CA PRO A 88 6.33 7.79 -19.97
C PRO A 88 6.73 8.38 -21.31
N GLU A 89 7.92 8.99 -21.37
CA GLU A 89 8.47 9.50 -22.62
C GLU A 89 8.79 8.43 -23.68
N ARG A 90 8.81 7.16 -23.30
CA ARG A 90 9.12 6.08 -24.26
C ARG A 90 7.88 5.52 -24.94
N GLU A 91 6.72 6.09 -24.67
CA GLU A 91 5.48 5.59 -25.28
C GLU A 91 5.52 5.44 -26.82
N PRO A 92 6.00 6.47 -27.56
CA PRO A 92 6.13 6.30 -29.01
C PRO A 92 7.01 5.11 -29.39
N GLU A 93 8.12 4.93 -28.68
CA GLU A 93 9.05 3.84 -29.00
C GLU A 93 8.43 2.48 -28.70
N ILE A 94 7.71 2.39 -27.59
CA ILE A 94 6.95 1.19 -27.21
C ILE A 94 5.89 0.87 -28.27
N ARG A 95 5.13 1.88 -28.67
CA ARG A 95 4.09 1.72 -29.71
C ARG A 95 4.70 1.21 -31.02
N GLN A 96 5.83 1.79 -31.41
CA GLN A 96 6.48 1.38 -32.65
C GLN A 96 7.01 -0.06 -32.59
N ALA A 97 7.57 -0.45 -31.45
CA ALA A 97 8.06 -1.82 -31.28
C ALA A 97 6.90 -2.83 -31.33
N ILE A 98 5.73 -2.44 -30.84
CA ILE A 98 4.56 -3.31 -30.88
C ILE A 98 4.03 -3.41 -32.31
N ALA A 99 3.89 -2.26 -32.97
CA ALA A 99 3.43 -2.18 -34.36
C ALA A 99 4.31 -2.97 -35.33
N SER A 100 5.63 -2.91 -35.14
CA SER A 100 6.57 -3.66 -35.98
C SER A 100 6.65 -5.15 -35.63
N GLY A 101 6.07 -5.56 -34.51
CA GLY A 101 6.05 -6.95 -34.09
C GLY A 101 7.25 -7.39 -33.25
N LYS A 102 8.11 -6.45 -32.89
CA LYS A 102 9.31 -6.79 -32.11
C LYS A 102 8.99 -7.02 -30.63
N LEU A 103 7.93 -6.39 -30.11
CA LEU A 103 7.40 -6.75 -28.80
C LEU A 103 6.08 -7.46 -28.96
N ARG A 104 6.00 -8.70 -28.51
CA ARG A 104 4.78 -9.48 -28.63
C ARG A 104 4.06 -9.47 -27.29
N ILE A 105 2.84 -8.92 -27.28
CA ILE A 105 2.15 -8.58 -26.04
C ILE A 105 0.84 -9.31 -25.79
N GLY A 106 0.51 -9.45 -24.51
CA GLY A 106 -0.70 -10.12 -24.01
C GLY A 106 -0.88 -11.55 -24.49
N PRO A 107 -2.04 -12.12 -24.15
CA PRO A 107 -3.31 -11.47 -24.46
C PRO A 107 -3.99 -11.17 -23.09
N PHE A 108 -3.31 -11.50 -21.98
CA PHE A 108 -3.87 -11.26 -20.63
C PHE A 108 -3.35 -9.95 -20.04
N TYR A 109 -3.99 -9.46 -18.97
CA TYR A 109 -3.47 -8.32 -18.21
C TYR A 109 -2.37 -8.80 -17.25
N ILE A 110 -2.66 -9.88 -16.53
CA ILE A 110 -1.69 -10.46 -15.58
C ILE A 110 -1.69 -11.97 -15.72
N LEU A 111 -0.72 -12.65 -15.09
CA LEU A 111 -0.70 -14.12 -15.06
C LEU A 111 -1.17 -14.60 -13.69
N GLN A 112 -2.43 -15.03 -13.64
CA GLN A 112 -3.11 -15.29 -12.37
C GLN A 112 -2.78 -16.64 -11.77
N ASP A 113 -3.16 -16.82 -10.51
CA ASP A 113 -3.49 -18.16 -10.07
C ASP A 113 -4.94 -18.37 -10.45
N ASP A 114 -5.25 -19.47 -11.14
CA ASP A 114 -6.62 -19.74 -11.60
C ASP A 114 -7.59 -19.91 -10.43
N PHE A 115 -7.24 -20.82 -9.52
CA PHE A 115 -8.18 -21.31 -8.50
C PHE A 115 -8.47 -20.32 -7.38
N LEU A 116 -7.53 -19.40 -7.14
CA LEU A 116 -7.60 -18.46 -6.03
C LEU A 116 -8.10 -17.07 -6.42
N THR A 117 -8.39 -16.88 -7.70
CA THR A 117 -9.07 -15.67 -8.18
C THR A 117 -10.51 -16.07 -8.53
N SER A 118 -11.44 -15.13 -8.43
CA SER A 118 -12.85 -15.42 -8.68
C SER A 118 -13.10 -15.90 -10.12
N SER A 119 -14.20 -16.62 -10.32
CA SER A 119 -14.60 -17.01 -11.68
C SER A 119 -14.60 -15.79 -12.63
N GLU A 120 -15.25 -14.71 -12.20
CA GLU A 120 -15.31 -13.48 -13.00
C GLU A 120 -13.93 -12.85 -13.26
N SER A 121 -13.07 -12.89 -12.25
CA SER A 121 -11.72 -12.31 -12.34
C SER A 121 -10.92 -12.98 -13.45
N ASN A 122 -11.11 -14.29 -13.62
CA ASN A 122 -10.49 -15.04 -14.70
C ASN A 122 -10.91 -14.53 -16.08
N VAL A 123 -12.17 -14.07 -16.18
CA VAL A 123 -12.67 -13.38 -17.39
C VAL A 123 -12.20 -11.92 -17.47
N ARG A 124 -12.20 -11.19 -16.35
CA ARG A 124 -11.82 -9.77 -16.40
C ARG A 124 -10.35 -9.59 -16.80
N ASN A 125 -9.52 -10.57 -16.44
CA ASN A 125 -8.12 -10.60 -16.85
C ASN A 125 -8.05 -10.55 -18.39
N MET A 126 -8.92 -11.29 -19.05
CA MET A 126 -8.93 -11.36 -20.51
C MET A 126 -9.55 -10.11 -21.13
N LEU A 127 -10.56 -9.57 -20.47
CA LEU A 127 -11.24 -8.36 -20.93
C LEU A 127 -10.30 -7.15 -20.94
N ILE A 128 -9.61 -6.95 -19.82
CA ILE A 128 -8.63 -5.87 -19.69
C ILE A 128 -7.42 -6.10 -20.61
N GLY A 129 -6.95 -7.34 -20.68
CA GLY A 129 -5.85 -7.70 -21.59
C GLY A 129 -6.18 -7.41 -23.04
N LYS A 130 -7.38 -7.78 -23.45
CA LYS A 130 -7.87 -7.51 -24.80
C LYS A 130 -7.99 -6.01 -25.04
N GLU A 131 -8.51 -5.29 -24.06
CA GLU A 131 -8.63 -3.83 -24.15
C GLU A 131 -7.26 -3.17 -24.33
N ASP A 132 -6.27 -3.59 -23.53
CA ASP A 132 -4.89 -3.09 -23.67
C ASP A 132 -4.30 -3.43 -25.04
N CYS A 133 -4.49 -4.68 -25.48
CA CYS A 133 -4.02 -5.12 -26.80
C CYS A 133 -4.64 -4.31 -27.95
N ASP A 134 -5.94 -4.02 -27.85
CA ASP A 134 -6.64 -3.21 -28.86
C ASP A 134 -6.02 -1.82 -28.90
N ARG A 135 -5.78 -1.23 -27.72
CA ARG A 135 -5.17 0.10 -27.64
C ARG A 135 -3.77 0.15 -28.26
N TRP A 136 -2.96 -0.87 -28.01
CA TRP A 136 -1.60 -0.93 -28.54
C TRP A 136 -1.57 -1.37 -30.00
N GLY A 137 -2.58 -2.12 -30.42
CA GLY A 137 -2.72 -2.55 -31.82
C GLY A 137 -2.16 -3.92 -32.18
N ALA A 138 -1.92 -4.76 -31.18
CA ALA A 138 -1.41 -6.11 -31.40
C ALA A 138 -1.64 -7.00 -30.19
N SER A 139 -1.64 -8.31 -30.44
CA SER A 139 -1.84 -9.28 -29.38
C SER A 139 -1.03 -10.53 -29.73
N VAL A 140 -1.16 -11.57 -28.92
CA VAL A 140 -0.61 -12.88 -29.22
C VAL A 140 -1.77 -13.87 -29.04
N PRO A 141 -2.04 -14.71 -30.06
CA PRO A 141 -3.23 -15.60 -30.00
C PRO A 141 -2.99 -16.86 -29.16
N LEU A 142 -2.57 -16.68 -27.90
CA LEU A 142 -2.21 -17.81 -27.05
C LEU A 142 -2.53 -17.52 -25.59
N GLY A 143 -3.46 -18.29 -25.02
CA GLY A 143 -3.66 -18.26 -23.55
C GLY A 143 -2.37 -18.67 -22.88
N TYR A 144 -1.96 -17.92 -21.86
CA TYR A 144 -0.61 -18.08 -21.33
C TYR A 144 -0.64 -18.43 -19.84
N PHE A 145 -0.32 -19.68 -19.55
CA PHE A 145 -0.29 -20.20 -18.17
C PHE A 145 1.01 -20.95 -17.89
N PRO A 146 2.17 -20.30 -18.09
CA PRO A 146 3.45 -21.02 -18.05
C PRO A 146 3.77 -21.70 -16.71
N ASP A 147 3.37 -21.10 -15.61
CA ASP A 147 3.82 -21.51 -14.29
C ASP A 147 2.67 -21.79 -13.30
N THR A 148 1.43 -21.61 -13.76
CA THR A 148 0.24 -21.70 -12.90
C THR A 148 0.17 -22.98 -12.06
N PHE A 149 -0.12 -22.85 -10.77
CA PHE A 149 -0.09 -24.03 -9.88
C PHE A 149 -1.43 -24.76 -9.91
N GLY A 150 -1.66 -25.51 -10.99
CA GLY A 150 -2.97 -26.10 -11.24
C GLY A 150 -3.74 -25.28 -12.25
N ASN A 151 -4.26 -25.95 -13.28
CA ASN A 151 -5.03 -25.30 -14.33
C ASN A 151 -6.50 -25.68 -14.25
N MET A 152 -7.35 -24.66 -14.22
CA MET A 152 -8.79 -24.82 -14.09
C MET A 152 -9.37 -25.64 -15.23
N GLY A 153 -10.36 -26.47 -14.89
CA GLY A 153 -10.99 -27.38 -15.83
C GLY A 153 -11.69 -26.70 -16.98
N GLN A 154 -12.14 -25.46 -16.76
CA GLN A 154 -12.82 -24.70 -17.81
C GLN A 154 -11.90 -23.93 -18.75
N THR A 155 -10.58 -24.11 -18.64
CA THR A 155 -9.64 -23.40 -19.52
C THR A 155 -10.04 -23.47 -21.02
N PRO A 156 -10.45 -24.67 -21.52
CA PRO A 156 -10.81 -24.74 -22.93
C PRO A 156 -11.99 -23.85 -23.35
N GLN A 157 -13.09 -23.88 -22.60
CA GLN A 157 -14.23 -22.98 -22.84
C GLN A 157 -13.84 -21.50 -22.69
N LEU A 158 -13.12 -21.19 -21.63
CA LEU A 158 -12.68 -19.82 -21.34
C LEU A 158 -11.81 -19.27 -22.47
N MET A 159 -10.94 -20.10 -23.03
CA MET A 159 -10.12 -19.67 -24.16
C MET A 159 -10.97 -19.47 -25.42
N LEU A 160 -11.76 -20.49 -25.78
CA LEU A 160 -12.55 -20.41 -27.03
C LEU A 160 -13.51 -19.23 -27.07
N LYS A 161 -14.16 -18.97 -25.94
CA LYS A 161 -15.13 -17.88 -25.86
C LYS A 161 -14.47 -16.54 -25.52
N ALA A 162 -13.14 -16.53 -25.47
CA ALA A 162 -12.40 -15.27 -25.53
C ALA A 162 -11.57 -15.19 -26.81
N GLY A 163 -11.94 -16.00 -27.80
CA GLY A 163 -11.35 -15.96 -29.13
C GLY A 163 -9.95 -16.54 -29.21
N LEU A 164 -9.61 -17.43 -28.29
CA LEU A 164 -8.29 -18.09 -28.26
C LEU A 164 -8.46 -19.60 -28.45
N GLN A 165 -7.63 -20.21 -29.29
CA GLN A 165 -7.79 -21.64 -29.62
C GLN A 165 -6.65 -22.51 -29.10
N ALA A 166 -5.77 -21.90 -28.30
CA ALA A 166 -4.59 -22.57 -27.77
C ALA A 166 -4.22 -21.98 -26.42
N ALA A 167 -3.62 -22.79 -25.56
CA ALA A 167 -3.08 -22.32 -24.29
C ALA A 167 -1.75 -23.03 -24.01
N ALA A 168 -0.77 -22.29 -23.52
CA ALA A 168 0.49 -22.90 -23.10
C ALA A 168 0.58 -22.97 -21.58
N PHE A 169 1.07 -24.10 -21.09
CA PHE A 169 1.19 -24.33 -19.65
C PHE A 169 2.37 -25.25 -19.34
N GLY A 170 2.84 -25.18 -18.09
CA GLY A 170 4.06 -25.90 -17.70
C GLY A 170 3.90 -27.05 -16.71
N ARG A 171 2.80 -27.07 -15.95
CA ARG A 171 2.68 -28.03 -14.83
C ARG A 171 1.54 -29.03 -15.02
N GLY A 172 1.78 -30.28 -14.66
CA GLY A 172 0.69 -31.24 -14.45
C GLY A 172 0.47 -32.32 -15.49
N ILE A 173 1.21 -32.27 -16.59
CA ILE A 173 1.11 -33.32 -17.61
C ILE A 173 2.48 -33.95 -17.79
N ARG A 174 2.51 -35.28 -17.81
CA ARG A 174 3.76 -36.02 -18.04
C ARG A 174 3.80 -36.54 -19.47
N PRO A 175 4.68 -35.95 -20.30
CA PRO A 175 4.80 -36.43 -21.66
C PRO A 175 5.64 -37.70 -21.68
N THR A 176 5.22 -38.66 -22.49
CA THR A 176 5.96 -39.91 -22.65
C THR A 176 6.43 -39.87 -24.10
N GLY A 177 7.44 -40.63 -24.46
CA GLY A 177 7.92 -40.49 -25.84
C GLY A 177 6.99 -41.03 -26.93
N PHE A 178 7.53 -41.16 -28.13
CA PHE A 178 6.88 -41.89 -29.21
C PHE A 178 7.44 -43.30 -29.31
N ASN A 179 8.16 -43.71 -28.24
CA ASN A 179 8.82 -45.02 -28.17
C ASN A 179 8.15 -46.03 -27.25
N ASN A 180 7.31 -45.56 -26.35
CA ASN A 180 6.64 -46.47 -25.40
C ASN A 180 5.13 -46.52 -25.55
N GLN A 181 4.57 -47.71 -25.31
CA GLN A 181 3.12 -47.90 -25.25
C GLN A 181 2.53 -46.91 -24.23
N VAL A 182 1.52 -46.16 -24.66
CA VAL A 182 0.83 -45.24 -23.75
C VAL A 182 0.03 -46.06 -22.74
N ASP A 183 0.07 -45.64 -21.46
CA ASP A 183 -0.69 -46.30 -20.40
C ASP A 183 -2.05 -45.64 -20.28
N THR A 184 -3.10 -46.38 -20.63
CA THR A 184 -4.46 -45.85 -20.71
C THR A 184 -5.08 -45.47 -19.35
N SER A 185 -4.51 -45.98 -18.26
CA SER A 185 -4.94 -45.61 -16.92
C SER A 185 -4.38 -44.24 -16.44
N GLU A 186 -3.39 -43.72 -17.16
CA GLU A 186 -2.78 -42.45 -16.79
C GLU A 186 -3.51 -41.28 -17.44
N LYS A 187 -4.39 -40.65 -16.67
CA LYS A 187 -5.26 -39.59 -17.19
C LYS A 187 -4.48 -38.31 -17.50
N TYR A 188 -3.32 -38.16 -16.86
CA TYR A 188 -2.52 -36.92 -16.97
C TYR A 188 -1.14 -37.17 -17.57
N SER A 189 -1.03 -38.26 -18.32
CA SER A 189 0.08 -38.48 -19.21
C SER A 189 -0.32 -38.09 -20.64
N SER A 190 0.68 -37.69 -21.42
CA SER A 190 0.48 -37.35 -22.81
C SER A 190 1.58 -38.02 -23.61
N GLN A 191 1.31 -38.27 -24.89
CA GLN A 191 2.36 -38.76 -25.78
C GLN A 191 3.32 -37.60 -26.10
N PHE A 192 2.76 -36.47 -26.49
CA PHE A 192 3.56 -35.37 -26.99
C PHE A 192 3.44 -34.10 -26.16
N SER A 193 4.20 -33.07 -26.52
CA SER A 193 4.13 -31.76 -25.87
C SER A 193 2.96 -30.94 -26.43
N GLU A 194 2.23 -31.53 -27.37
CA GLU A 194 1.01 -30.93 -27.90
C GLU A 194 -0.16 -31.88 -27.62
N ILE A 195 -1.23 -31.34 -27.06
CA ILE A 195 -2.41 -32.14 -26.68
C ILE A 195 -3.71 -31.49 -27.12
N SER A 196 -4.77 -32.30 -27.15
CA SER A 196 -6.11 -31.79 -27.18
C SER A 196 -6.63 -31.70 -25.74
N TRP A 197 -6.91 -30.48 -25.29
CA TRP A 197 -7.39 -30.26 -23.94
C TRP A 197 -8.91 -30.05 -24.01
N GLN A 198 -9.68 -31.00 -23.46
CA GLN A 198 -11.13 -31.00 -23.53
C GLN A 198 -11.75 -30.65 -22.16
N GLY A 199 -12.64 -29.66 -22.15
CA GLY A 199 -13.29 -29.19 -20.93
C GLY A 199 -14.61 -29.88 -20.65
N PRO A 200 -15.22 -29.60 -19.48
CA PRO A 200 -16.47 -30.27 -19.07
C PRO A 200 -17.66 -29.96 -19.97
N ASP A 201 -17.57 -28.90 -20.76
CA ASP A 201 -18.63 -28.53 -21.69
C ASP A 201 -18.33 -29.08 -23.09
N ASN A 202 -17.23 -29.81 -23.20
CA ASN A 202 -16.78 -30.39 -24.46
C ASN A 202 -16.04 -29.46 -25.41
N SER A 203 -15.75 -28.26 -24.95
CA SER A 203 -14.82 -27.39 -25.66
C SER A 203 -13.44 -28.06 -25.71
N ARG A 204 -12.78 -27.98 -26.87
CA ARG A 204 -11.40 -28.46 -27.03
C ARG A 204 -10.52 -27.32 -27.53
N ILE A 205 -9.32 -27.24 -26.95
CA ILE A 205 -8.29 -26.34 -27.45
C ILE A 205 -6.98 -27.10 -27.64
N LEU A 206 -6.07 -26.50 -28.38
CA LEU A 206 -4.69 -26.99 -28.45
C LEU A 206 -4.02 -26.67 -27.11
N GLY A 207 -3.48 -27.71 -26.47
CA GLY A 207 -2.66 -27.52 -25.27
C GLY A 207 -1.19 -27.60 -25.64
N LEU A 208 -0.44 -26.55 -25.35
CA LEU A 208 0.99 -26.50 -25.59
C LEU A 208 1.74 -26.67 -24.27
N LEU A 209 2.34 -27.84 -24.08
CA LEU A 209 3.01 -28.15 -22.84
C LEU A 209 4.48 -27.76 -22.90
N PHE A 210 4.96 -27.01 -21.92
CA PHE A 210 6.40 -26.78 -21.78
C PHE A 210 7.03 -28.03 -21.17
N ALA A 211 7.15 -29.06 -22.00
CA ALA A 211 7.58 -30.38 -21.57
C ALA A 211 8.99 -30.37 -20.99
N ASN A 212 9.80 -29.42 -21.43
CA ASN A 212 11.15 -29.23 -20.93
C ASN A 212 11.29 -27.89 -20.19
N TRP A 213 10.15 -27.39 -19.70
CA TRP A 213 10.05 -26.11 -18.98
C TRP A 213 10.22 -24.91 -19.91
N TYR A 214 9.80 -23.73 -19.44
CA TYR A 214 9.89 -22.52 -20.26
C TYR A 214 11.32 -21.94 -20.26
N SER A 215 12.27 -22.71 -19.76
CA SER A 215 13.67 -22.30 -19.75
C SER A 215 14.56 -23.19 -20.62
N ASN A 216 13.98 -24.12 -21.38
CA ASN A 216 14.78 -25.07 -22.15
C ASN A 216 15.77 -24.42 -23.13
N GLY A 217 15.42 -23.25 -23.67
CA GLY A 217 16.33 -22.52 -24.57
C GLY A 217 17.06 -21.33 -23.94
N ASN A 218 17.14 -21.27 -22.62
CA ASN A 218 17.80 -20.16 -21.92
C ASN A 218 19.30 -20.10 -22.17
N GLU A 219 19.86 -18.88 -22.30
CA GLU A 219 21.31 -18.68 -22.40
C GLU A 219 22.00 -19.59 -23.42
N ILE A 220 21.61 -19.47 -24.68
CA ILE A 220 22.18 -20.28 -25.77
C ILE A 220 23.63 -19.86 -26.02
N PRO A 221 24.57 -20.83 -26.00
CA PRO A 221 25.97 -20.49 -26.19
C PRO A 221 26.26 -19.92 -27.58
N THR A 222 27.32 -19.11 -27.64
CA THR A 222 27.77 -18.46 -28.85
C THR A 222 29.18 -18.94 -29.24
N THR A 223 29.65 -20.01 -28.59
CA THR A 223 30.96 -20.60 -28.87
C THR A 223 30.76 -22.08 -29.18
N GLU A 224 31.46 -22.58 -30.19
CA GLU A 224 31.14 -23.87 -30.79
C GLU A 224 31.08 -25.05 -29.80
N ALA A 225 32.15 -25.24 -29.02
CA ALA A 225 32.23 -26.37 -28.08
C ALA A 225 31.02 -26.44 -27.14
N GLU A 226 30.72 -25.30 -26.52
CA GLU A 226 29.58 -25.18 -25.61
C GLU A 226 28.24 -25.29 -26.33
N ALA A 227 28.16 -24.75 -27.55
CA ALA A 227 26.92 -24.86 -28.34
C ALA A 227 26.61 -26.32 -28.70
N ARG A 228 27.66 -27.08 -29.02
CA ARG A 228 27.49 -28.51 -29.30
C ARG A 228 26.89 -29.26 -28.13
N LEU A 229 27.48 -29.11 -26.94
CA LEU A 229 26.96 -29.71 -25.72
C LEU A 229 25.51 -29.30 -25.45
N PHE A 230 25.23 -28.02 -25.62
CA PHE A 230 23.90 -27.46 -25.40
C PHE A 230 22.87 -28.07 -26.35
N TRP A 231 23.07 -27.90 -27.65
CA TRP A 231 22.10 -28.33 -28.65
C TRP A 231 21.96 -29.85 -28.75
N ASP A 232 23.04 -30.60 -28.52
CA ASP A 232 22.94 -32.06 -28.58
C ASP A 232 21.92 -32.50 -27.52
N LYS A 233 21.97 -31.87 -26.34
CA LYS A 233 21.01 -32.16 -25.28
C LYS A 233 19.63 -31.58 -25.61
N LYS A 234 19.58 -30.29 -25.93
CA LYS A 234 18.30 -29.59 -26.09
C LYS A 234 17.46 -30.09 -27.26
N LEU A 235 18.11 -30.39 -28.38
CA LEU A 235 17.38 -30.91 -29.54
C LEU A 235 16.75 -32.27 -29.21
N ALA A 236 17.56 -33.15 -28.60
CA ALA A 236 17.07 -34.47 -28.17
C ALA A 236 15.92 -34.31 -27.18
N ASP A 237 16.05 -33.37 -26.25
CA ASP A 237 15.01 -33.14 -25.25
C ASP A 237 13.69 -32.76 -25.92
N ALA A 238 13.76 -31.83 -26.87
CA ALA A 238 12.56 -31.32 -27.53
C ALA A 238 11.95 -32.36 -28.49
N GLU A 239 12.80 -33.03 -29.29
CA GLU A 239 12.36 -34.07 -30.21
C GLU A 239 11.68 -35.23 -29.51
N ARG A 240 12.11 -35.48 -28.26
CA ARG A 240 11.55 -36.52 -27.41
CA ARG A 240 11.54 -36.55 -27.46
C ARG A 240 10.02 -36.46 -27.39
N PHE A 241 9.48 -35.25 -27.29
CA PHE A 241 8.03 -35.08 -27.12
C PHE A 241 7.28 -34.34 -28.25
N ALA A 242 7.99 -33.82 -29.23
CA ALA A 242 7.34 -33.05 -30.30
C ALA A 242 6.52 -33.92 -31.24
N SER A 243 5.27 -33.54 -31.50
CA SER A 243 4.44 -34.30 -32.45
C SER A 243 4.70 -33.90 -33.90
N THR A 244 5.46 -32.83 -34.10
CA THR A 244 5.74 -32.32 -35.45
C THR A 244 7.22 -32.02 -35.59
N LYS A 245 7.64 -31.63 -36.80
CA LYS A 245 9.02 -31.18 -37.04
C LYS A 245 9.36 -29.85 -36.35
N HIS A 246 8.37 -29.21 -35.72
CA HIS A 246 8.57 -27.89 -35.12
C HIS A 246 8.94 -27.95 -33.64
N LEU A 247 10.19 -27.63 -33.34
CA LEU A 247 10.72 -27.70 -31.97
C LEU A 247 10.63 -26.34 -31.29
N LEU A 248 10.06 -26.32 -30.08
CA LEU A 248 9.91 -25.08 -29.31
C LEU A 248 11.04 -24.90 -28.30
N MET A 249 11.88 -23.89 -28.55
CA MET A 249 12.98 -23.57 -27.64
C MET A 249 12.71 -22.24 -26.94
N MET A 250 12.46 -22.31 -25.65
CA MET A 250 12.09 -21.11 -24.89
C MET A 250 13.35 -20.43 -24.35
N ASN A 251 13.71 -19.34 -25.01
CA ASN A 251 14.91 -18.55 -24.71
C ASN A 251 14.63 -17.50 -23.63
N GLY A 252 14.57 -17.97 -22.39
CA GLY A 252 14.25 -17.12 -21.24
C GLY A 252 14.11 -17.95 -19.98
N CYS A 253 13.78 -17.28 -18.88
CA CYS A 253 13.58 -17.90 -17.56
C CYS A 253 13.04 -16.82 -16.62
N ASP A 254 12.95 -17.14 -15.32
CA ASP A 254 12.41 -16.22 -14.30
C ASP A 254 13.26 -14.97 -14.25
N HIS A 255 12.64 -13.82 -14.48
CA HIS A 255 13.33 -12.52 -14.44
C HIS A 255 14.63 -12.53 -15.25
N GLN A 256 14.63 -13.29 -16.33
CA GLN A 256 15.80 -13.43 -17.18
C GLN A 256 16.01 -12.17 -18.02
N PRO A 257 17.24 -11.61 -17.99
CA PRO A 257 17.57 -10.52 -18.91
C PRO A 257 17.53 -11.01 -20.34
N VAL A 258 17.28 -10.10 -21.27
CA VAL A 258 17.29 -10.47 -22.68
C VAL A 258 18.68 -10.97 -23.08
N GLN A 259 18.73 -12.03 -23.86
CA GLN A 259 20.01 -12.50 -24.36
C GLN A 259 20.37 -11.65 -25.58
N LEU A 260 21.29 -10.72 -25.35
CA LEU A 260 21.63 -9.69 -26.35
C LEU A 260 22.30 -10.27 -27.59
N ASP A 261 22.97 -11.41 -27.41
CA ASP A 261 23.69 -12.07 -28.52
C ASP A 261 22.98 -13.32 -29.04
N VAL A 262 21.66 -13.37 -28.92
CA VAL A 262 20.91 -14.54 -29.39
C VAL A 262 21.03 -14.75 -30.90
N THR A 263 21.15 -13.65 -31.65
CA THR A 263 21.32 -13.72 -33.11
C THR A 263 22.58 -14.49 -33.49
N LYS A 264 23.70 -14.14 -32.85
CA LYS A 264 24.97 -14.87 -33.01
C LYS A 264 24.82 -16.36 -32.67
N ALA A 265 24.13 -16.64 -31.57
CA ALA A 265 23.87 -18.01 -31.13
C ALA A 265 23.06 -18.80 -32.16
N ILE A 266 22.00 -18.18 -32.70
CA ILE A 266 21.19 -18.82 -33.75
C ILE A 266 22.00 -19.03 -35.04
N ALA A 267 22.80 -18.06 -35.43
CA ALA A 267 23.69 -18.20 -36.61
C ALA A 267 24.65 -19.39 -36.46
N LEU A 268 25.26 -19.49 -35.29
CA LEU A 268 26.17 -20.60 -34.98
C LEU A 268 25.45 -21.94 -35.04
N ALA A 269 24.24 -21.99 -34.48
CA ALA A 269 23.46 -23.22 -34.45
C ALA A 269 23.16 -23.69 -35.87
N ASN A 270 22.75 -22.76 -36.74
CA ASN A 270 22.51 -23.06 -38.16
C ASN A 270 23.72 -23.63 -38.89
N GLN A 271 24.91 -23.12 -38.58
CA GLN A 271 26.17 -23.65 -39.12
C GLN A 271 26.46 -25.07 -38.65
N LEU A 272 26.27 -25.32 -37.36
CA LEU A 272 26.63 -26.59 -36.75
C LEU A 272 25.69 -27.75 -37.11
N TYR A 273 24.43 -27.42 -37.42
CA TYR A 273 23.41 -28.44 -37.67
C TYR A 273 22.68 -28.24 -39.00
N PRO A 274 23.23 -28.83 -40.09
CA PRO A 274 22.64 -28.71 -41.44
C PRO A 274 21.20 -29.24 -41.56
N ASP A 275 20.81 -30.20 -40.72
CA ASP A 275 19.48 -30.81 -40.80
C ASP A 275 18.41 -30.04 -40.00
N TYR A 276 18.80 -28.90 -39.41
CA TYR A 276 17.91 -28.13 -38.53
C TYR A 276 17.88 -26.68 -38.95
N GLU A 277 16.68 -26.16 -39.13
CA GLU A 277 16.50 -24.76 -39.46
C GLU A 277 16.19 -23.99 -38.16
N PHE A 278 17.19 -23.27 -37.64
CA PHE A 278 17.01 -22.46 -36.43
C PHE A 278 16.50 -21.08 -36.82
N VAL A 279 15.37 -20.68 -36.24
CA VAL A 279 14.78 -19.38 -36.53
C VAL A 279 14.38 -18.63 -35.27
N HIS A 280 14.69 -17.34 -35.22
CA HIS A 280 14.19 -16.50 -34.16
C HIS A 280 12.71 -16.23 -34.41
N SER A 281 11.88 -16.80 -33.56
CA SER A 281 10.46 -16.95 -33.87
C SER A 281 9.55 -16.28 -32.83
N CYS A 282 8.27 -16.60 -32.88
CA CYS A 282 7.28 -16.05 -31.97
C CYS A 282 6.13 -17.04 -31.93
N PHE A 283 5.29 -16.92 -30.91
CA PHE A 283 4.19 -17.88 -30.74
C PHE A 283 3.18 -17.89 -31.88
N GLU A 284 2.92 -16.72 -32.46
CA GLU A 284 1.94 -16.67 -33.54
C GLU A 284 2.41 -17.52 -34.71
N ASP A 285 3.70 -17.37 -35.05
CA ASP A 285 4.29 -18.12 -36.16
C ASP A 285 4.38 -19.62 -35.85
N TYR A 286 4.74 -19.93 -34.61
CA TYR A 286 4.83 -21.31 -34.13
C TYR A 286 3.48 -22.01 -34.28
N LEU A 287 2.41 -21.33 -33.87
CA LEU A 287 1.05 -21.87 -33.96
C LEU A 287 0.58 -22.04 -35.41
N ALA A 288 0.94 -21.10 -36.28
CA ALA A 288 0.66 -21.21 -37.72
C ALA A 288 1.30 -22.47 -38.32
N ASP A 289 2.57 -22.69 -37.99
CA ASP A 289 3.29 -23.89 -38.44
C ASP A 289 2.67 -25.18 -37.92
N LEU A 290 2.25 -25.16 -36.66
CA LEU A 290 1.55 -26.30 -36.05
C LEU A 290 0.22 -26.58 -36.75
N ALA A 291 -0.52 -25.52 -37.10
CA ALA A 291 -1.78 -25.69 -37.83
C ALA A 291 -1.57 -26.50 -39.11
N ASP A 292 -0.48 -26.24 -39.81
CA ASP A 292 -0.14 -26.98 -41.04
C ASP A 292 0.24 -28.45 -40.78
N ASP A 293 0.96 -28.70 -39.68
CA ASP A 293 1.64 -30.00 -39.50
C ASP A 293 1.18 -30.90 -38.35
N LEU A 294 0.34 -30.38 -37.45
CA LEU A 294 -0.17 -31.19 -36.33
C LEU A 294 -0.91 -32.43 -36.84
N PRO A 295 -0.74 -33.58 -36.17
CA PRO A 295 -1.56 -34.70 -36.59
C PRO A 295 -3.02 -34.46 -36.26
N GLU A 296 -3.93 -35.01 -37.07
CA GLU A 296 -5.38 -34.82 -36.92
C GLU A 296 -5.91 -35.17 -35.52
N ASN A 297 -5.30 -36.18 -34.90
CA ASN A 297 -5.69 -36.60 -33.56
C ASN A 297 -4.48 -36.61 -32.62
N LEU A 298 -4.65 -35.96 -31.46
CA LEU A 298 -3.64 -35.95 -30.37
C LEU A 298 -4.23 -36.56 -29.11
N SER A 299 -3.35 -36.96 -28.17
CA SER A 299 -3.80 -37.34 -26.82
C SER A 299 -4.78 -36.30 -26.27
N THR A 300 -5.88 -36.79 -25.70
CA THR A 300 -6.83 -35.92 -25.01
C THR A 300 -6.57 -35.89 -23.50
N VAL A 301 -6.58 -34.70 -22.93
CA VAL A 301 -6.64 -34.53 -21.48
C VAL A 301 -8.00 -33.89 -21.17
N GLN A 302 -8.73 -34.45 -20.21
CA GLN A 302 -10.06 -33.98 -19.88
C GLN A 302 -10.07 -33.26 -18.54
N GLY A 303 -10.58 -32.03 -18.53
CA GLY A 303 -10.81 -31.27 -17.30
C GLY A 303 -9.61 -30.62 -16.64
N GLU A 304 -9.68 -30.48 -15.32
CA GLU A 304 -8.66 -29.77 -14.57
C GLU A 304 -7.34 -30.54 -14.49
N ILE A 305 -6.25 -29.78 -14.47
CA ILE A 305 -4.90 -30.32 -14.42
C ILE A 305 -4.28 -29.80 -13.13
N THR A 306 -4.25 -30.65 -12.11
CA THR A 306 -3.88 -30.24 -10.77
C THR A 306 -2.76 -31.10 -10.17
N SER A 307 -2.01 -31.78 -11.05
CA SER A 307 -0.93 -32.69 -10.65
C SER A 307 -1.43 -33.91 -9.86
N GLN A 308 -2.61 -34.41 -10.24
CA GLN A 308 -3.21 -35.61 -9.62
C GLN A 308 -2.29 -36.84 -9.69
N GLU A 309 -1.54 -36.96 -10.77
CA GLU A 309 -0.70 -38.15 -10.96
C GLU A 309 0.77 -37.89 -10.69
N THR A 310 1.03 -37.31 -9.51
CA THR A 310 2.37 -37.05 -9.02
C THR A 310 2.43 -37.51 -7.58
N ASP A 311 3.58 -37.31 -6.93
CA ASP A 311 3.71 -37.68 -5.54
C ASP A 311 2.91 -36.78 -4.59
N GLY A 312 2.43 -35.66 -5.10
CA GLY A 312 1.53 -34.79 -4.35
C GLY A 312 2.23 -33.84 -3.41
N TRP A 313 3.57 -33.86 -3.45
CA TRP A 313 4.39 -33.06 -2.57
C TRP A 313 4.69 -31.67 -3.12
N TYR A 314 4.66 -31.53 -4.45
CA TYR A 314 5.06 -30.28 -5.12
C TYR A 314 3.99 -29.72 -6.05
N THR A 315 2.72 -29.95 -5.69
CA THR A 315 1.58 -29.37 -6.39
C THR A 315 1.44 -27.88 -6.03
N LEU A 316 1.98 -27.50 -4.87
CA LEU A 316 1.92 -26.13 -4.34
C LEU A 316 0.49 -25.71 -3.98
N ALA A 317 -0.36 -26.71 -3.74
CA ALA A 317 -1.77 -26.46 -3.45
C ALA A 317 -1.99 -25.74 -2.13
N ASN A 318 -1.06 -25.92 -1.18
CA ASN A 318 -1.15 -25.24 0.12
C ASN A 318 -0.97 -23.71 0.04
N THR A 319 -0.66 -23.18 -1.14
CA THR A 319 -0.79 -21.73 -1.36
C THR A 319 -2.23 -21.25 -1.06
N ALA A 320 -3.19 -22.15 -1.23
CA ALA A 320 -4.60 -21.84 -0.91
C ALA A 320 -4.80 -21.37 0.55
N SER A 321 -3.98 -21.88 1.48
CA SER A 321 -4.09 -21.48 2.89
C SER A 321 -2.93 -20.60 3.38
N ALA A 322 -2.01 -20.22 2.50
CA ALA A 322 -0.99 -19.25 2.88
C ALA A 322 -1.67 -17.89 3.05
N ARG A 323 -1.39 -17.22 4.17
CA ARG A 323 -1.93 -15.86 4.41
C ARG A 323 -3.41 -15.76 4.00
N ILE A 324 -4.24 -16.48 4.73
CA ILE A 324 -5.69 -16.54 4.44
C ILE A 324 -6.31 -15.13 4.46
N TYR A 325 -5.81 -14.24 5.31
CA TYR A 325 -6.27 -12.83 5.29
C TYR A 325 -6.28 -12.19 3.89
N LEU A 326 -5.29 -12.51 3.05
CA LEU A 326 -5.29 -12.06 1.63
C LEU A 326 -6.48 -12.59 0.83
N LYS A 327 -6.82 -13.86 1.04
CA LYS A 327 -7.91 -14.48 0.28
C LYS A 327 -9.25 -13.92 0.71
N GLN A 328 -9.39 -13.65 2.01
CA GLN A 328 -10.58 -13.02 2.56
C GLN A 328 -10.77 -11.60 1.99
N ALA A 329 -9.67 -10.83 1.97
CA ALA A 329 -9.70 -9.49 1.40
C ALA A 329 -10.09 -9.56 -0.07
N ASN A 330 -9.46 -10.50 -0.79
CA ASN A 330 -9.77 -10.70 -2.20
C ASN A 330 -11.24 -11.02 -2.45
N THR A 331 -11.78 -11.91 -1.62
CA THR A 331 -13.19 -12.28 -1.72
C THR A 331 -14.08 -11.07 -1.49
N ARG A 332 -13.73 -10.27 -0.48
CA ARG A 332 -14.51 -9.06 -0.17
C ARG A 332 -14.55 -8.09 -1.36
N VAL A 333 -13.40 -7.81 -1.96
CA VAL A 333 -13.36 -6.87 -3.08
C VAL A 333 -14.06 -7.46 -4.32
N SER A 334 -13.84 -8.76 -4.57
CA SER A 334 -14.46 -9.46 -5.71
C SER A 334 -15.98 -9.41 -5.63
N ARG A 335 -16.54 -9.71 -4.46
CA ARG A 335 -17.98 -9.63 -4.26
C ARG A 335 -18.47 -8.19 -4.40
N GLN A 336 -17.71 -7.23 -3.85
CA GLN A 336 -18.06 -5.82 -3.96
C GLN A 336 -18.21 -5.42 -5.42
N LEU A 337 -17.19 -5.70 -6.23
CA LEU A 337 -17.26 -5.30 -7.64
C LEU A 337 -18.28 -6.08 -8.46
N GLU A 338 -18.22 -7.41 -8.36
CA GLU A 338 -19.04 -8.27 -9.22
C GLU A 338 -20.52 -8.27 -8.86
N ASN A 339 -20.81 -8.32 -7.56
CA ASN A 339 -22.16 -8.62 -7.08
C ASN A 339 -22.87 -7.48 -6.35
N ILE A 340 -22.21 -6.34 -6.18
CA ILE A 340 -22.87 -5.17 -5.56
C ILE A 340 -22.78 -3.96 -6.47
N THR A 341 -21.56 -3.50 -6.70
CA THR A 341 -21.30 -2.32 -7.51
C THR A 341 -21.84 -2.44 -8.95
N GLU A 342 -21.40 -3.49 -9.64
CA GLU A 342 -21.80 -3.66 -11.03
C GLU A 342 -23.32 -3.82 -11.22
N PRO A 343 -23.97 -4.74 -10.47
CA PRO A 343 -25.42 -4.86 -10.61
C PRO A 343 -26.17 -3.54 -10.32
N LEU A 344 -25.80 -2.85 -9.24
CA LEU A 344 -26.45 -1.57 -8.92
C LEU A 344 -26.27 -0.52 -10.01
N ALA A 345 -25.03 -0.36 -10.48
CA ALA A 345 -24.74 0.62 -11.54
C ALA A 345 -25.44 0.24 -12.85
N ALA A 346 -25.49 -1.06 -13.15
CA ALA A 346 -26.19 -1.53 -14.34
C ALA A 346 -27.66 -1.13 -14.30
N MET A 347 -28.30 -1.28 -13.15
CA MET A 347 -29.70 -0.87 -13.01
C MET A 347 -29.85 0.65 -12.99
N ALA A 348 -28.92 1.33 -12.32
CA ALA A 348 -28.97 2.79 -12.17
C ALA A 348 -28.90 3.51 -13.51
N TYR A 349 -28.29 2.84 -14.49
CA TYR A 349 -28.16 3.39 -15.85
C TYR A 349 -29.54 3.70 -16.48
N GLU A 350 -30.56 2.93 -16.13
CA GLU A 350 -31.91 3.17 -16.64
C GLU A 350 -32.43 4.56 -16.26
N VAL A 351 -31.96 5.05 -15.12
CA VAL A 351 -32.32 6.35 -14.52
C VAL A 351 -31.39 7.48 -15.01
N THR A 352 -30.08 7.21 -15.03
CA THR A 352 -29.09 8.26 -15.23
C THR A 352 -28.55 8.35 -16.67
N SER A 353 -28.74 7.30 -17.46
CA SER A 353 -28.13 7.16 -18.79
C SER A 353 -26.60 7.22 -18.77
N THR A 354 -26.00 6.88 -17.63
CA THR A 354 -24.54 6.78 -17.52
C THR A 354 -24.12 5.68 -16.54
N TYR A 355 -22.91 5.16 -16.75
CA TYR A 355 -22.40 4.01 -16.01
C TYR A 355 -20.91 4.27 -15.83
N PRO A 356 -20.38 3.96 -14.64
CA PRO A 356 -19.01 4.38 -14.33
C PRO A 356 -17.92 3.47 -14.92
N HIS A 357 -17.88 3.37 -16.25
CA HIS A 357 -16.94 2.47 -16.94
C HIS A 357 -15.48 2.74 -16.55
N ASP A 358 -15.07 4.02 -16.56
CA ASP A 358 -13.66 4.38 -16.30
C ASP A 358 -13.30 4.05 -14.84
N GLN A 359 -14.17 4.42 -13.91
CA GLN A 359 -13.90 4.15 -12.49
C GLN A 359 -13.89 2.64 -12.20
N LEU A 360 -14.80 1.91 -12.84
CA LEU A 360 -14.80 0.45 -12.71
C LEU A 360 -13.53 -0.19 -13.28
N ARG A 361 -13.07 0.30 -14.42
CA ARG A 361 -11.83 -0.21 -15.00
C ARG A 361 -10.65 0.01 -14.03
N TYR A 362 -10.59 1.20 -13.46
CA TYR A 362 -9.55 1.54 -12.49
C TYR A 362 -9.58 0.60 -11.28
N ALA A 363 -10.79 0.36 -10.76
CA ALA A 363 -10.97 -0.54 -9.61
C ALA A 363 -10.52 -1.96 -9.94
N TRP A 364 -10.90 -2.42 -11.12
CA TRP A 364 -10.56 -3.78 -11.54
C TRP A 364 -9.06 -3.93 -11.78
N LYS A 365 -8.43 -2.96 -12.43
CA LYS A 365 -6.97 -3.00 -12.64
C LYS A 365 -6.21 -2.97 -11.32
N THR A 366 -6.68 -2.14 -10.39
CA THR A 366 -6.14 -2.13 -9.02
C THR A 366 -6.25 -3.49 -8.34
N LEU A 367 -7.44 -4.10 -8.38
CA LEU A 367 -7.63 -5.40 -7.75
C LEU A 367 -6.74 -6.47 -8.42
N MET A 368 -6.74 -6.48 -9.74
CA MET A 368 -6.00 -7.52 -10.47
C MET A 368 -4.47 -7.37 -10.37
N GLN A 369 -3.97 -6.23 -9.90
CA GLN A 369 -2.56 -6.12 -9.51
C GLN A 369 -2.22 -7.04 -8.33
N ASN A 370 -3.25 -7.50 -7.64
CA ASN A 370 -3.10 -8.51 -6.59
C ASN A 370 -3.32 -9.93 -7.09
N HIS A 371 -3.63 -10.08 -8.38
CA HIS A 371 -3.92 -11.40 -8.93
C HIS A 371 -2.78 -12.20 -9.60
N PRO A 372 -1.62 -11.57 -9.86
CA PRO A 372 -0.49 -12.41 -10.32
C PRO A 372 -0.26 -13.56 -9.32
N HIS A 373 0.03 -14.75 -9.83
CA HIS A 373 0.07 -15.96 -8.99
C HIS A 373 0.85 -15.82 -7.68
N ASP A 374 2.04 -15.22 -7.72
CA ASP A 374 2.86 -15.11 -6.51
C ASP A 374 2.26 -14.15 -5.50
N SER A 375 1.39 -13.25 -5.96
CA SER A 375 0.76 -12.26 -5.09
C SER A 375 -0.39 -12.93 -4.35
N ILE A 376 -1.42 -13.32 -5.09
CA ILE A 376 -2.62 -13.94 -4.49
C ILE A 376 -2.32 -15.28 -3.78
N CYS A 377 -1.31 -16.02 -4.26
CA CYS A 377 -0.92 -17.28 -3.62
C CYS A 377 -0.31 -17.13 -2.23
N GLY A 378 0.08 -15.90 -1.88
CA GLY A 378 0.68 -15.64 -0.56
C GLY A 378 2.07 -16.24 -0.43
N CYS A 379 2.74 -16.47 -1.56
CA CYS A 379 4.04 -17.12 -1.59
C CYS A 379 5.17 -16.15 -1.98
N SER A 380 5.05 -14.90 -1.53
CA SER A 380 6.12 -13.90 -1.67
C SER A 380 6.66 -13.45 -0.29
N VAL A 381 7.50 -12.41 -0.27
CA VAL A 381 8.06 -11.91 0.98
C VAL A 381 7.10 -10.94 1.67
N ASP A 382 7.41 -10.57 2.92
CA ASP A 382 6.47 -9.78 3.76
C ASP A 382 6.07 -8.45 3.11
N SER A 383 7.04 -7.74 2.52
CA SER A 383 6.77 -6.43 1.92
C SER A 383 5.71 -6.49 0.83
N VAL A 384 5.74 -7.57 0.04
CA VAL A 384 4.84 -7.77 -1.08
C VAL A 384 3.40 -7.86 -0.57
N HIS A 385 3.20 -8.66 0.47
CA HIS A 385 1.86 -8.88 0.95
C HIS A 385 1.26 -7.69 1.72
N ARG A 386 2.11 -6.89 2.37
CA ARG A 386 1.71 -5.59 2.93
C ARG A 386 1.23 -4.65 1.81
N GLU A 387 1.97 -4.60 0.71
CA GLU A 387 1.58 -3.75 -0.42
C GLU A 387 0.22 -4.18 -0.98
N MET A 388 0.02 -5.49 -1.07
CA MET A 388 -1.24 -6.07 -1.57
C MET A 388 -2.45 -5.63 -0.75
N MET A 389 -2.30 -5.59 0.57
CA MET A 389 -3.40 -5.16 1.41
C MET A 389 -3.86 -3.74 1.09
N THR A 390 -2.91 -2.86 0.79
CA THR A 390 -3.20 -1.49 0.37
C THR A 390 -4.00 -1.44 -0.94
N ARG A 391 -3.56 -2.23 -1.93
CA ARG A 391 -4.29 -2.38 -3.20
C ARG A 391 -5.72 -2.89 -3.01
N PHE A 392 -5.90 -3.90 -2.15
CA PHE A 392 -7.27 -4.38 -1.84
C PHE A 392 -8.11 -3.25 -1.27
N GLU A 393 -7.55 -2.51 -0.31
CA GLU A 393 -8.30 -1.37 0.28
C GLU A 393 -8.70 -0.35 -0.79
N LYS A 394 -7.77 -0.03 -1.68
CA LYS A 394 -8.01 0.97 -2.73
C LYS A 394 -9.13 0.54 -3.67
N ALA A 395 -9.06 -0.70 -4.15
CA ALA A 395 -10.07 -1.25 -5.06
C ALA A 395 -11.44 -1.31 -4.39
N TYR A 396 -11.45 -1.75 -3.12
CA TYR A 396 -12.68 -1.80 -2.35
C TYR A 396 -13.32 -0.42 -2.21
N GLU A 397 -12.53 0.58 -1.82
CA GLU A 397 -13.02 1.95 -1.63
CA GLU A 397 -13.14 1.89 -1.60
C GLU A 397 -13.70 2.46 -2.91
N VAL A 398 -13.04 2.24 -4.04
CA VAL A 398 -13.62 2.67 -5.33
C VAL A 398 -14.96 1.96 -5.57
N GLY A 399 -14.98 0.62 -5.45
CA GLY A 399 -16.22 -0.16 -5.62
C GLY A 399 -17.31 0.28 -4.66
N HIS A 400 -16.93 0.48 -3.40
CA HIS A 400 -17.90 0.88 -2.37
C HIS A 400 -18.51 2.26 -2.63
N TYR A 401 -17.67 3.23 -3.01
CA TYR A 401 -18.17 4.54 -3.44
C TYR A 401 -19.20 4.43 -4.57
N LEU A 402 -18.87 3.66 -5.60
CA LEU A 402 -19.73 3.56 -6.80
C LEU A 402 -21.05 2.85 -6.50
N ALA A 403 -21.02 1.85 -5.61
CA ALA A 403 -22.23 1.10 -5.24
C ALA A 403 -23.18 1.99 -4.45
N LYS A 404 -22.62 2.76 -3.52
CA LYS A 404 -23.42 3.71 -2.72
C LYS A 404 -24.10 4.74 -3.61
N GLU A 405 -23.35 5.31 -4.56
CA GLU A 405 -23.88 6.24 -5.56
C GLU A 405 -24.98 5.61 -6.40
N ALA A 406 -24.76 4.40 -6.89
CA ALA A 406 -25.74 3.71 -7.73
C ALA A 406 -27.04 3.43 -6.98
N ALA A 407 -26.93 2.94 -5.75
CA ALA A 407 -28.12 2.68 -4.93
C ALA A 407 -28.92 3.96 -4.67
N LYS A 408 -28.22 5.07 -4.44
CA LYS A 408 -28.87 6.37 -4.22
C LYS A 408 -29.54 6.89 -5.49
N GLN A 409 -28.91 6.67 -6.63
CA GLN A 409 -29.49 7.08 -7.90
C GLN A 409 -30.80 6.34 -8.15
N ILE A 410 -30.81 5.05 -7.87
CA ILE A 410 -32.04 4.25 -8.00
C ILE A 410 -33.12 4.71 -7.00
N ALA A 411 -32.77 4.81 -5.73
CA ALA A 411 -33.71 5.21 -4.69
C ALA A 411 -34.30 6.59 -4.97
N ASP A 412 -33.46 7.51 -5.42
CA ASP A 412 -33.93 8.87 -5.65
C ASP A 412 -34.93 8.96 -6.80
N ALA A 413 -34.92 7.97 -7.70
CA ALA A 413 -35.83 7.89 -8.85
C ALA A 413 -37.10 7.08 -8.57
N ILE A 414 -37.18 6.47 -7.40
CA ILE A 414 -38.35 5.67 -7.01
C ILE A 414 -39.46 6.58 -6.53
N ASP A 415 -40.69 6.32 -6.96
CA ASP A 415 -41.87 7.03 -6.44
C ASP A 415 -42.16 6.55 -5.02
N THR A 416 -41.80 7.38 -4.05
CA THR A 416 -41.95 7.02 -2.63
C THR A 416 -43.12 7.75 -1.97
N ARG A 417 -44.07 8.23 -2.77
CA ARG A 417 -45.17 9.03 -2.23
C ARG A 417 -46.17 8.27 -1.35
N ASP A 418 -46.19 6.94 -1.46
CA ASP A 418 -47.09 6.10 -0.64
C ASP A 418 -46.75 6.14 0.84
N PHE A 419 -45.57 6.64 1.18
CA PHE A 419 -45.16 6.72 2.58
C PHE A 419 -45.52 8.08 3.18
N PRO A 420 -46.03 8.08 4.44
CA PRO A 420 -46.40 9.33 5.10
C PRO A 420 -45.19 10.21 5.42
N MET A 421 -45.42 11.51 5.52
CA MET A 421 -44.31 12.47 5.68
C MET A 421 -43.56 12.34 6.99
N ASP A 422 -44.18 11.70 7.99
CA ASP A 422 -43.55 11.43 9.28
C ASP A 422 -42.80 10.09 9.29
N SER A 423 -42.55 9.52 8.12
CA SER A 423 -41.79 8.28 8.02
C SER A 423 -40.50 8.47 7.21
N GLN A 424 -39.56 7.55 7.38
CA GLN A 424 -38.27 7.61 6.66
C GLN A 424 -38.14 6.43 5.71
N PRO A 425 -38.38 6.66 4.41
CA PRO A 425 -38.25 5.56 3.48
C PRO A 425 -36.83 5.02 3.36
N PHE A 426 -36.74 3.72 3.12
CA PHE A 426 -35.49 3.08 2.75
C PHE A 426 -35.76 1.96 1.76
N VAL A 427 -34.80 1.74 0.88
CA VAL A 427 -34.91 0.73 -0.17
C VAL A 427 -33.95 -0.40 0.13
N LEU A 428 -34.44 -1.63 -0.02
CA LEU A 428 -33.61 -2.82 0.15
C LEU A 428 -33.40 -3.49 -1.20
N PHE A 429 -32.15 -3.83 -1.49
CA PHE A 429 -31.77 -4.45 -2.78
C PHE A 429 -31.22 -5.86 -2.56
N ASN A 430 -31.70 -6.80 -3.36
CA ASN A 430 -31.00 -8.07 -3.55
C ASN A 430 -30.31 -8.04 -4.91
N THR A 431 -28.98 -7.96 -4.88
CA THR A 431 -28.18 -7.80 -6.10
C THR A 431 -27.64 -9.14 -6.61
N SER A 432 -28.18 -10.23 -6.06
CA SER A 432 -27.79 -11.60 -6.45
C SER A 432 -28.76 -12.24 -7.45
N GLY A 433 -28.36 -13.38 -8.01
CA GLY A 433 -29.11 -14.01 -9.10
C GLY A 433 -30.26 -14.95 -8.74
N HIS A 434 -30.43 -15.24 -7.44
CA HIS A 434 -31.57 -16.01 -6.96
C HIS A 434 -32.27 -15.26 -5.81
N SER A 435 -33.43 -15.75 -5.40
CA SER A 435 -34.14 -15.23 -4.24
C SER A 435 -33.23 -15.19 -3.01
N LYS A 436 -33.33 -14.12 -2.23
CA LYS A 436 -32.48 -13.96 -1.05
C LYS A 436 -33.37 -13.84 0.18
N THR A 437 -33.35 -14.88 1.02
CA THR A 437 -34.00 -14.85 2.31
C THR A 437 -32.95 -14.61 3.39
N SER A 438 -33.08 -13.52 4.12
CA SER A 438 -32.14 -13.24 5.21
C SER A 438 -32.75 -12.35 6.29
N VAL A 439 -32.07 -12.25 7.42
CA VAL A 439 -32.44 -11.31 8.46
C VAL A 439 -31.44 -10.18 8.36
N ALA A 440 -31.87 -9.10 7.68
CA ALA A 440 -31.02 -7.95 7.43
C ALA A 440 -30.71 -7.23 8.73
N GLU A 441 -29.44 -6.91 8.94
CA GLU A 441 -29.00 -6.20 10.12
C GLU A 441 -28.78 -4.73 9.75
N LEU A 442 -29.69 -3.87 10.20
CA LEU A 442 -29.76 -2.49 9.72
C LEU A 442 -29.44 -1.47 10.79
N SER A 443 -28.93 -0.33 10.36
CA SER A 443 -28.81 0.85 11.20
C SER A 443 -29.31 2.06 10.40
N LEU A 444 -30.51 2.52 10.72
CA LEU A 444 -31.17 3.57 9.94
C LEU A 444 -31.08 4.92 10.63
N THR A 445 -31.04 5.99 9.83
CA THR A 445 -31.08 7.35 10.38
C THR A 445 -32.51 7.85 10.43
N TRP A 446 -32.98 8.05 11.66
CA TRP A 446 -34.33 8.53 11.93
C TRP A 446 -34.46 10.04 11.75
N LYS A 447 -33.52 10.79 12.34
CA LYS A 447 -33.54 12.25 12.28
CA LYS A 447 -33.55 12.25 12.32
C LYS A 447 -32.11 12.79 12.31
N LYS A 448 -31.92 13.96 11.73
CA LYS A 448 -30.61 14.60 11.68
C LYS A 448 -30.66 15.95 12.37
N TYR A 449 -29.71 16.20 13.27
CA TYR A 449 -29.56 17.50 13.92
C TYR A 449 -28.27 18.14 13.42
N HIS A 450 -28.42 19.04 12.45
CA HIS A 450 -27.26 19.68 11.83
C HIS A 450 -26.55 20.66 12.77
N PHE A 451 -25.23 20.72 12.64
CA PHE A 451 -24.38 21.62 13.45
C PHE A 451 -24.77 23.07 13.26
N GLY A 452 -24.88 23.51 12.00
CA GLY A 452 -25.15 24.91 11.69
C GLY A 452 -24.06 25.79 12.28
N GLN A 453 -24.46 26.83 12.99
CA GLN A 453 -23.51 27.76 13.60
C GLN A 453 -23.51 27.62 15.12
N ARG A 454 -24.07 26.52 15.62
CA ARG A 454 -24.11 26.24 17.06
C ARG A 454 -22.88 25.43 17.48
N PHE A 455 -22.61 25.39 18.78
CA PHE A 455 -21.60 24.48 19.32
C PHE A 455 -22.17 23.07 19.25
N PRO A 456 -21.41 22.12 18.68
CA PRO A 456 -21.88 20.74 18.57
C PRO A 456 -22.50 20.18 19.87
N LYS A 457 -21.87 20.48 21.00
CA LYS A 457 -22.35 20.09 22.34
C LYS A 457 -23.83 20.41 22.59
N GLU A 458 -24.25 21.60 22.16
CA GLU A 458 -25.63 22.04 22.28
C GLU A 458 -26.57 21.25 21.37
N VAL A 459 -26.10 20.96 20.16
CA VAL A 459 -26.83 20.15 19.19
C VAL A 459 -26.92 18.71 19.70
N TYR A 460 -25.82 18.22 20.28
CA TYR A 460 -25.81 16.89 20.90
C TYR A 460 -26.87 16.79 22.00
N GLN A 461 -26.94 17.80 22.87
CA GLN A 461 -27.93 17.83 23.95
C GLN A 461 -29.36 17.79 23.45
N GLU A 462 -29.64 18.52 22.37
CA GLU A 462 -30.96 18.53 21.77
C GLU A 462 -31.37 17.12 21.31
N ALA A 463 -30.45 16.40 20.69
CA ALA A 463 -30.73 15.03 20.24
C ALA A 463 -30.98 14.10 21.42
N GLN A 464 -30.17 14.24 22.47
CA GLN A 464 -30.35 13.46 23.70
C GLN A 464 -31.74 13.67 24.29
N GLU A 465 -32.14 14.93 24.39
CA GLU A 465 -33.45 15.27 24.97
C GLU A 465 -34.58 14.70 24.13
N TYR A 466 -34.39 14.67 22.81
CA TYR A 466 -35.36 14.04 21.93
C TYR A 466 -35.55 12.56 22.25
N LEU A 467 -34.45 11.82 22.36
CA LEU A 467 -34.49 10.40 22.70
C LEU A 467 -35.05 10.15 24.09
N ALA A 468 -34.70 11.03 25.03
CA ALA A 468 -35.19 10.94 26.41
C ALA A 468 -36.71 11.08 26.48
N ARG A 469 -37.27 11.94 25.64
CA ARG A 469 -38.71 12.25 25.66
C ARG A 469 -39.53 11.30 24.78
N LEU A 470 -38.86 10.36 24.12
CA LEU A 470 -39.52 9.46 23.17
C LEU A 470 -40.40 8.48 23.92
N SER A 471 -41.68 8.42 23.56
CA SER A 471 -42.60 7.47 24.19
C SER A 471 -43.09 6.38 23.23
N GLN A 472 -43.10 6.67 21.94
CA GLN A 472 -43.53 5.69 20.92
C GLN A 472 -42.42 4.72 20.51
N SER A 473 -42.80 3.64 19.83
CA SER A 473 -41.86 2.61 19.39
C SER A 473 -41.65 2.71 17.89
N PHE A 474 -40.46 2.34 17.44
CA PHE A 474 -40.17 2.31 16.01
C PHE A 474 -40.78 1.07 15.35
N GLN A 475 -41.30 1.27 14.14
CA GLN A 475 -41.92 0.21 13.35
C GLN A 475 -41.50 0.37 11.89
N ILE A 476 -41.56 -0.73 11.15
CA ILE A 476 -41.26 -0.76 9.73
C ILE A 476 -42.57 -1.01 8.98
N ILE A 477 -42.85 -0.17 7.98
CA ILE A 477 -44.07 -0.30 7.18
C ILE A 477 -43.78 -0.42 5.69
N ASP A 478 -44.75 -0.96 4.95
CA ASP A 478 -44.67 -0.99 3.49
C ASP A 478 -45.52 0.11 2.87
N THR A 479 -45.71 0.02 1.55
CA THR A 479 -46.41 1.06 0.82
C THR A 479 -47.89 1.14 1.18
N SER A 480 -48.45 0.04 1.67
CA SER A 480 -49.86 0.03 2.08
C SER A 480 -50.02 0.45 3.54
N GLY A 481 -48.91 0.80 4.19
CA GLY A 481 -48.94 1.22 5.58
C GLY A 481 -48.93 0.08 6.58
N GLN A 482 -48.90 -1.15 6.08
CA GLN A 482 -48.86 -2.32 6.96
C GLN A 482 -47.51 -2.45 7.68
N VAL A 483 -47.59 -2.59 9.00
CA VAL A 483 -46.45 -2.86 9.87
C VAL A 483 -45.94 -4.29 9.69
N ARG A 484 -44.61 -4.43 9.72
CA ARG A 484 -43.95 -5.71 9.67
C ARG A 484 -43.63 -6.16 11.09
N PRO A 485 -44.43 -7.09 11.65
CA PRO A 485 -44.27 -7.48 13.04
C PRO A 485 -42.98 -8.27 13.33
N GLU A 486 -42.42 -8.95 12.33
CA GLU A 486 -41.15 -9.71 12.50
C GLU A 486 -39.93 -8.81 12.79
N ALA A 487 -40.01 -7.54 12.43
CA ALA A 487 -38.89 -6.61 12.64
C ALA A 487 -38.58 -6.48 14.13
N GLU A 488 -37.31 -6.39 14.48
CA GLU A 488 -36.89 -6.27 15.88
C GLU A 488 -36.01 -5.03 16.10
N ILE A 489 -36.53 -4.04 16.82
CA ILE A 489 -35.75 -2.86 17.19
C ILE A 489 -34.75 -3.25 18.28
N LEU A 490 -33.47 -3.18 17.96
CA LEU A 490 -32.41 -3.55 18.91
C LEU A 490 -31.97 -2.41 19.81
N GLY A 491 -32.02 -1.18 19.28
CA GLY A 491 -31.68 -0.01 20.08
C GLY A 491 -31.67 1.29 19.30
N THR A 492 -31.51 2.38 20.04
CA THR A 492 -31.40 3.71 19.46
C THR A 492 -30.11 4.31 19.99
N SER A 493 -29.53 5.24 19.23
CA SER A 493 -28.32 5.91 19.64
C SER A 493 -28.17 7.26 18.95
N ILE A 494 -27.19 8.03 19.39
CA ILE A 494 -26.82 9.27 18.72
C ILE A 494 -25.44 9.05 18.16
N ALA A 495 -25.25 9.35 16.88
CA ALA A 495 -23.95 9.22 16.25
C ALA A 495 -23.67 10.39 15.33
N PHE A 496 -22.47 10.96 15.43
CA PHE A 496 -21.98 11.91 14.44
C PHE A 496 -22.02 11.28 13.06
N ASP A 497 -22.44 12.05 12.07
CA ASP A 497 -22.42 11.60 10.69
C ASP A 497 -22.38 12.84 9.81
N TYR A 498 -22.27 12.65 8.51
CA TYR A 498 -22.15 13.76 7.59
C TYR A 498 -22.58 13.36 6.20
N ASP A 499 -23.06 14.33 5.45
CA ASP A 499 -23.42 14.15 4.06
C ASP A 499 -22.47 14.99 3.18
N LEU A 500 -22.21 14.47 1.98
CA LEU A 500 -21.35 15.16 1.02
C LEU A 500 -22.14 15.44 -0.26
N PRO A 501 -22.90 16.55 -0.28
CA PRO A 501 -23.71 16.89 -1.45
C PRO A 501 -22.89 17.06 -2.72
N LYS A 502 -23.53 16.84 -3.86
CA LYS A 502 -22.92 17.04 -5.18
C LYS A 502 -22.60 18.49 -5.49
N ARG A 503 -23.37 19.42 -4.95
CA ARG A 503 -23.30 20.81 -5.37
C ARG A 503 -23.06 21.81 -4.26
N SER A 504 -22.71 21.33 -3.08
CA SER A 504 -22.41 22.23 -1.96
C SER A 504 -21.50 21.57 -0.93
N PHE A 505 -21.24 22.30 0.16
CA PHE A 505 -20.25 21.94 1.17
C PHE A 505 -20.71 20.75 2.02
N ARG A 506 -19.76 20.05 2.63
CA ARG A 506 -20.07 18.96 3.59
C ARG A 506 -21.05 19.39 4.66
N GLU A 507 -21.89 18.45 5.11
CA GLU A 507 -22.96 18.74 6.07
C GLU A 507 -22.87 17.82 7.30
N PRO A 508 -22.25 18.31 8.37
CA PRO A 508 -22.10 17.53 9.59
C PRO A 508 -23.38 17.54 10.42
N TYR A 509 -23.66 16.43 11.11
CA TYR A 509 -24.83 16.35 11.99
C TYR A 509 -24.71 15.26 13.04
N PHE A 510 -25.56 15.35 14.07
CA PHE A 510 -25.79 14.22 14.95
C PHE A 510 -27.06 13.52 14.50
N ALA A 511 -26.94 12.24 14.20
CA ALA A 511 -28.06 11.44 13.73
C ALA A 511 -28.64 10.62 14.87
N ILE A 512 -29.97 10.57 14.95
CA ILE A 512 -30.67 9.56 15.75
C ILE A 512 -30.67 8.29 14.90
N LYS A 513 -29.99 7.27 15.39
CA LYS A 513 -29.84 6.02 14.64
C LYS A 513 -30.69 4.92 15.27
N VAL A 514 -31.40 4.18 14.42
CA VAL A 514 -32.21 3.06 14.88
C VAL A 514 -31.59 1.79 14.35
N ARG A 515 -31.18 0.94 15.28
CA ARG A 515 -30.56 -0.34 14.98
C ARG A 515 -31.64 -1.41 15.05
N LEU A 516 -31.74 -2.23 14.01
CA LEU A 516 -32.81 -3.23 13.95
C LEU A 516 -32.46 -4.40 13.03
N ARG A 517 -33.18 -5.50 13.22
CA ARG A 517 -33.12 -6.63 12.32
C ARG A 517 -34.43 -6.74 11.57
N LEU A 518 -34.33 -7.04 10.28
CA LEU A 518 -35.48 -7.14 9.42
C LEU A 518 -35.43 -8.43 8.62
N PRO A 519 -36.21 -9.44 9.04
CA PRO A 519 -36.36 -10.64 8.22
C PRO A 519 -37.02 -10.24 6.91
N ILE A 520 -36.47 -10.68 5.79
CA ILE A 520 -37.01 -10.30 4.48
C ILE A 520 -36.62 -11.31 3.40
N THR A 521 -37.54 -11.56 2.47
CA THR A 521 -37.25 -12.33 1.29
C THR A 521 -37.41 -11.44 0.06
N LEU A 522 -36.35 -11.36 -0.74
CA LEU A 522 -36.32 -10.52 -1.93
C LEU A 522 -36.05 -11.38 -3.16
N PRO A 523 -36.87 -11.22 -4.23
CA PRO A 523 -36.57 -11.97 -5.45
C PRO A 523 -35.21 -11.58 -6.05
N ALA A 524 -34.70 -12.41 -6.96
CA ALA A 524 -33.44 -12.13 -7.64
C ALA A 524 -33.42 -10.73 -8.23
N MET A 525 -32.29 -10.04 -8.10
CA MET A 525 -32.05 -8.73 -8.74
C MET A 525 -33.26 -7.80 -8.61
N SER A 526 -33.66 -7.54 -7.36
CA SER A 526 -34.89 -6.81 -7.07
C SER A 526 -34.68 -5.78 -5.99
N TRP A 527 -35.60 -4.83 -5.91
CA TRP A 527 -35.66 -3.95 -4.75
C TRP A 527 -37.07 -3.88 -4.18
N LYS A 528 -37.15 -3.47 -2.91
CA LYS A 528 -38.39 -3.21 -2.23
C LYS A 528 -38.21 -2.01 -1.31
N THR A 529 -39.16 -1.09 -1.33
CA THR A 529 -39.10 0.09 -0.48
C THR A 529 -40.00 -0.09 0.74
N LEU A 530 -39.44 0.21 1.90
CA LEU A 530 -40.16 0.21 3.17
C LEU A 530 -39.94 1.58 3.82
N ALA A 531 -40.47 1.79 5.02
CA ALA A 531 -40.14 3.00 5.77
C ALA A 531 -40.13 2.76 7.28
N LEU A 532 -39.28 3.52 7.96
CA LEU A 532 -39.23 3.55 9.42
C LEU A 532 -40.16 4.66 9.91
N LYS A 533 -40.97 4.36 10.92
CA LYS A 533 -41.81 5.37 11.55
C LYS A 533 -41.96 5.10 13.05
N LEU A 534 -42.65 6.01 13.74
CA LEU A 534 -43.03 5.78 15.14
C LEU A 534 -44.50 5.38 15.23
N GLY A 535 -44.81 4.49 16.16
CA GLY A 535 -46.15 3.97 16.33
C GLY A 535 -46.38 3.53 17.77
N ASN A 536 -47.58 3.03 18.05
CA ASN A 536 -47.91 2.62 19.42
C ASN A 536 -47.75 1.12 19.67
N THR A 543 -42.16 -15.73 19.35
CA THR A 543 -42.70 -16.14 20.66
C THR A 543 -41.85 -17.22 21.33
N VAL A 544 -41.83 -18.45 20.79
CA VAL A 544 -40.82 -19.44 21.21
C VAL A 544 -39.51 -19.09 20.50
N SER A 545 -38.46 -18.87 21.28
CA SER A 545 -37.14 -18.52 20.75
C SER A 545 -36.47 -19.71 20.10
N LEU A 546 -35.53 -19.44 19.18
CA LEU A 546 -34.85 -20.51 18.44
C LEU A 546 -33.91 -21.33 19.32
N TYR A 547 -33.41 -20.74 20.40
CA TYR A 547 -32.50 -21.47 21.31
C TYR A 547 -33.16 -21.83 22.63
N ASP A 548 -33.02 -23.10 23.00
CA ASP A 548 -33.53 -23.62 24.25
C ASP A 548 -32.32 -23.90 25.15
N ASP A 549 -32.17 -23.11 26.21
CA ASP A 549 -31.00 -23.22 27.09
C ASP A 549 -30.99 -24.47 27.98
N SER A 550 -32.16 -24.93 28.38
CA SER A 550 -32.30 -26.14 29.18
C SER A 550 -31.78 -27.37 28.44
N ASN A 551 -31.77 -27.26 27.11
CA ASN A 551 -31.57 -28.34 26.17
C ASN A 551 -30.27 -28.14 25.37
N GLN A 552 -29.72 -26.92 25.46
CA GLN A 552 -28.62 -26.44 24.62
C GLN A 552 -28.87 -26.76 23.15
N CYS A 553 -30.06 -26.39 22.68
CA CYS A 553 -30.51 -26.76 21.34
CA CYS A 553 -30.51 -26.75 21.36
C CYS A 553 -31.01 -25.56 20.55
N LEU A 554 -30.42 -25.35 19.37
CA LEU A 554 -30.91 -24.38 18.39
C LEU A 554 -31.82 -25.16 17.46
N GLU A 555 -33.05 -24.69 17.24
CA GLU A 555 -33.96 -25.43 16.37
C GLU A 555 -34.84 -24.53 15.53
N ASN A 556 -34.82 -24.74 14.22
CA ASN A 556 -35.80 -24.16 13.31
C ASN A 556 -36.51 -25.28 12.54
N GLY A 557 -37.16 -24.93 11.42
CA GLY A 557 -37.91 -25.92 10.64
C GLY A 557 -37.02 -26.90 9.89
N PHE A 558 -35.76 -26.52 9.72
CA PHE A 558 -34.83 -27.30 8.92
C PHE A 558 -33.93 -28.19 9.77
N LEU A 559 -33.41 -27.63 10.86
CA LEU A 559 -32.36 -28.29 11.63
C LEU A 559 -32.61 -28.26 13.14
N LYS A 560 -32.24 -29.35 13.80
CA LYS A 560 -32.09 -29.36 15.25
C LYS A 560 -30.59 -29.43 15.52
N VAL A 561 -30.07 -28.44 16.25
CA VAL A 561 -28.64 -28.32 16.49
C VAL A 561 -28.40 -28.38 18.01
N MET A 562 -27.94 -29.54 18.47
CA MET A 562 -27.55 -29.72 19.87
C MET A 562 -26.09 -29.39 20.05
N ILE A 563 -25.81 -28.44 20.94
CA ILE A 563 -24.43 -28.14 21.35
C ILE A 563 -24.05 -29.16 22.41
N GLN A 564 -23.11 -30.03 22.07
CA GLN A 564 -22.63 -31.08 22.96
C GLN A 564 -21.89 -30.49 24.15
N THR A 565 -21.70 -31.29 25.19
CA THR A 565 -20.97 -30.80 26.37
C THR A 565 -19.54 -30.36 25.98
N ASP A 566 -18.97 -30.97 24.94
CA ASP A 566 -17.59 -30.63 24.51
C ASP A 566 -17.54 -29.52 23.45
N GLY A 567 -18.70 -28.98 23.10
CA GLY A 567 -18.77 -27.84 22.18
C GLY A 567 -18.87 -28.19 20.72
N ARG A 568 -18.70 -29.47 20.37
CA ARG A 568 -19.00 -29.93 19.03
C ARG A 568 -20.52 -30.02 18.90
N LEU A 569 -21.01 -30.21 17.67
CA LEU A 569 -22.45 -30.15 17.39
C LEU A 569 -23.01 -31.49 16.89
N THR A 570 -24.22 -31.81 17.36
CA THR A 570 -25.01 -32.90 16.79
C THR A 570 -26.17 -32.23 16.03
N ILE A 571 -26.19 -32.42 14.72
CA ILE A 571 -27.21 -31.76 13.88
C ILE A 571 -28.14 -32.80 13.25
N THR A 572 -29.45 -32.59 13.47
CA THR A 572 -30.47 -33.45 12.89
C THR A 572 -31.19 -32.71 11.77
N ASP A 573 -31.15 -33.31 10.58
CA ASP A 573 -31.91 -32.81 9.45
C ASP A 573 -33.37 -33.22 9.68
N LYS A 574 -34.21 -32.23 9.94
CA LYS A 574 -35.61 -32.47 10.27
C LYS A 574 -36.48 -32.98 9.11
N GLN A 575 -36.04 -32.73 7.87
CA GLN A 575 -36.73 -33.26 6.70
C GLN A 575 -36.39 -34.74 6.44
N SER A 576 -35.11 -35.08 6.41
CA SER A 576 -34.64 -36.43 6.09
C SER A 576 -34.45 -37.35 7.29
N GLY A 577 -34.31 -36.78 8.49
CA GLY A 577 -34.08 -37.57 9.69
C GLY A 577 -32.63 -37.92 9.96
N LEU A 578 -31.72 -37.59 9.04
CA LEU A 578 -30.31 -37.94 9.19
C LEU A 578 -29.69 -37.18 10.35
N ILE A 579 -28.79 -37.84 11.08
CA ILE A 579 -28.14 -37.27 12.25
C ILE A 579 -26.62 -37.21 12.06
N TYR A 580 -26.04 -36.04 12.30
CA TYR A 580 -24.59 -35.86 12.26
C TYR A 580 -24.05 -35.46 13.63
N GLN A 581 -23.33 -36.38 14.28
CA GLN A 581 -22.71 -36.12 15.58
C GLN A 581 -21.30 -35.56 15.41
N ASP A 582 -20.79 -34.93 16.47
CA ASP A 582 -19.38 -34.49 16.54
C ASP A 582 -18.93 -33.57 15.38
N LEU A 583 -19.83 -32.71 14.91
CA LEU A 583 -19.48 -31.69 13.90
C LEU A 583 -18.81 -30.49 14.55
N LEU A 584 -18.06 -29.75 13.73
CA LEU A 584 -17.40 -28.51 14.13
C LEU A 584 -16.24 -28.75 15.12
N ARG A 585 -15.35 -29.69 14.78
CA ARG A 585 -14.17 -29.94 15.61
C ARG A 585 -13.02 -29.07 15.13
N PHE A 586 -12.37 -28.39 16.08
CA PHE A 586 -11.23 -27.54 15.77
C PHE A 586 -9.96 -28.29 16.09
N GLU A 587 -9.11 -28.36 15.08
CA GLU A 587 -7.93 -29.21 15.07
C GLU A 587 -6.71 -28.33 14.80
N ASP A 588 -5.76 -28.37 15.72
CA ASP A 588 -4.47 -27.68 15.55
C ASP A 588 -3.31 -28.67 15.37
N CYS A 589 -2.57 -28.50 14.28
CA CYS A 589 -1.44 -29.34 13.93
C CYS A 589 -0.21 -28.46 13.72
N GLY A 590 0.97 -29.08 13.75
CA GLY A 590 2.19 -28.34 13.43
C GLY A 590 2.32 -28.17 11.92
N ASP A 591 3.09 -27.17 11.52
CA ASP A 591 3.41 -26.98 10.11
C ASP A 591 4.85 -26.49 10.02
N ILE A 592 5.73 -27.31 9.47
CA ILE A 592 7.15 -26.97 9.37
C ILE A 592 7.53 -26.77 7.90
N GLY A 593 6.54 -26.34 7.12
CA GLY A 593 6.75 -26.10 5.70
C GLY A 593 6.94 -24.63 5.40
N ASN A 594 6.34 -24.20 4.30
CA ASN A 594 6.53 -22.86 3.78
C ASN A 594 5.23 -22.31 3.18
N GLU A 595 5.32 -21.22 2.42
CA GLU A 595 4.12 -20.58 1.87
C GLU A 595 3.47 -21.42 0.77
N TYR A 596 4.24 -22.32 0.16
CA TYR A 596 3.74 -23.19 -0.90
C TYR A 596 3.20 -24.52 -0.39
N ILE A 597 3.83 -25.07 0.65
CA ILE A 597 3.64 -26.48 1.02
C ILE A 597 3.49 -26.63 2.53
N SER A 598 2.43 -27.31 2.95
CA SER A 598 2.25 -27.62 4.36
C SER A 598 2.90 -28.96 4.68
N ARG A 599 3.63 -29.03 5.80
CA ARG A 599 4.21 -30.27 6.29
C ARG A 599 3.99 -30.40 7.81
N GLN A 600 3.23 -31.42 8.18
CA GLN A 600 3.09 -31.80 9.58
C GLN A 600 4.34 -32.59 9.98
N PRO A 601 4.94 -32.24 11.14
CA PRO A 601 6.16 -32.92 11.61
C PRO A 601 5.99 -34.44 11.78
N ASN A 602 7.10 -35.18 11.72
CA ASN A 602 7.10 -36.62 12.03
C ASN A 602 6.39 -36.86 13.37
N HIS A 603 5.40 -37.75 13.36
CA HIS A 603 4.68 -38.19 14.57
C HIS A 603 3.82 -37.10 15.24
N ASP A 604 3.48 -36.08 14.46
CA ASP A 604 2.62 -34.99 14.92
C ASP A 604 1.27 -35.53 15.38
N GLN A 605 0.84 -35.13 16.57
CA GLN A 605 -0.48 -35.48 17.06
C GLN A 605 -1.30 -34.21 17.18
N PRO A 606 -2.51 -34.19 16.61
CA PRO A 606 -3.33 -32.98 16.66
C PRO A 606 -3.79 -32.60 18.07
N PHE A 607 -3.99 -31.30 18.30
CA PHE A 607 -4.63 -30.80 19.51
C PHE A 607 -6.06 -30.41 19.14
N TYR A 608 -7.01 -30.84 19.96
CA TYR A 608 -8.42 -30.62 19.67
C TYR A 608 -9.01 -29.65 20.69
N ALA A 609 -9.70 -28.63 20.19
CA ALA A 609 -10.26 -27.57 21.06
C ALA A 609 -11.32 -28.12 22.03
N ASP A 610 -12.06 -29.13 21.58
CA ASP A 610 -13.10 -29.78 22.39
C ASP A 610 -12.56 -30.50 23.62
N GLN A 611 -11.24 -30.69 23.67
CA GLN A 611 -10.62 -31.32 24.84
C GLN A 611 -10.06 -30.30 25.83
N GLY A 612 -10.23 -29.01 25.49
CA GLY A 612 -9.86 -27.92 26.40
C GLY A 612 -11.00 -27.50 27.31
N THR A 613 -10.99 -26.22 27.69
CA THR A 613 -12.00 -25.63 28.56
C THR A 613 -13.11 -25.03 27.70
N ILE A 614 -14.33 -25.52 27.90
CA ILE A 614 -15.46 -25.17 27.04
C ILE A 614 -16.40 -24.23 27.77
N LYS A 615 -16.78 -23.13 27.13
CA LYS A 615 -17.88 -22.34 27.66
C LYS A 615 -18.86 -21.84 26.59
N LEU A 616 -20.09 -21.62 27.00
CA LEU A 616 -21.16 -21.28 26.08
C LEU A 616 -21.78 -19.97 26.47
N ASN A 617 -22.03 -19.11 25.48
CA ASN A 617 -22.58 -17.79 25.71
CA ASN A 617 -22.58 -17.79 25.71
C ASN A 617 -23.71 -17.49 24.73
N ILE A 618 -24.86 -17.08 25.26
CA ILE A 618 -25.99 -16.66 24.43
C ILE A 618 -25.81 -15.20 24.09
N ILE A 619 -25.68 -14.91 22.80
CA ILE A 619 -25.49 -13.54 22.33
C ILE A 619 -26.84 -12.90 22.06
N SER A 620 -27.71 -13.60 21.35
CA SER A 620 -29.08 -13.13 21.13
C SER A 620 -29.96 -14.37 20.92
N ASN A 621 -31.26 -14.22 21.17
CA ASN A 621 -32.17 -15.35 21.09
C ASN A 621 -33.60 -14.88 20.94
N THR A 622 -34.10 -14.90 19.72
CA THR A 622 -35.49 -14.58 19.45
C THR A 622 -36.08 -15.68 18.57
N ALA A 623 -37.33 -15.47 18.15
CA ALA A 623 -37.99 -16.38 17.22
C ALA A 623 -37.41 -16.27 15.83
N GLN A 624 -36.79 -15.14 15.51
CA GLN A 624 -36.25 -14.84 14.18
C GLN A 624 -34.77 -15.20 14.02
N VAL A 625 -33.99 -14.96 15.06
CA VAL A 625 -32.54 -15.22 15.05
C VAL A 625 -32.03 -15.63 16.43
N ALA A 626 -31.09 -16.58 16.42
CA ALA A 626 -30.35 -16.92 17.64
C ALA A 626 -28.87 -16.91 17.31
N GLU A 627 -28.08 -16.30 18.19
CA GLU A 627 -26.64 -16.27 18.08
C GLU A 627 -26.03 -16.84 19.35
N LEU A 628 -25.31 -17.96 19.18
CA LEU A 628 -24.61 -18.64 20.29
C LEU A 628 -23.11 -18.61 20.08
N GLU A 629 -22.37 -18.31 21.14
CA GLU A 629 -20.92 -18.42 21.08
C GLU A 629 -20.43 -19.67 21.82
N ILE A 630 -19.69 -20.51 21.11
CA ILE A 630 -18.98 -21.62 21.74
C ILE A 630 -17.53 -21.15 21.87
N GLN A 631 -17.03 -21.19 23.09
CA GLN A 631 -15.66 -20.75 23.35
C GLN A 631 -14.86 -21.92 23.92
N GLN A 632 -13.71 -22.21 23.30
CA GLN A 632 -12.78 -23.22 23.80
C GLN A 632 -11.40 -22.62 24.04
N THR A 633 -10.81 -22.98 25.18
CA THR A 633 -9.44 -22.63 25.48
C THR A 633 -8.63 -23.91 25.60
N PHE A 634 -7.60 -24.02 24.78
CA PHE A 634 -6.76 -25.21 24.77
C PHE A 634 -5.31 -24.82 24.55
N ALA A 635 -4.41 -25.58 25.19
CA ALA A 635 -2.98 -25.32 25.12
C ALA A 635 -2.36 -25.96 23.88
N ILE A 636 -1.69 -25.13 23.10
CA ILE A 636 -0.95 -25.63 21.93
C ILE A 636 0.51 -25.14 21.98
N PRO A 637 1.42 -25.88 21.32
CA PRO A 637 2.82 -25.43 21.23
C PRO A 637 2.90 -23.99 20.73
N ILE A 638 3.78 -23.18 21.35
CA ILE A 638 3.92 -21.77 20.97
C ILE A 638 4.60 -21.59 19.60
N SER A 639 5.38 -22.59 19.19
CA SER A 639 6.21 -22.49 18.01
C SER A 639 6.69 -23.88 17.59
N ALA A 640 7.52 -23.93 16.54
CA ALA A 640 8.24 -25.14 16.19
C ALA A 640 9.44 -25.20 17.11
N ASP A 641 10.11 -26.37 17.16
CA ASP A 641 11.31 -26.49 18.02
C ASP A 641 12.50 -25.75 17.41
N LYS A 642 13.65 -25.80 18.08
CA LYS A 642 14.80 -25.01 17.66
C LYS A 642 15.40 -25.51 16.34
N LEU A 643 15.18 -26.78 16.02
CA LEU A 643 15.74 -27.36 14.80
C LEU A 643 15.18 -26.74 13.51
N LEU A 644 13.94 -26.27 13.52
CA LEU A 644 13.35 -25.74 12.29
C LEU A 644 14.18 -24.60 11.68
N GLN A 645 14.63 -23.66 12.51
CA GLN A 645 15.45 -22.54 12.03
C GLN A 645 16.68 -23.00 11.23
N ALA A 646 17.43 -23.94 11.78
CA ALA A 646 18.62 -24.47 11.09
C ALA A 646 18.24 -25.13 9.76
N GLU A 647 17.10 -25.84 9.74
CA GLU A 647 16.65 -26.55 8.53
C GLU A 647 16.21 -25.56 7.45
N MET A 648 15.58 -24.46 7.86
CA MET A 648 15.22 -23.41 6.91
C MET A 648 16.48 -22.72 6.39
N GLU A 649 17.40 -22.37 7.28
CA GLU A 649 18.63 -21.69 6.91
C GLU A 649 19.51 -22.50 5.94
N ALA A 650 19.46 -23.83 6.04
CA ALA A 650 20.24 -24.69 5.16
C ALA A 650 19.46 -25.14 3.92
N VAL A 651 18.24 -24.63 3.76
CA VAL A 651 17.39 -24.92 2.60
C VAL A 651 17.21 -26.45 2.47
N ILE A 652 16.90 -27.09 3.60
CA ILE A 652 16.54 -28.52 3.62
C ILE A 652 15.12 -28.67 3.09
N ASP A 653 14.94 -29.58 2.14
CA ASP A 653 13.62 -29.82 1.56
C ASP A 653 12.61 -30.17 2.65
N ILE A 654 11.39 -29.68 2.49
CA ILE A 654 10.33 -29.83 3.49
C ILE A 654 10.06 -31.30 3.86
N THR A 655 10.22 -32.21 2.90
CA THR A 655 9.97 -33.65 3.13
C THR A 655 11.04 -34.31 3.99
N GLU A 656 12.19 -33.66 4.14
CA GLU A 656 13.33 -34.23 4.87
C GLU A 656 13.47 -33.64 6.27
N ARG A 657 12.62 -32.68 6.59
CA ARG A 657 12.72 -31.92 7.84
C ARG A 657 12.38 -32.74 9.09
N GLN A 658 13.21 -32.60 10.10
CA GLN A 658 13.08 -33.37 11.34
C GLN A 658 12.53 -32.54 12.49
N ALA A 659 12.35 -31.23 12.26
CA ALA A 659 11.78 -30.36 13.28
C ALA A 659 10.42 -30.86 13.75
N ARG A 660 10.18 -30.70 15.04
CA ARG A 660 8.88 -31.00 15.65
C ARG A 660 8.36 -29.73 16.32
N ARG A 661 7.21 -29.82 16.98
CA ARG A 661 6.63 -28.67 17.65
C ARG A 661 7.36 -28.41 18.96
N SER A 662 7.29 -27.19 19.48
CA SER A 662 7.96 -26.88 20.75
C SER A 662 7.30 -27.61 21.92
N GLN A 663 8.12 -27.87 22.93
CA GLN A 663 7.63 -28.39 24.21
C GLN A 663 6.73 -27.37 24.90
N GLU A 664 7.14 -26.10 24.87
CA GLU A 664 6.38 -25.04 25.53
C GLU A 664 5.06 -24.74 24.83
N LYS A 665 4.00 -24.60 25.63
CA LYS A 665 2.66 -24.37 25.13
C LYS A 665 2.09 -23.07 25.69
N ALA A 666 1.07 -22.55 25.02
CA ALA A 666 0.26 -21.45 25.53
C ALA A 666 -1.20 -21.70 25.19
N GLU A 667 -2.07 -21.05 25.96
CA GLU A 667 -3.52 -21.12 25.78
C GLU A 667 -3.99 -20.39 24.51
N LEU A 668 -4.68 -21.10 23.64
CA LEU A 668 -5.35 -20.47 22.51
C LEU A 668 -6.86 -20.49 22.75
N THR A 669 -7.49 -19.31 22.73
CA THR A 669 -8.94 -19.24 22.91
C THR A 669 -9.65 -19.00 21.58
N LEU A 670 -10.51 -19.93 21.20
CA LEU A 670 -11.34 -19.81 20.00
C LEU A 670 -12.77 -19.48 20.40
N THR A 671 -13.38 -18.51 19.73
CA THR A 671 -14.78 -18.19 19.94
C THR A 671 -15.49 -18.31 18.61
N THR A 672 -16.52 -19.15 18.58
CA THR A 672 -17.27 -19.36 17.37
C THR A 672 -18.71 -18.94 17.58
N LEU A 673 -19.13 -17.93 16.82
CA LEU A 673 -20.50 -17.48 16.85
C LEU A 673 -21.28 -18.28 15.82
N ILE A 674 -22.30 -19.01 16.31
CA ILE A 674 -23.23 -19.73 15.46
C ILE A 674 -24.50 -18.91 15.33
N ARG A 675 -24.87 -18.59 14.08
CA ARG A 675 -26.11 -17.86 13.81
C ARG A 675 -27.11 -18.73 13.05
N MET A 676 -28.24 -18.98 13.69
CA MET A 676 -29.36 -19.63 13.05
C MET A 676 -30.44 -18.60 12.79
N GLU A 677 -31.01 -18.64 11.59
CA GLU A 677 -32.14 -17.81 11.23
C GLU A 677 -33.40 -18.65 11.02
N LYS A 678 -34.55 -18.09 11.40
CA LYS A 678 -35.83 -18.81 11.33
C LYS A 678 -36.06 -19.56 10.01
N ASN A 679 -36.03 -18.87 8.88
CA ASN A 679 -36.37 -19.50 7.61
CA ASN A 679 -36.38 -19.53 7.62
C ASN A 679 -35.16 -19.75 6.72
N ASN A 680 -34.04 -20.11 7.36
CA ASN A 680 -32.76 -20.34 6.70
C ASN A 680 -32.22 -21.74 7.01
N PRO A 681 -32.02 -22.56 5.96
CA PRO A 681 -31.46 -23.91 6.15
C PRO A 681 -29.95 -23.90 6.39
N ARG A 682 -29.32 -22.75 6.18
CA ARG A 682 -27.88 -22.59 6.27
C ARG A 682 -27.50 -22.03 7.64
N LEU A 683 -26.69 -22.80 8.36
CA LEU A 683 -26.20 -22.41 9.69
C LEU A 683 -24.89 -21.64 9.49
N GLN A 684 -24.80 -20.42 10.03
CA GLN A 684 -23.63 -19.57 9.80
C GLN A 684 -22.67 -19.60 11.00
N PHE A 685 -21.37 -19.70 10.70
CA PHE A 685 -20.32 -19.78 11.70
C PHE A 685 -19.32 -18.66 11.48
N THR A 686 -18.86 -18.06 12.57
CA THR A 686 -17.72 -17.14 12.52
C THR A 686 -16.79 -17.46 13.68
N THR A 687 -15.59 -17.93 13.36
CA THR A 687 -14.61 -18.28 14.37
C THR A 687 -13.55 -17.19 14.48
N ARG A 688 -13.34 -16.72 15.71
CA ARG A 688 -12.36 -15.67 15.96
C ARG A 688 -11.38 -16.07 17.07
N PHE A 689 -10.18 -15.50 16.99
CA PHE A 689 -9.12 -15.79 17.93
C PHE A 689 -8.00 -14.81 17.64
N ASP A 690 -7.06 -14.76 18.56
CA ASP A 690 -5.87 -13.96 18.39
C ASP A 690 -4.72 -14.94 18.32
N ASN A 691 -4.20 -15.15 17.11
CA ASN A 691 -3.09 -16.06 16.92
C ASN A 691 -1.77 -15.50 17.42
N GLN A 692 -1.17 -16.18 18.40
CA GLN A 692 0.13 -15.77 18.93
C GLN A 692 1.09 -16.96 18.95
N MET A 693 0.91 -17.89 18.01
CA MET A 693 1.73 -19.08 17.92
C MET A 693 2.19 -19.25 16.51
N THR A 694 3.37 -19.84 16.32
CA THR A 694 3.97 -19.91 15.00
C THR A 694 4.05 -21.35 14.52
N ASN A 695 4.17 -21.52 13.19
CA ASN A 695 4.34 -22.85 12.59
C ASN A 695 3.29 -23.83 13.00
N HIS A 696 2.04 -23.47 12.72
CA HIS A 696 0.92 -24.34 12.98
C HIS A 696 -0.22 -24.14 11.98
N ARG A 697 -1.19 -25.04 12.03
CA ARG A 697 -2.34 -25.00 11.14
C ARG A 697 -3.60 -25.28 11.96
N LEU A 698 -4.60 -24.43 11.80
CA LEU A 698 -5.90 -24.64 12.43
C LEU A 698 -6.95 -24.97 11.39
N ARG A 699 -7.67 -26.08 11.62
CA ARG A 699 -8.76 -26.47 10.72
C ARG A 699 -10.06 -26.71 11.50
N VAL A 700 -11.18 -26.58 10.80
CA VAL A 700 -12.48 -27.01 11.34
C VAL A 700 -12.97 -28.21 10.54
N LEU A 701 -13.46 -29.22 11.25
CA LEU A 701 -13.77 -30.53 10.66
C LEU A 701 -15.26 -30.84 10.76
N PHE A 702 -15.80 -31.40 9.67
CA PHE A 702 -17.19 -31.83 9.58
C PHE A 702 -17.21 -33.30 9.13
N PRO A 703 -17.16 -34.24 10.08
CA PRO A 703 -17.27 -35.67 9.70
C PRO A 703 -18.69 -36.02 9.25
N THR A 704 -18.85 -36.51 8.02
CA THR A 704 -20.18 -36.81 7.51
C THR A 704 -20.56 -38.30 7.52
N HIS A 705 -19.55 -39.17 7.39
CA HIS A 705 -19.73 -40.63 7.18
C HIS A 705 -20.63 -40.95 6.00
N LEU A 706 -20.73 -40.03 5.04
CA LEU A 706 -21.56 -40.25 3.86
C LEU A 706 -20.91 -41.28 2.96
N LYS A 707 -21.73 -42.12 2.34
CA LYS A 707 -21.23 -43.20 1.49
C LYS A 707 -21.13 -42.73 0.04
N THR A 708 -19.96 -42.23 -0.31
CA THR A 708 -19.66 -41.75 -1.66
C THR A 708 -18.14 -41.67 -1.85
N ASP A 709 -17.67 -41.97 -3.06
CA ASP A 709 -16.25 -41.95 -3.36
C ASP A 709 -15.74 -40.64 -4.00
N HIS A 710 -16.66 -39.70 -4.22
CA HIS A 710 -16.31 -38.43 -4.84
CA HIS A 710 -16.36 -38.43 -4.86
C HIS A 710 -16.91 -37.28 -4.04
N HIS A 711 -16.48 -36.06 -4.36
CA HIS A 711 -17.02 -34.85 -3.76
C HIS A 711 -17.08 -33.79 -4.85
N LEU A 712 -17.75 -32.68 -4.55
CA LEU A 712 -17.94 -31.61 -5.52
C LEU A 712 -17.43 -30.31 -4.94
N ALA A 713 -16.58 -29.61 -5.69
CA ALA A 713 -16.02 -28.36 -5.21
C ALA A 713 -16.38 -27.22 -6.14
N ASP A 714 -16.61 -26.05 -5.54
CA ASP A 714 -16.84 -24.85 -6.33
C ASP A 714 -15.52 -24.43 -6.98
N SER A 715 -15.49 -24.50 -8.31
CA SER A 715 -14.31 -24.11 -9.07
C SER A 715 -14.68 -23.06 -10.13
N ILE A 716 -13.74 -22.75 -11.03
CA ILE A 716 -13.92 -21.65 -11.97
C ILE A 716 -15.00 -21.97 -12.99
N PHE A 717 -16.16 -21.33 -12.83
CA PHE A 717 -17.36 -21.63 -13.63
C PHE A 717 -17.69 -23.11 -13.72
N GLU A 718 -17.44 -23.88 -12.66
CA GLU A 718 -17.86 -25.28 -12.63
C GLU A 718 -17.88 -25.84 -11.21
N THR A 719 -18.85 -26.71 -10.97
CA THR A 719 -18.89 -27.55 -9.81
C THR A 719 -18.13 -28.83 -10.21
N VAL A 720 -16.84 -28.86 -9.89
CA VAL A 720 -15.99 -29.94 -10.37
C VAL A 720 -16.08 -31.18 -9.46
N LYS A 721 -16.11 -32.35 -10.08
CA LYS A 721 -16.15 -33.62 -9.37
C LYS A 721 -14.72 -34.10 -9.17
N ARG A 722 -14.39 -34.50 -7.94
CA ARG A 722 -13.06 -34.95 -7.60
C ARG A 722 -13.16 -36.23 -6.76
N PRO A 723 -12.15 -37.12 -6.84
CA PRO A 723 -12.13 -38.32 -6.00
C PRO A 723 -11.84 -37.96 -4.53
N ASN A 724 -12.34 -38.78 -3.60
CA ASN A 724 -12.10 -38.57 -2.17
C ASN A 724 -10.75 -39.11 -1.70
N HIS A 725 -10.17 -40.02 -2.49
CA HIS A 725 -8.82 -40.56 -2.28
C HIS A 725 -7.97 -40.01 -3.41
N PRO A 726 -6.72 -39.59 -3.12
CA PRO A 726 -5.80 -39.29 -4.22
C PRO A 726 -5.37 -40.59 -4.93
N ASP A 727 -4.58 -40.46 -5.99
CA ASP A 727 -4.21 -41.59 -6.82
C ASP A 727 -3.04 -42.36 -6.18
N ALA A 728 -3.34 -43.48 -5.53
CA ALA A 728 -2.36 -44.29 -4.79
C ALA A 728 -1.25 -44.91 -5.64
N THR A 729 -1.44 -44.95 -6.96
CA THR A 729 -0.36 -45.35 -7.87
C THR A 729 0.81 -44.38 -7.78
N PHE A 730 0.50 -43.09 -7.61
CA PHE A 730 1.50 -42.03 -7.63
C PHE A 730 1.70 -41.26 -6.31
N TRP A 731 0.62 -41.08 -5.56
CA TRP A 731 0.60 -40.10 -4.46
C TRP A 731 1.37 -40.59 -3.22
N LYS A 732 2.24 -39.72 -2.69
CA LYS A 732 3.00 -40.03 -1.47
C LYS A 732 2.67 -39.09 -0.31
N ASN A 733 2.34 -37.85 -0.61
CA ASN A 733 1.94 -36.88 0.42
C ASN A 733 0.80 -37.49 1.25
N PRO A 734 0.95 -37.55 2.59
CA PRO A 734 -0.18 -38.04 3.40
C PRO A 734 -1.44 -37.18 3.28
N SER A 735 -1.27 -35.92 2.88
CA SER A 735 -2.42 -35.02 2.74
C SER A 735 -2.79 -34.80 1.27
N ASN A 736 -4.04 -34.38 1.05
CA ASN A 736 -4.51 -34.03 -0.28
C ASN A 736 -5.30 -32.71 -0.28
N PRO A 737 -4.61 -31.58 0.01
CA PRO A 737 -5.31 -30.29 0.01
C PRO A 737 -5.84 -29.92 -1.37
N GLN A 738 -7.05 -29.38 -1.42
CA GLN A 738 -7.65 -28.98 -2.69
C GLN A 738 -8.15 -27.54 -2.62
N HIS A 739 -8.38 -26.93 -3.77
CA HIS A 739 -8.84 -25.55 -3.89
C HIS A 739 -10.35 -25.52 -4.01
N GLN A 740 -10.96 -24.47 -3.47
CA GLN A 740 -12.40 -24.21 -3.64
C GLN A 740 -12.64 -22.72 -3.70
N GLU A 741 -13.70 -22.34 -4.41
CA GLU A 741 -14.17 -20.96 -4.39
C GLU A 741 -15.11 -20.80 -3.19
N CYS A 742 -16.43 -20.90 -3.42
CA CYS A 742 -17.43 -20.61 -2.37
C CYS A 742 -17.89 -21.78 -1.49
N PHE A 743 -17.66 -23.01 -1.96
CA PHE A 743 -18.17 -24.19 -1.24
C PHE A 743 -17.53 -25.51 -1.66
N VAL A 744 -17.78 -26.53 -0.86
CA VAL A 744 -17.43 -27.91 -1.16
C VAL A 744 -18.57 -28.79 -0.65
N SER A 745 -18.80 -29.92 -1.27
CA SER A 745 -20.00 -30.68 -0.97
C SER A 745 -19.78 -32.17 -1.14
N LEU A 746 -20.39 -32.95 -0.26
CA LEU A 746 -20.48 -34.42 -0.39
C LEU A 746 -21.96 -34.75 -0.56
N PHE A 747 -22.24 -35.65 -1.48
CA PHE A 747 -23.62 -36.02 -1.78
C PHE A 747 -23.67 -37.47 -2.23
N ASP A 748 -24.50 -38.28 -1.57
CA ASP A 748 -24.54 -39.72 -1.84
C ASP A 748 -25.57 -40.15 -2.89
N GLY A 749 -26.27 -39.18 -3.47
CA GLY A 749 -27.33 -39.45 -4.45
C GLY A 749 -28.72 -39.12 -3.91
N GLU A 750 -28.87 -39.13 -2.59
CA GLU A 750 -30.12 -38.74 -1.93
C GLU A 750 -29.89 -37.65 -0.88
N ASN A 751 -28.81 -37.77 -0.11
CA ASN A 751 -28.52 -36.84 0.98
C ASN A 751 -27.06 -36.39 0.96
N GLY A 752 -26.81 -35.20 1.50
CA GLY A 752 -25.45 -34.70 1.56
C GLY A 752 -25.26 -33.50 2.48
N VAL A 753 -24.08 -32.90 2.39
CA VAL A 753 -23.69 -31.78 3.22
C VAL A 753 -22.99 -30.79 2.27
N THR A 754 -23.29 -29.51 2.45
CA THR A 754 -22.60 -28.44 1.73
C THR A 754 -21.98 -27.52 2.77
N ILE A 755 -20.67 -27.34 2.68
CA ILE A 755 -19.97 -26.38 3.52
C ILE A 755 -19.60 -25.18 2.66
N GLY A 756 -20.13 -24.02 3.03
CA GLY A 756 -19.76 -22.77 2.39
C GLY A 756 -18.60 -22.11 3.12
N ASN A 757 -17.95 -21.17 2.46
CA ASN A 757 -16.85 -20.43 3.07
C ASN A 757 -16.79 -19.01 2.55
N TYR A 758 -16.05 -18.16 3.26
CA TYR A 758 -15.76 -16.82 2.76
C TYR A 758 -14.25 -16.62 2.74
N GLY A 759 -13.66 -16.82 1.56
CA GLY A 759 -12.21 -16.69 1.39
C GLY A 759 -11.37 -17.75 2.10
N LEU A 760 -11.97 -18.91 2.38
CA LEU A 760 -11.25 -20.04 2.99
C LEU A 760 -11.13 -21.10 1.91
N ASN A 761 -10.07 -20.94 1.12
CA ASN A 761 -10.02 -21.56 -0.20
C ASN A 761 -9.39 -22.93 -0.22
N GLU A 762 -8.93 -23.41 0.93
CA GLU A 762 -8.35 -24.73 1.03
C GLU A 762 -9.22 -25.63 1.88
N TYR A 763 -9.53 -26.80 1.33
CA TYR A 763 -10.25 -27.84 2.06
C TYR A 763 -9.51 -29.16 1.84
N GLU A 764 -9.86 -30.16 2.63
CA GLU A 764 -9.42 -31.53 2.37
C GLU A 764 -10.57 -32.45 2.73
N ILE A 765 -10.73 -33.52 1.96
CA ILE A 765 -11.63 -34.61 2.35
C ILE A 765 -10.78 -35.70 3.00
N LEU A 766 -11.18 -36.11 4.21
CA LEU A 766 -10.56 -37.22 4.89
C LEU A 766 -11.43 -38.43 4.60
N PRO A 767 -11.01 -39.30 3.64
CA PRO A 767 -11.85 -40.33 3.02
C PRO A 767 -12.35 -41.45 3.91
N ASP A 768 -11.66 -41.74 5.01
CA ASP A 768 -12.07 -42.85 5.88
C ASP A 768 -13.39 -42.57 6.58
N THR A 769 -13.67 -41.30 6.85
CA THR A 769 -14.89 -40.87 7.51
C THR A 769 -15.68 -39.85 6.67
N ASN A 770 -15.19 -39.58 5.45
CA ASN A 770 -15.65 -38.45 4.63
C ASN A 770 -15.87 -37.18 5.44
N THR A 771 -14.79 -36.75 6.08
CA THR A 771 -14.75 -35.50 6.82
C THR A 771 -14.36 -34.38 5.87
N ILE A 772 -15.13 -33.31 5.89
CA ILE A 772 -14.76 -32.07 5.22
C ILE A 772 -13.97 -31.23 6.22
N ALA A 773 -12.71 -30.96 5.89
CA ALA A 773 -11.81 -30.17 6.71
C ALA A 773 -11.55 -28.82 6.03
N ILE A 774 -11.90 -27.72 6.70
CA ILE A 774 -11.66 -26.38 6.13
C ILE A 774 -10.48 -25.73 6.86
N THR A 775 -9.51 -25.19 6.13
CA THR A 775 -8.36 -24.56 6.77
C THR A 775 -8.69 -23.13 7.15
N LEU A 776 -8.57 -22.85 8.45
CA LEU A 776 -8.87 -21.53 9.02
C LEU A 776 -7.63 -20.66 9.18
N LEU A 777 -6.48 -21.31 9.31
CA LEU A 777 -5.23 -20.62 9.57
C LEU A 777 -4.08 -21.55 9.22
N ARG A 778 -3.10 -21.02 8.49
CA ARG A 778 -1.83 -21.72 8.32
C ARG A 778 -0.69 -20.72 8.53
N SER A 779 0.15 -21.03 9.53
CA SER A 779 1.22 -20.14 9.96
C SER A 779 2.57 -20.77 9.69
N VAL A 780 3.39 -20.12 8.83
CA VAL A 780 4.76 -20.56 8.52
C VAL A 780 5.70 -19.34 8.53
N GLY A 781 7.01 -19.59 8.49
CA GLY A 781 8.00 -18.52 8.65
C GLY A 781 8.95 -18.27 7.49
N GLU A 782 8.73 -18.90 6.35
CA GLU A 782 9.58 -18.64 5.17
C GLU A 782 8.77 -18.77 3.89
N MET A 783 9.27 -18.17 2.82
CA MET A 783 8.60 -18.23 1.52
C MET A 783 8.66 -19.65 0.94
N GLY A 784 9.87 -20.19 0.86
CA GLY A 784 10.11 -21.50 0.27
C GLY A 784 10.84 -21.41 -1.06
N ASP A 785 10.66 -22.44 -1.89
CA ASP A 785 11.18 -22.48 -3.26
C ASP A 785 12.72 -22.47 -3.27
N TRP A 786 13.32 -21.57 -4.05
CA TRP A 786 14.74 -21.69 -4.40
C TRP A 786 15.80 -21.24 -3.38
N GLY A 787 15.36 -20.65 -2.27
CA GLY A 787 16.28 -20.22 -1.23
C GLY A 787 15.62 -20.08 0.12
N TYR A 788 16.35 -19.50 1.07
CA TYR A 788 15.81 -19.14 2.36
C TYR A 788 15.40 -17.67 2.37
N PHE A 789 14.08 -17.45 2.41
CA PHE A 789 13.53 -16.10 2.44
C PHE A 789 12.60 -16.01 3.65
N PRO A 790 13.13 -15.54 4.79
CA PRO A 790 12.29 -15.51 5.99
C PRO A 790 11.10 -14.57 5.79
N THR A 791 9.94 -15.02 6.27
CA THR A 791 8.70 -14.27 6.14
C THR A 791 7.96 -14.35 7.48
N PRO A 792 8.39 -13.57 8.49
CA PRO A 792 7.72 -13.68 9.80
C PRO A 792 6.23 -13.32 9.76
N GLU A 793 5.84 -12.41 8.88
CA GLU A 793 4.43 -12.05 8.79
C GLU A 793 3.56 -13.14 8.17
N ALA A 794 4.18 -14.13 7.55
CA ALA A 794 3.43 -15.30 7.07
C ALA A 794 2.94 -16.16 8.24
N GLN A 795 3.38 -15.83 9.45
CA GLN A 795 2.89 -16.49 10.66
C GLN A 795 1.46 -16.04 10.99
N CYS A 796 1.01 -14.95 10.36
CA CYS A 796 -0.36 -14.47 10.52
C CYS A 796 -0.71 -14.27 12.00
N LEU A 797 0.17 -13.59 12.73
CA LEU A 797 -0.09 -13.27 14.13
C LEU A 797 -1.17 -12.21 14.23
N GLY A 798 -1.89 -12.19 15.34
CA GLY A 798 -2.92 -11.19 15.54
C GLY A 798 -4.32 -11.77 15.39
N LYS A 799 -5.32 -10.89 15.32
CA LYS A 799 -6.73 -11.31 15.36
C LYS A 799 -7.17 -11.83 14.01
N HIS A 800 -7.97 -12.90 14.03
CA HIS A 800 -8.57 -13.47 12.83
C HIS A 800 -10.06 -13.69 13.02
N SER A 801 -10.81 -13.60 11.93
CA SER A 801 -12.23 -13.88 11.97
C SER A 801 -12.60 -14.61 10.68
N LEU A 802 -12.95 -15.89 10.80
CA LEU A 802 -13.22 -16.73 9.64
C LEU A 802 -14.68 -17.13 9.58
N SER A 803 -15.28 -17.00 8.39
CA SER A 803 -16.70 -17.27 8.19
C SER A 803 -16.96 -18.42 7.22
N TYR A 804 -17.93 -19.26 7.57
CA TYR A 804 -18.22 -20.49 6.85
C TYR A 804 -19.61 -20.98 7.29
N SER A 805 -20.12 -22.01 6.62
CA SER A 805 -21.52 -22.40 6.86
C SER A 805 -21.73 -23.88 6.68
N PHE A 806 -22.82 -24.38 7.27
CA PHE A 806 -23.25 -25.77 7.12
C PHE A 806 -24.66 -25.78 6.57
N GLU A 807 -24.90 -26.64 5.59
CA GLU A 807 -26.27 -26.92 5.16
C GLU A 807 -26.41 -28.41 4.87
N SER A 808 -27.47 -29.02 5.37
CA SER A 808 -27.77 -30.43 5.10
C SER A 808 -28.70 -30.48 3.89
N ILE A 809 -28.32 -31.24 2.87
CA ILE A 809 -29.03 -31.20 1.59
C ILE A 809 -29.67 -32.53 1.21
N THR A 810 -30.70 -32.44 0.36
CA THR A 810 -31.29 -33.58 -0.31
C THR A 810 -31.13 -33.34 -1.82
N LYS A 811 -31.57 -34.31 -2.62
CA LYS A 811 -31.60 -34.17 -4.07
C LYS A 811 -32.32 -32.88 -4.50
N GLN A 812 -33.43 -32.57 -3.83
CA GLN A 812 -34.29 -31.41 -4.13
C GLN A 812 -33.67 -30.05 -3.78
N THR A 813 -32.68 -30.03 -2.88
CA THR A 813 -32.11 -28.76 -2.40
C THR A 813 -30.62 -28.62 -2.71
N GLN A 814 -30.03 -29.64 -3.32
CA GLN A 814 -28.59 -29.66 -3.61
C GLN A 814 -28.10 -28.38 -4.32
N PHE A 815 -28.73 -28.05 -5.45
CA PHE A 815 -28.25 -26.93 -6.24
C PHE A 815 -28.52 -25.60 -5.57
N ALA A 816 -29.65 -25.49 -4.87
CA ALA A 816 -29.94 -24.26 -4.13
C ALA A 816 -28.92 -24.06 -2.99
N SER A 817 -28.43 -25.16 -2.42
CA SER A 817 -27.37 -25.03 -1.40
C SER A 817 -26.10 -24.46 -2.00
N TYR A 818 -25.89 -24.68 -3.30
CA TYR A 818 -24.69 -24.16 -3.98
C TYR A 818 -24.80 -22.66 -4.25
N TRP A 819 -25.91 -22.21 -4.84
CA TRP A 819 -26.07 -20.77 -5.02
C TRP A 819 -26.24 -20.01 -3.69
N ARG A 820 -26.79 -20.67 -2.66
CA ARG A 820 -26.83 -20.04 -1.33
C ARG A 820 -25.42 -19.79 -0.78
N ALA A 821 -24.52 -20.75 -0.96
CA ALA A 821 -23.13 -20.56 -0.52
C ALA A 821 -22.44 -19.43 -1.28
N GLN A 822 -22.76 -19.29 -2.57
CA GLN A 822 -22.17 -18.23 -3.38
C GLN A 822 -22.80 -16.88 -3.02
N GLU A 823 -24.14 -16.81 -3.07
CA GLU A 823 -24.84 -15.52 -2.93
C GLU A 823 -24.93 -15.07 -1.48
N GLY A 824 -24.81 -16.04 -0.57
CA GLY A 824 -24.78 -15.76 0.87
C GLY A 824 -23.54 -14.99 1.32
N GLN A 825 -22.58 -14.83 0.41
CA GLN A 825 -21.43 -13.94 0.65
C GLN A 825 -21.78 -12.47 0.42
N VAL A 826 -22.98 -12.19 -0.06
CA VAL A 826 -23.35 -10.83 -0.46
C VAL A 826 -24.58 -10.39 0.36
N PRO A 827 -24.43 -9.35 1.20
CA PRO A 827 -25.57 -8.95 2.01
C PRO A 827 -26.65 -8.21 1.20
N VAL A 828 -27.87 -8.19 1.73
CA VAL A 828 -28.89 -7.23 1.28
C VAL A 828 -28.28 -5.82 1.38
N ILE A 829 -28.51 -4.99 0.35
CA ILE A 829 -28.01 -3.61 0.32
C ILE A 829 -29.14 -2.66 0.68
N THR A 830 -28.83 -1.61 1.45
CA THR A 830 -29.87 -0.62 1.76
C THR A 830 -29.40 0.81 1.53
N THR A 831 -30.37 1.67 1.25
CA THR A 831 -30.11 3.10 1.17
C THR A 831 -31.39 3.81 1.57
N GLN A 832 -31.26 5.03 2.08
CA GLN A 832 -32.40 5.83 2.47
C GLN A 832 -32.68 6.90 1.43
N THR A 833 -33.95 7.27 1.32
CA THR A 833 -34.36 8.36 0.45
C THR A 833 -35.61 9.00 1.05
N ASN A 834 -35.90 10.24 0.66
CA ASN A 834 -37.09 10.94 1.16
C ASN A 834 -38.34 10.66 0.31
N GLN A 835 -39.45 11.32 0.63
CA GLN A 835 -40.70 11.19 -0.14
C GLN A 835 -40.62 12.07 -1.37
N HIS A 836 -40.84 11.46 -2.53
CA HIS A 836 -40.78 12.17 -3.81
C HIS A 836 -41.47 11.37 -4.90
N GLU A 837 -41.92 12.09 -5.93
CA GLU A 837 -42.37 11.49 -7.19
C GLU A 837 -41.19 10.72 -7.77
N GLY A 838 -41.46 9.76 -8.66
CA GLY A 838 -40.39 9.04 -9.34
C GLY A 838 -40.87 8.26 -10.54
N THR A 839 -39.94 7.87 -11.39
CA THR A 839 -40.24 7.07 -12.58
C THR A 839 -40.14 5.57 -12.31
N LEU A 840 -39.54 5.19 -11.19
CA LEU A 840 -39.44 3.78 -10.82
C LEU A 840 -40.48 3.38 -9.77
N ALA A 841 -40.93 2.14 -9.85
CA ALA A 841 -41.85 1.54 -8.89
C ALA A 841 -41.12 1.27 -7.59
N ALA A 842 -41.84 1.27 -6.47
CA ALA A 842 -41.27 1.09 -5.14
C ALA A 842 -40.81 -0.36 -4.91
N GLU A 843 -41.33 -1.26 -5.73
CA GLU A 843 -40.96 -2.68 -5.68
C GLU A 843 -40.85 -3.15 -7.12
N TYR A 844 -39.73 -3.78 -7.46
CA TYR A 844 -39.46 -4.16 -8.84
C TYR A 844 -38.43 -5.28 -8.95
N SER A 845 -38.68 -6.22 -9.84
CA SER A 845 -37.72 -7.27 -10.15
C SER A 845 -37.15 -7.02 -11.54
N TYR A 846 -35.83 -6.90 -11.61
CA TYR A 846 -35.13 -6.55 -12.85
C TYR A 846 -34.93 -7.74 -13.79
N LEU A 847 -34.95 -8.95 -13.21
CA LEU A 847 -34.88 -10.17 -13.99
C LEU A 847 -35.89 -11.18 -13.44
N THR A 848 -36.31 -12.11 -14.30
CA THR A 848 -37.13 -13.25 -13.90
C THR A 848 -36.53 -14.49 -14.55
N GLY A 849 -37.16 -15.65 -14.33
CA GLY A 849 -36.73 -16.91 -14.94
C GLY A 849 -35.46 -17.50 -14.35
N THR A 850 -35.38 -17.47 -13.01
CA THR A 850 -34.27 -18.07 -12.29
C THR A 850 -34.39 -19.60 -12.29
N ASN A 851 -33.24 -20.29 -12.20
CA ASN A 851 -33.18 -21.75 -12.14
CA ASN A 851 -33.20 -21.75 -12.10
C ASN A 851 -32.18 -22.12 -11.04
N ASP A 852 -32.52 -23.07 -10.17
CA ASP A 852 -31.57 -23.49 -9.11
C ASP A 852 -30.24 -23.96 -9.69
N GLN A 853 -30.29 -24.56 -10.88
CA GLN A 853 -29.09 -25.13 -11.50
C GLN A 853 -28.26 -24.13 -12.30
N VAL A 854 -28.74 -22.89 -12.43
CA VAL A 854 -28.04 -21.88 -13.22
C VAL A 854 -27.53 -20.79 -12.28
N ALA A 855 -26.20 -20.62 -12.21
CA ALA A 855 -25.64 -19.54 -11.41
C ALA A 855 -25.53 -18.24 -12.22
N LEU A 856 -25.80 -17.10 -11.59
CA LEU A 856 -25.53 -15.81 -12.22
C LEU A 856 -24.23 -15.25 -11.67
N THR A 857 -23.29 -14.90 -12.54
CA THR A 857 -22.00 -14.39 -12.06
C THR A 857 -21.72 -12.94 -12.43
N ALA A 858 -22.33 -12.46 -13.52
CA ALA A 858 -22.15 -11.06 -13.95
C ALA A 858 -23.49 -10.40 -14.28
N PHE A 859 -23.59 -9.13 -13.89
CA PHE A 859 -24.73 -8.29 -14.22
C PHE A 859 -24.14 -6.88 -14.30
N LYS A 860 -23.77 -6.47 -15.51
CA LYS A 860 -22.96 -5.28 -15.70
C LYS A 860 -23.40 -4.57 -16.98
N ARG A 861 -22.63 -3.58 -17.41
CA ARG A 861 -22.86 -2.96 -18.73
C ARG A 861 -21.64 -3.06 -19.62
N ARG A 862 -21.86 -2.97 -20.93
CA ARG A 862 -20.83 -3.07 -21.95
C ARG A 862 -20.30 -1.69 -22.33
N LEU A 863 -18.98 -1.57 -22.45
CA LEU A 863 -18.34 -0.28 -22.73
C LEU A 863 -18.80 0.37 -24.05
N ALA A 864 -18.84 -0.39 -25.13
CA ALA A 864 -19.21 0.13 -26.46
C ALA A 864 -20.55 0.87 -26.53
N ASP A 865 -21.60 0.26 -25.97
CA ASP A 865 -22.95 0.73 -26.24
C ASP A 865 -23.86 0.71 -25.01
N ASN A 866 -23.29 0.43 -23.83
CA ASN A 866 -24.05 0.32 -22.59
C ASN A 866 -25.16 -0.73 -22.61
N ALA A 867 -25.01 -1.77 -23.43
CA ALA A 867 -25.92 -2.91 -23.33
C ALA A 867 -25.70 -3.53 -21.96
N LEU A 868 -26.76 -4.11 -21.40
CA LEU A 868 -26.61 -4.79 -20.13
C LEU A 868 -26.09 -6.22 -20.38
N ILE A 869 -24.94 -6.55 -19.79
CA ILE A 869 -24.32 -7.87 -19.98
C ILE A 869 -24.68 -8.77 -18.80
N THR A 870 -25.18 -9.97 -19.08
CA THR A 870 -25.33 -10.99 -18.04
C THR A 870 -24.41 -12.17 -18.33
N ARG A 871 -23.96 -12.84 -17.29
CA ARG A 871 -23.24 -14.12 -17.47
C ARG A 871 -23.78 -15.13 -16.46
N SER A 872 -24.12 -16.31 -16.99
CA SER A 872 -24.66 -17.40 -16.22
C SER A 872 -23.87 -18.65 -16.57
N TYR A 873 -23.84 -19.62 -15.66
CA TYR A 873 -23.27 -20.94 -15.99
C TYR A 873 -24.03 -22.07 -15.32
N ASN A 874 -23.90 -23.26 -15.90
CA ASN A 874 -24.55 -24.46 -15.42
C ASN A 874 -23.78 -24.99 -14.22
N LEU A 875 -24.46 -25.02 -13.06
CA LEU A 875 -23.86 -25.58 -11.84
C LEU A 875 -23.60 -27.10 -11.85
N SER A 876 -23.92 -27.75 -12.96
CA SER A 876 -23.63 -29.17 -13.12
C SER A 876 -22.74 -29.43 -14.32
N ASN A 877 -21.75 -30.30 -14.12
CA ASN A 877 -20.95 -30.86 -15.23
C ASN A 877 -21.59 -32.12 -15.84
N ASP A 878 -22.68 -32.58 -15.23
CA ASP A 878 -23.25 -33.90 -15.56
C ASP A 878 -24.56 -33.85 -16.32
N LYS A 879 -25.31 -32.76 -16.16
CA LYS A 879 -26.65 -32.65 -16.75
C LYS A 879 -26.93 -31.29 -17.35
N THR A 880 -27.67 -31.28 -18.45
CA THR A 880 -28.18 -30.04 -19.03
C THR A 880 -29.28 -29.52 -18.09
N CYS A 881 -29.78 -28.32 -18.38
CA CYS A 881 -30.93 -27.76 -17.64
C CYS A 881 -31.60 -26.69 -18.45
N ASP A 882 -32.83 -26.34 -18.09
CA ASP A 882 -33.54 -25.26 -18.73
C ASP A 882 -32.83 -23.92 -18.51
N PHE A 883 -32.86 -23.04 -19.52
CA PHE A 883 -32.38 -21.67 -19.34
C PHE A 883 -33.53 -20.71 -19.62
N SER A 884 -34.01 -20.09 -18.54
CA SER A 884 -35.22 -19.26 -18.55
C SER A 884 -34.95 -17.77 -18.38
N LEU A 885 -33.69 -17.39 -18.15
CA LEU A 885 -33.38 -16.00 -17.76
C LEU A 885 -34.06 -14.99 -18.69
N SER A 886 -34.79 -14.06 -18.08
CA SER A 886 -35.43 -12.98 -18.82
C SER A 886 -35.31 -11.65 -18.09
N LEU A 887 -35.00 -10.59 -18.84
CA LEU A 887 -35.03 -9.23 -18.30
C LEU A 887 -36.22 -8.49 -18.92
N PRO A 888 -37.23 -8.16 -18.11
CA PRO A 888 -38.41 -7.48 -18.66
C PRO A 888 -38.00 -6.17 -19.33
N ASN A 889 -38.61 -5.90 -20.48
CA ASN A 889 -38.34 -4.70 -21.28
C ASN A 889 -37.08 -4.78 -22.14
N TYR A 890 -36.40 -5.93 -22.11
CA TYR A 890 -35.15 -6.12 -22.86
C TYR A 890 -35.22 -7.34 -23.77
N ASN A 891 -34.40 -7.30 -24.82
CA ASN A 891 -34.16 -8.46 -25.68
C ASN A 891 -32.69 -8.82 -25.61
N ALA A 892 -32.39 -10.11 -25.73
CA ALA A 892 -31.01 -10.60 -25.59
C ALA A 892 -30.43 -11.09 -26.91
N LYS A 893 -29.13 -10.89 -27.05
CA LYS A 893 -28.35 -11.69 -27.98
C LYS A 893 -27.08 -12.23 -27.33
N VAL A 894 -26.60 -13.34 -27.89
CA VAL A 894 -25.45 -14.05 -27.35
C VAL A 894 -24.17 -13.28 -27.69
N THR A 895 -23.25 -13.19 -26.71
CA THR A 895 -21.95 -12.58 -26.95
C THR A 895 -20.88 -13.57 -26.50
N ASN A 896 -19.61 -13.32 -26.82
CA ASN A 896 -18.59 -14.15 -26.20
C ASN A 896 -18.24 -13.54 -24.83
N LEU A 897 -17.22 -14.08 -24.16
CA LEU A 897 -16.85 -13.61 -22.83
C LEU A 897 -16.36 -12.17 -22.86
N LEU A 898 -15.81 -11.79 -24.02
CA LEU A 898 -15.29 -10.44 -24.20
C LEU A 898 -16.37 -9.46 -24.63
N GLU A 899 -17.63 -9.90 -24.59
CA GLU A 899 -18.81 -9.06 -24.86
C GLU A 899 -18.97 -8.67 -26.33
N LYS A 900 -18.34 -9.43 -27.22
CA LYS A 900 -18.52 -9.23 -28.65
CA LYS A 900 -18.51 -9.24 -28.66
C LYS A 900 -19.71 -10.04 -29.14
N ASP A 901 -20.66 -9.36 -29.78
CA ASP A 901 -21.88 -10.00 -30.29
C ASP A 901 -21.51 -11.21 -31.15
N SER A 902 -22.21 -12.32 -30.94
CA SER A 902 -22.10 -13.44 -31.85
C SER A 902 -23.38 -13.53 -32.67
N LYS A 903 -23.42 -14.47 -33.60
CA LYS A 903 -24.60 -14.68 -34.43
C LYS A 903 -25.42 -15.87 -33.91
N GLN A 904 -24.96 -16.45 -32.80
CA GLN A 904 -25.61 -17.62 -32.20
C GLN A 904 -26.96 -17.20 -31.60
N SER A 905 -27.97 -18.06 -31.75
CA SER A 905 -29.27 -17.77 -31.15
C SER A 905 -29.26 -18.07 -29.64
N THR A 906 -30.11 -17.37 -28.90
CA THR A 906 -30.19 -17.54 -27.46
C THR A 906 -30.74 -18.94 -27.15
N PRO A 907 -29.99 -19.75 -26.38
CA PRO A 907 -30.48 -21.09 -26.08
C PRO A 907 -31.63 -21.08 -25.07
N SER A 908 -32.43 -22.14 -25.11
CA SER A 908 -33.50 -22.33 -24.14
C SER A 908 -33.05 -23.33 -23.08
N GLN A 909 -31.87 -23.93 -23.29
CA GLN A 909 -31.28 -24.87 -22.34
C GLN A 909 -29.80 -24.55 -22.21
N LEU A 910 -29.20 -24.91 -21.08
CA LEU A 910 -27.75 -24.86 -20.96
C LEU A 910 -27.16 -26.25 -21.11
N GLY A 911 -26.15 -26.39 -21.97
CA GLY A 911 -25.37 -27.61 -22.03
C GLY A 911 -24.63 -27.84 -20.70
N LYS A 912 -24.16 -29.06 -20.48
CA LYS A 912 -23.32 -29.40 -19.33
C LYS A 912 -22.19 -28.37 -19.22
N ALA A 913 -22.00 -27.81 -18.02
CA ALA A 913 -20.91 -26.84 -17.76
C ALA A 913 -20.86 -25.62 -18.71
N GLU A 914 -21.98 -25.29 -19.34
CA GLU A 914 -21.98 -24.17 -20.28
C GLU A 914 -21.92 -22.83 -19.57
N ILE A 915 -21.04 -21.93 -20.06
CA ILE A 915 -21.01 -20.53 -19.65
C ILE A 915 -21.67 -19.67 -20.73
N LEU A 916 -22.73 -18.94 -20.36
CA LEU A 916 -23.51 -18.19 -21.35
C LEU A 916 -23.52 -16.71 -21.02
N THR A 917 -22.99 -15.92 -21.96
CA THR A 917 -22.89 -14.47 -21.82
C THR A 917 -23.86 -13.84 -22.80
N LEU A 918 -24.69 -12.92 -22.30
CA LEU A 918 -25.72 -12.27 -23.11
C LEU A 918 -25.64 -10.75 -23.02
N ALA A 919 -25.94 -10.08 -24.14
CA ALA A 919 -26.14 -8.63 -24.13
C ALA A 919 -27.62 -8.34 -24.27
N TRP A 920 -28.13 -7.52 -23.35
CA TRP A 920 -29.54 -7.15 -23.33
C TRP A 920 -29.70 -5.68 -23.70
N LYS A 921 -30.65 -5.40 -24.60
CA LYS A 921 -30.96 -4.04 -25.04
C LYS A 921 -32.47 -3.81 -24.97
N LYS A 922 -32.87 -2.59 -24.60
CA LYS A 922 -34.30 -2.27 -24.41
C LYS A 922 -35.14 -2.53 -25.66
N GLN A 923 -36.38 -2.96 -25.43
CA GLN A 923 -37.28 -3.38 -26.52
C GLN A 923 -38.10 -2.21 -27.06
N THR B 25 -14.71 53.13 -5.89
CA THR B 25 -15.08 52.05 -6.87
C THR B 25 -14.12 50.85 -6.80
N LYS B 26 -14.60 49.77 -6.21
CA LYS B 26 -13.79 48.60 -5.95
C LYS B 26 -13.91 47.59 -7.09
N LYS B 27 -12.88 46.77 -7.25
CA LYS B 27 -12.93 45.65 -8.19
C LYS B 27 -12.93 44.37 -7.38
N VAL B 28 -14.01 43.60 -7.51
CA VAL B 28 -14.20 42.40 -6.73
C VAL B 28 -13.84 41.18 -7.58
N HIS B 29 -12.67 40.61 -7.29
CA HIS B 29 -12.18 39.46 -8.06
C HIS B 29 -12.71 38.18 -7.46
N ILE B 30 -13.52 37.46 -8.23
CA ILE B 30 -14.02 36.16 -7.79
C ILE B 30 -13.11 35.09 -8.39
N ILE B 31 -12.40 34.35 -7.53
CA ILE B 31 -11.58 33.23 -7.99
C ILE B 31 -12.24 31.91 -7.56
N SER B 32 -12.79 31.19 -8.53
CA SER B 32 -13.35 29.86 -8.27
C SER B 32 -12.22 28.84 -8.07
N HIS B 33 -12.39 27.99 -7.05
CA HIS B 33 -11.35 27.04 -6.65
C HIS B 33 -11.97 25.92 -5.82
N SER B 34 -11.18 24.86 -5.60
CA SER B 34 -11.51 23.86 -4.61
C SER B 34 -10.24 23.56 -3.84
N HIS B 35 -10.32 23.59 -2.52
CA HIS B 35 -9.18 23.21 -1.71
C HIS B 35 -9.26 21.70 -1.54
N TRP B 36 -8.43 20.98 -2.30
CA TRP B 36 -8.60 19.55 -2.43
C TRP B 36 -7.55 18.75 -1.68
N ASP B 37 -7.76 18.58 -0.37
CA ASP B 37 -6.91 17.71 0.44
C ASP B 37 -6.94 16.30 -0.16
N ARG B 38 -5.78 15.79 -0.55
CA ARG B 38 -5.75 14.58 -1.40
C ARG B 38 -6.39 13.38 -0.70
N GLU B 39 -6.19 13.31 0.62
CA GLU B 39 -6.71 12.24 1.45
C GLU B 39 -6.79 12.85 2.85
N TRP B 40 -7.85 12.54 3.59
CA TRP B 40 -8.03 13.20 4.89
C TRP B 40 -9.01 12.44 5.78
N TYR B 41 -10.27 12.86 5.81
CA TYR B 41 -11.23 12.18 6.71
C TYR B 41 -11.82 10.93 6.05
N MET B 42 -11.49 10.72 4.78
CA MET B 42 -11.78 9.48 4.07
C MET B 42 -10.49 9.02 3.41
N ALA B 43 -10.46 7.75 2.98
CA ALA B 43 -9.31 7.20 2.28
C ALA B 43 -9.14 7.95 0.98
N TYR B 44 -7.90 7.98 0.46
CA TYR B 44 -7.61 8.65 -0.81
C TYR B 44 -8.67 8.38 -1.87
N GLU B 45 -9.00 7.10 -2.08
CA GLU B 45 -9.88 6.73 -3.20
C GLU B 45 -11.28 7.33 -3.08
N GLN B 46 -11.78 7.51 -1.87
CA GLN B 46 -13.08 8.17 -1.67
C GLN B 46 -13.03 9.65 -2.09
N HIS B 47 -11.94 10.34 -1.75
CA HIS B 47 -11.73 11.72 -2.19
C HIS B 47 -11.48 11.72 -3.71
N HIS B 48 -10.68 10.77 -4.18
CA HIS B 48 -10.31 10.61 -5.60
C HIS B 48 -11.50 10.51 -6.52
N MET B 49 -12.51 9.73 -6.12
CA MET B 49 -13.68 9.55 -6.97
C MET B 49 -14.51 10.84 -7.07
N ARG B 50 -14.55 11.59 -5.97
CA ARG B 50 -15.21 12.90 -5.96
C ARG B 50 -14.42 13.95 -6.75
N LEU B 51 -13.09 13.79 -6.80
CA LEU B 51 -12.25 14.60 -7.67
C LEU B 51 -12.59 14.40 -9.14
N ILE B 52 -12.86 13.16 -9.55
CA ILE B 52 -13.31 12.89 -10.91
C ILE B 52 -14.60 13.67 -11.22
N ASN B 53 -15.53 13.67 -10.27
CA ASN B 53 -16.75 14.47 -10.39
C ASN B 53 -16.45 15.95 -10.59
N LEU B 54 -15.54 16.50 -9.79
CA LEU B 54 -15.17 17.94 -9.89
C LEU B 54 -14.68 18.30 -11.28
N ILE B 55 -13.67 17.57 -11.77
CA ILE B 55 -13.09 17.84 -13.08
C ILE B 55 -14.09 17.58 -14.22
N ASP B 56 -14.88 16.52 -14.10
CA ASP B 56 -15.97 16.27 -15.06
C ASP B 56 -16.89 17.50 -15.15
N ASP B 57 -17.26 18.03 -13.99
CA ASP B 57 -18.13 19.21 -13.93
C ASP B 57 -17.48 20.43 -14.55
N LEU B 58 -16.17 20.58 -14.33
CA LEU B 58 -15.41 21.69 -14.91
C LEU B 58 -15.38 21.63 -16.43
N LEU B 59 -14.96 20.48 -16.99
CA LEU B 59 -14.91 20.31 -18.45
C LEU B 59 -16.28 20.57 -19.12
N GLU B 60 -17.36 20.16 -18.46
CA GLU B 60 -18.70 20.38 -18.97
C GLU B 60 -19.10 21.86 -18.91
N VAL B 61 -18.83 22.50 -17.77
CA VAL B 61 -19.16 23.93 -17.63
C VAL B 61 -18.36 24.83 -18.58
N PHE B 62 -17.11 24.46 -18.87
CA PHE B 62 -16.31 25.20 -19.86
C PHE B 62 -17.00 25.16 -21.24
N GLN B 63 -17.79 24.12 -21.48
CA GLN B 63 -18.51 23.97 -22.75
C GLN B 63 -19.85 24.69 -22.76
N THR B 64 -20.59 24.59 -21.66
CA THR B 64 -21.96 25.12 -21.61
C THR B 64 -22.02 26.61 -21.20
N ASP B 65 -21.00 27.10 -20.52
CA ASP B 65 -20.97 28.50 -20.06
C ASP B 65 -19.70 29.21 -20.53
N PRO B 66 -19.79 29.90 -21.68
CA PRO B 66 -18.67 30.66 -22.26
C PRO B 66 -18.13 31.77 -21.35
N ASP B 67 -18.93 32.21 -20.38
CA ASP B 67 -18.52 33.31 -19.48
C ASP B 67 -17.77 32.81 -18.24
N PHE B 68 -17.73 31.49 -18.04
CA PHE B 68 -16.95 30.91 -16.95
C PHE B 68 -15.47 31.12 -17.25
N HIS B 69 -14.83 32.01 -16.48
CA HIS B 69 -13.47 32.47 -16.78
C HIS B 69 -12.41 31.39 -16.60
N SER B 70 -12.33 30.84 -15.39
CA SER B 70 -11.27 29.92 -15.02
C SER B 70 -11.56 29.29 -13.67
N PHE B 71 -10.77 28.28 -13.34
CA PHE B 71 -10.84 27.59 -12.06
C PHE B 71 -9.43 27.32 -11.58
N HIS B 72 -9.18 27.68 -10.34
CA HIS B 72 -7.87 27.50 -9.74
C HIS B 72 -7.78 26.13 -9.09
N LEU B 73 -6.93 25.26 -9.65
CA LEU B 73 -6.79 23.90 -9.12
C LEU B 73 -5.85 23.79 -7.92
N ASP B 74 -6.09 24.65 -6.93
CA ASP B 74 -5.52 24.47 -5.58
C ASP B 74 -3.99 24.42 -5.53
N GLY B 75 -3.35 25.00 -6.54
CA GLY B 75 -1.90 25.10 -6.60
C GLY B 75 -1.07 23.82 -6.73
N GLN B 76 -1.71 22.69 -6.98
CA GLN B 76 -1.03 21.39 -6.95
C GLN B 76 -1.26 20.58 -8.23
N THR B 77 -0.19 20.29 -8.96
CA THR B 77 -0.31 19.63 -10.27
C THR B 77 -0.71 18.15 -10.15
N ILE B 78 -0.51 17.55 -8.97
CA ILE B 78 -0.87 16.11 -8.81
C ILE B 78 -2.32 15.82 -9.18
N ILE B 79 -3.18 16.83 -9.01
CA ILE B 79 -4.60 16.72 -9.35
C ILE B 79 -4.79 16.24 -10.80
N LEU B 80 -4.02 16.83 -11.73
CA LEU B 80 -4.11 16.46 -13.13
C LEU B 80 -3.79 14.98 -13.37
N ASP B 81 -2.73 14.50 -12.73
CA ASP B 81 -2.33 13.08 -12.78
C ASP B 81 -3.40 12.18 -12.20
N ASP B 82 -3.95 12.58 -11.05
CA ASP B 82 -4.99 11.79 -10.38
C ASP B 82 -6.23 11.62 -11.24
N TYR B 83 -6.62 12.70 -11.93
CA TYR B 83 -7.77 12.67 -12.83
C TYR B 83 -7.51 11.74 -14.00
N LEU B 84 -6.40 11.98 -14.70
CA LEU B 84 -6.02 11.18 -15.87
C LEU B 84 -5.69 9.70 -15.58
N LYS B 85 -5.36 9.36 -14.33
CA LYS B 85 -5.18 7.95 -13.96
C LYS B 85 -6.50 7.20 -14.12
N VAL B 86 -7.61 7.92 -13.92
CA VAL B 86 -8.95 7.34 -14.10
C VAL B 86 -9.53 7.56 -15.50
N ARG B 87 -9.34 8.74 -16.07
CA ARG B 87 -9.87 9.07 -17.39
C ARG B 87 -8.73 9.46 -18.35
N PRO B 88 -7.84 8.50 -18.69
CA PRO B 88 -6.69 8.86 -19.55
C PRO B 88 -7.13 9.43 -20.90
N GLU B 89 -8.28 8.96 -21.41
CA GLU B 89 -8.83 9.45 -22.69
C GLU B 89 -9.17 10.95 -22.71
N ARG B 90 -9.27 11.56 -21.53
CA ARG B 90 -9.56 12.99 -21.41
C ARG B 90 -8.33 13.90 -21.48
N GLU B 91 -7.16 13.33 -21.70
CA GLU B 91 -5.94 14.15 -21.79
C GLU B 91 -6.01 15.31 -22.82
N PRO B 92 -6.54 15.07 -24.03
CA PRO B 92 -6.66 16.23 -24.94
C PRO B 92 -7.55 17.37 -24.41
N GLU B 93 -8.68 17.02 -23.79
CA GLU B 93 -9.57 18.03 -23.22
C GLU B 93 -8.92 18.76 -22.03
N ILE B 94 -8.17 18.03 -21.22
CA ILE B 94 -7.42 18.62 -20.11
C ILE B 94 -6.38 19.60 -20.66
N ARG B 95 -5.59 19.17 -21.65
CA ARG B 95 -4.57 20.04 -22.27
C ARG B 95 -5.17 21.33 -22.86
N GLN B 96 -6.32 21.21 -23.52
CA GLN B 96 -7.03 22.33 -24.11
C GLN B 96 -7.54 23.32 -23.07
N ALA B 97 -8.06 22.79 -21.95
CA ALA B 97 -8.57 23.64 -20.89
C ALA B 97 -7.44 24.43 -20.24
N ILE B 98 -6.26 23.80 -20.16
CA ILE B 98 -5.08 24.48 -19.64
C ILE B 98 -4.58 25.54 -20.63
N ALA B 99 -4.50 25.15 -21.91
CA ALA B 99 -4.08 26.07 -22.98
C ALA B 99 -4.94 27.33 -23.06
N SER B 100 -6.24 27.20 -22.86
CA SER B 100 -7.15 28.35 -22.91
C SER B 100 -7.17 29.16 -21.60
N GLY B 101 -6.52 28.65 -20.56
CA GLY B 101 -6.53 29.33 -19.26
C GLY B 101 -7.75 29.02 -18.39
N LYS B 102 -8.60 28.10 -18.84
CA LYS B 102 -9.80 27.76 -18.05
C LYS B 102 -9.45 26.92 -16.81
N LEU B 103 -8.39 26.12 -16.89
CA LEU B 103 -7.85 25.46 -15.71
C LEU B 103 -6.53 26.09 -15.34
N ARG B 104 -6.44 26.66 -14.14
CA ARG B 104 -5.22 27.32 -13.71
C ARG B 104 -4.46 26.39 -12.76
N ILE B 105 -3.24 26.02 -13.15
CA ILE B 105 -2.54 24.89 -12.51
C ILE B 105 -1.24 25.23 -11.81
N GLY B 106 -0.92 24.40 -10.81
CA GLY B 106 0.27 24.52 -9.95
C GLY B 106 0.50 25.92 -9.39
N PRO B 107 1.69 26.12 -8.79
CA PRO B 107 2.96 25.89 -9.49
C PRO B 107 3.65 24.70 -8.76
N PHE B 108 3.00 24.13 -7.74
CA PHE B 108 3.56 23.04 -6.92
C PHE B 108 3.05 21.66 -7.37
N TYR B 109 3.71 20.60 -6.91
CA TYR B 109 3.20 19.25 -7.12
C TYR B 109 2.10 18.94 -6.08
N ILE B 110 2.41 19.20 -4.82
CA ILE B 110 1.47 18.98 -3.71
C ILE B 110 1.47 20.20 -2.79
N LEU B 111 0.51 20.22 -1.85
CA LEU B 111 0.45 21.27 -0.84
C LEU B 111 0.96 20.69 0.47
N GLN B 112 2.21 20.99 0.79
CA GLN B 112 2.91 20.31 1.89
C GLN B 112 2.59 20.85 3.27
N ASP B 113 3.03 20.11 4.29
CA ASP B 113 3.39 20.74 5.53
C ASP B 113 4.84 21.16 5.37
N ASP B 114 5.13 22.44 5.61
CA ASP B 114 6.49 23.00 5.46
C ASP B 114 7.46 22.32 6.41
N PHE B 115 7.10 22.30 7.69
CA PHE B 115 8.04 21.97 8.76
C PHE B 115 8.35 20.49 8.91
N LEU B 116 7.43 19.65 8.45
CA LEU B 116 7.54 18.22 8.62
C LEU B 116 8.01 17.49 7.37
N THR B 117 8.29 18.25 6.31
CA THR B 117 8.96 17.70 5.14
C THR B 117 10.40 18.25 5.14
N SER B 118 11.32 17.49 4.56
CA SER B 118 12.74 17.87 4.62
C SER B 118 12.97 19.19 3.90
N SER B 119 14.08 19.86 4.21
CA SER B 119 14.42 21.08 3.50
C SER B 119 14.42 20.84 1.99
N GLU B 120 15.09 19.78 1.56
CA GLU B 120 15.12 19.44 0.13
C GLU B 120 13.74 19.17 -0.48
N SER B 121 12.89 18.45 0.25
CA SER B 121 11.52 18.16 -0.19
C SER B 121 10.73 19.42 -0.54
N ASN B 122 10.92 20.48 0.25
CA ASN B 122 10.30 21.77 -0.03
C ASN B 122 10.68 22.35 -1.40
N VAL B 123 11.93 22.11 -1.81
CA VAL B 123 12.40 22.46 -3.14
C VAL B 123 11.92 21.45 -4.22
N ARG B 124 12.00 20.14 -3.94
CA ARG B 124 11.57 19.14 -4.94
C ARG B 124 10.09 19.30 -5.31
N ASN B 125 9.27 19.68 -4.33
CA ASN B 125 7.86 20.00 -4.59
C ASN B 125 7.73 21.01 -5.74
N MET B 126 8.63 22.00 -5.76
CA MET B 126 8.62 23.06 -6.74
C MET B 126 9.26 22.63 -8.07
N LEU B 127 10.29 21.79 -7.99
CA LEU B 127 10.97 21.25 -9.14
C LEU B 127 10.02 20.37 -9.96
N ILE B 128 9.33 19.46 -9.28
CA ILE B 128 8.34 18.59 -9.93
C ILE B 128 7.14 19.40 -10.41
N GLY B 129 6.63 20.29 -9.56
CA GLY B 129 5.55 21.19 -9.93
C GLY B 129 5.85 21.93 -11.23
N LYS B 130 7.04 22.51 -11.32
CA LYS B 130 7.49 23.23 -12.52
C LYS B 130 7.62 22.30 -13.73
N GLU B 131 8.17 21.10 -13.52
CA GLU B 131 8.28 20.11 -14.60
C GLU B 131 6.89 19.82 -15.17
N ASP B 132 5.93 19.55 -14.29
CA ASP B 132 4.54 19.30 -14.70
C ASP B 132 3.94 20.49 -15.43
N CYS B 133 4.12 21.69 -14.88
CA CYS B 133 3.58 22.89 -15.53
C CYS B 133 4.18 23.08 -16.92
N ASP B 134 5.48 22.85 -17.04
CA ASP B 134 6.17 22.97 -18.33
C ASP B 134 5.59 21.99 -19.35
N ARG B 135 5.33 20.77 -18.89
CA ARG B 135 4.72 19.73 -19.73
C ARG B 135 3.32 20.14 -20.21
N TRP B 136 2.50 20.69 -19.32
CA TRP B 136 1.13 21.13 -19.68
C TRP B 136 1.07 22.46 -20.42
N GLY B 137 2.09 23.31 -20.25
CA GLY B 137 2.18 24.57 -20.94
C GLY B 137 1.67 25.80 -20.20
N ALA B 138 1.48 25.71 -18.89
CA ALA B 138 1.04 26.89 -18.12
C ALA B 138 1.26 26.69 -16.63
N SER B 139 1.24 27.79 -15.90
CA SER B 139 1.42 27.75 -14.46
C SER B 139 0.58 28.89 -13.84
N VAL B 140 0.65 29.03 -12.52
CA VAL B 140 0.13 30.18 -11.81
C VAL B 140 1.33 30.75 -11.05
N PRO B 141 1.61 32.06 -11.22
CA PRO B 141 2.78 32.70 -10.56
C PRO B 141 2.50 33.07 -9.09
N LEU B 142 2.15 32.06 -8.29
CA LEU B 142 1.78 32.25 -6.89
C LEU B 142 2.13 31.01 -6.05
N GLY B 143 3.07 31.16 -5.12
CA GLY B 143 3.33 30.11 -4.14
C GLY B 143 2.07 29.94 -3.30
N TYR B 144 1.61 28.70 -3.17
CA TYR B 144 0.28 28.45 -2.65
C TYR B 144 0.34 27.65 -1.34
N PHE B 145 -0.01 28.32 -0.25
CA PHE B 145 0.07 27.74 1.11
C PHE B 145 -1.23 28.07 1.86
N PRO B 146 -2.40 27.75 1.24
CA PRO B 146 -3.67 28.25 1.79
C PRO B 146 -3.97 27.77 3.24
N ASP B 147 -3.58 26.54 3.54
CA ASP B 147 -3.99 25.86 4.78
C ASP B 147 -2.81 25.45 5.65
N THR B 148 -1.59 25.71 5.18
CA THR B 148 -0.35 25.23 5.84
C THR B 148 -0.31 25.58 7.34
N PHE B 149 0.00 24.59 8.18
CA PHE B 149 -0.04 24.76 9.64
C PHE B 149 1.25 25.45 10.12
N GLY B 150 1.37 26.74 9.80
CA GLY B 150 2.60 27.49 10.09
C GLY B 150 3.43 27.55 8.83
N ASN B 151 4.06 28.70 8.61
CA ASN B 151 4.83 28.94 7.38
C ASN B 151 6.29 29.18 7.68
N MET B 152 7.14 28.42 6.98
CA MET B 152 8.59 28.46 7.20
C MET B 152 9.17 29.85 6.97
N GLY B 153 10.17 30.21 7.76
CA GLY B 153 10.80 31.53 7.68
C GLY B 153 11.44 31.83 6.33
N GLN B 154 11.82 30.77 5.61
CA GLN B 154 12.54 30.93 4.35
C GLN B 154 11.62 31.00 3.13
N THR B 155 10.31 31.11 3.34
CA THR B 155 9.37 31.22 2.22
C THR B 155 9.76 32.31 1.20
N PRO B 156 10.12 33.52 1.65
CA PRO B 156 10.54 34.56 0.69
C PRO B 156 11.70 34.13 -0.22
N GLN B 157 12.80 33.64 0.35
CA GLN B 157 13.93 33.19 -0.47
C GLN B 157 13.54 31.99 -1.35
N LEU B 158 12.79 31.06 -0.77
CA LEU B 158 12.35 29.87 -1.51
C LEU B 158 11.48 30.26 -2.72
N MET B 159 10.62 31.27 -2.56
CA MET B 159 9.77 31.74 -3.67
C MET B 159 10.59 32.45 -4.74
N LEU B 160 11.38 33.45 -4.33
CA LEU B 160 12.19 34.25 -5.26
C LEU B 160 13.09 33.37 -6.12
N LYS B 161 13.72 32.39 -5.49
CA LYS B 161 14.65 31.50 -6.19
C LYS B 161 13.95 30.32 -6.87
N ALA B 162 12.62 30.36 -6.91
CA ALA B 162 11.82 29.44 -7.72
C ALA B 162 11.01 30.21 -8.76
N GLY B 163 11.38 31.47 -8.97
CA GLY B 163 10.75 32.29 -10.01
C GLY B 163 9.40 32.87 -9.60
N LEU B 164 9.14 32.90 -8.29
CA LEU B 164 7.86 33.37 -7.75
C LEU B 164 8.07 34.58 -6.85
N GLN B 165 7.17 35.55 -6.92
CA GLN B 165 7.36 36.80 -6.15
C GLN B 165 6.26 37.06 -5.12
N ALA B 166 5.41 36.05 -4.92
CA ALA B 166 4.26 36.15 -4.03
C ALA B 166 3.92 34.78 -3.48
N ALA B 167 3.37 34.75 -2.26
CA ALA B 167 2.85 33.53 -1.69
C ALA B 167 1.53 33.88 -1.02
N ALA B 168 0.55 33.00 -1.17
CA ALA B 168 -0.75 33.15 -0.50
C ALA B 168 -0.87 32.15 0.64
N PHE B 169 -1.32 32.62 1.80
CA PHE B 169 -1.43 31.76 2.98
C PHE B 169 -2.63 32.16 3.85
N GLY B 170 -3.19 31.19 4.56
CA GLY B 170 -4.33 31.46 5.43
C GLY B 170 -4.05 31.40 6.92
N ARG B 171 -2.94 30.76 7.31
CA ARG B 171 -2.66 30.54 8.73
C ARG B 171 -1.37 31.20 9.20
N GLY B 172 -1.30 31.42 10.52
CA GLY B 172 -0.05 31.81 11.16
C GLY B 172 -0.04 33.27 11.58
N ILE B 173 -0.89 34.06 10.94
CA ILE B 173 -1.02 35.46 11.28
C ILE B 173 -2.49 35.82 11.34
N ARG B 174 -2.80 36.78 12.22
CA ARG B 174 -4.14 37.31 12.35
C ARG B 174 -4.08 38.77 11.96
N PRO B 175 -4.93 39.19 11.00
CA PRO B 175 -4.84 40.58 10.58
C PRO B 175 -5.41 41.48 11.67
N THR B 176 -4.60 42.42 12.12
CA THR B 176 -5.08 43.50 12.99
C THR B 176 -6.00 44.33 12.12
N GLY B 177 -6.90 45.08 12.74
CA GLY B 177 -7.71 46.02 11.98
C GLY B 177 -6.81 46.89 11.14
N PHE B 178 -7.15 47.03 9.87
CA PHE B 178 -6.49 48.00 8.99
C PHE B 178 -6.72 49.41 9.52
N ASN B 179 -7.44 49.46 10.64
CA ASN B 179 -7.92 50.69 11.26
C ASN B 179 -7.04 51.28 12.36
N ASN B 180 -6.39 50.40 13.13
CA ASN B 180 -5.64 50.79 14.34
C ASN B 180 -4.34 51.57 14.11
N GLN B 181 -3.92 52.29 15.15
CA GLN B 181 -2.68 53.08 15.15
C GLN B 181 -1.42 52.18 15.23
N VAL B 182 -0.25 52.79 15.08
CA VAL B 182 1.03 52.09 14.88
C VAL B 182 1.48 51.15 16.01
N ASP B 183 1.68 51.70 17.22
CA ASP B 183 2.16 50.93 18.39
C ASP B 183 3.31 49.95 18.08
N THR B 184 2.96 48.81 17.48
CA THR B 184 3.91 47.86 16.86
C THR B 184 4.69 46.94 17.82
N SER B 185 4.17 46.77 19.03
CA SER B 185 4.70 45.75 19.95
C SER B 185 4.30 44.35 19.44
N GLU B 186 3.30 44.30 18.56
CA GLU B 186 2.83 43.06 17.95
C GLU B 186 3.56 42.79 16.62
N LYS B 187 4.56 41.92 16.67
CA LYS B 187 5.40 41.58 15.52
C LYS B 187 4.67 40.87 14.39
N TYR B 188 3.59 40.18 14.75
CA TYR B 188 2.86 39.35 13.80
C TYR B 188 1.43 39.83 13.61
N SER B 189 1.27 41.14 13.71
CA SER B 189 0.02 41.76 13.33
C SER B 189 0.20 42.40 11.98
N SER B 190 -0.90 42.52 11.26
CA SER B 190 -0.87 43.13 9.95
C SER B 190 -2.10 44.01 9.82
N GLN B 191 -1.88 45.24 9.39
CA GLN B 191 -2.95 46.15 9.07
C GLN B 191 -3.81 45.52 7.96
N PHE B 192 -3.14 45.01 6.93
CA PHE B 192 -3.77 44.63 5.68
C PHE B 192 -3.72 43.13 5.36
N SER B 193 -4.50 42.72 4.35
CA SER B 193 -4.45 41.36 3.81
C SER B 193 -3.30 41.18 2.81
N GLU B 194 -2.50 42.23 2.62
CA GLU B 194 -1.29 42.16 1.81
C GLU B 194 -0.13 42.63 2.67
N ILE B 195 0.95 41.86 2.67
CA ILE B 195 2.12 42.18 3.50
C ILE B 195 3.42 42.15 2.70
N SER B 196 4.44 42.84 3.21
CA SER B 196 5.78 42.62 2.72
C SER B 196 6.41 41.58 3.63
N TRP B 197 6.66 40.39 3.08
CA TRP B 197 7.16 39.26 3.87
C TRP B 197 8.66 39.13 3.65
N GLN B 198 9.41 39.40 4.70
CA GLN B 198 10.88 39.41 4.64
C GLN B 198 11.44 38.19 5.37
N GLY B 199 12.34 37.46 4.69
CA GLY B 199 12.95 36.27 5.27
C GLY B 199 14.28 36.60 5.92
N PRO B 200 14.91 35.60 6.58
CA PRO B 200 16.17 35.83 7.34
C PRO B 200 17.36 36.22 6.44
N ASP B 201 17.26 35.96 5.13
CA ASP B 201 18.30 36.38 4.18
C ASP B 201 18.04 37.76 3.56
N ASN B 202 16.97 38.43 4.03
CA ASN B 202 16.50 39.73 3.49
C ASN B 202 15.73 39.66 2.15
N SER B 203 15.47 38.45 1.64
CA SER B 203 14.57 38.29 0.49
C SER B 203 13.19 38.82 0.88
N ARG B 204 12.51 39.45 -0.06
CA ARG B 204 11.16 39.96 0.18
C ARG B 204 10.22 39.51 -0.92
N ILE B 205 9.02 39.10 -0.50
CA ILE B 205 7.93 38.77 -1.42
C ILE B 205 6.63 39.40 -0.95
N LEU B 206 5.64 39.46 -1.84
CA LEU B 206 4.27 39.79 -1.44
C LEU B 206 3.69 38.60 -0.69
N GLY B 207 3.20 38.85 0.52
CA GLY B 207 2.41 37.86 1.24
C GLY B 207 0.95 38.24 1.08
N LEU B 208 0.16 37.34 0.51
CA LEU B 208 -1.26 37.55 0.33
C LEU B 208 -1.97 36.71 1.38
N LEU B 209 -2.50 37.37 2.39
CA LEU B 209 -3.17 36.69 3.49
C LEU B 209 -4.64 36.53 3.19
N PHE B 210 -5.12 35.28 3.28
CA PHE B 210 -6.55 35.02 3.19
C PHE B 210 -7.19 35.44 4.50
N ALA B 211 -7.37 36.74 4.70
CA ALA B 211 -7.78 37.28 6.00
C ALA B 211 -9.19 36.86 6.41
N ASN B 212 -10.01 36.54 5.42
CA ASN B 212 -11.35 36.03 5.66
C ASN B 212 -11.48 34.56 5.30
N TRP B 213 -10.33 33.89 5.30
CA TRP B 213 -10.19 32.48 4.90
C TRP B 213 -10.36 32.26 3.40
N TYR B 214 -9.98 31.06 2.93
CA TYR B 214 -10.07 30.74 1.52
C TYR B 214 -11.48 30.34 1.09
N SER B 215 -12.46 30.57 1.96
CA SER B 215 -13.85 30.26 1.67
C SER B 215 -14.75 31.51 1.67
N ASN B 216 -14.15 32.71 1.69
CA ASN B 216 -14.95 33.91 1.91
C ASN B 216 -15.98 34.16 0.80
N GLY B 217 -15.68 33.70 -0.42
CA GLY B 217 -16.65 33.81 -1.53
C GLY B 217 -17.35 32.50 -1.90
N ASN B 218 -17.38 31.56 -0.96
CA ASN B 218 -18.02 30.27 -1.23
C ASN B 218 -19.54 30.39 -1.39
N GLU B 219 -20.09 29.66 -2.36
CA GLU B 219 -21.53 29.56 -2.57
C GLU B 219 -22.25 30.93 -2.67
N ILE B 220 -21.89 31.69 -3.70
CA ILE B 220 -22.49 33.02 -3.93
C ILE B 220 -23.94 32.84 -4.36
N PRO B 221 -24.88 33.51 -3.66
CA PRO B 221 -26.31 33.40 -4.02
C PRO B 221 -26.67 33.94 -5.40
N THR B 222 -27.74 33.40 -5.98
CA THR B 222 -28.19 33.81 -7.30
C THR B 222 -29.58 34.43 -7.22
N THR B 223 -30.03 34.70 -5.99
CA THR B 223 -31.31 35.35 -5.74
C THR B 223 -31.09 36.61 -4.91
N GLU B 224 -31.86 37.66 -5.23
CA GLU B 224 -31.60 39.00 -4.73
C GLU B 224 -31.47 39.13 -3.21
N ALA B 225 -32.49 38.69 -2.47
CA ALA B 225 -32.50 38.89 -1.01
C ALA B 225 -31.30 38.23 -0.34
N GLU B 226 -31.03 36.98 -0.69
CA GLU B 226 -29.88 36.24 -0.18
C GLU B 226 -28.56 36.85 -0.63
N ALA B 227 -28.50 37.30 -1.89
CA ALA B 227 -27.29 37.93 -2.42
C ALA B 227 -26.96 39.23 -1.68
N ARG B 228 -27.99 40.02 -1.37
CA ARG B 228 -27.80 41.25 -0.60
C ARG B 228 -27.19 40.98 0.78
N LEU B 229 -27.75 40.03 1.52
CA LEU B 229 -27.23 39.67 2.85
C LEU B 229 -25.79 39.13 2.78
N PHE B 230 -25.53 38.29 1.78
CA PHE B 230 -24.21 37.75 1.52
C PHE B 230 -23.20 38.86 1.22
N TRP B 231 -23.48 39.67 0.18
CA TRP B 231 -22.49 40.66 -0.27
C TRP B 231 -22.25 41.80 0.72
N ASP B 232 -23.29 42.23 1.44
CA ASP B 232 -23.09 43.30 2.42
C ASP B 232 -22.08 42.84 3.47
N LYS B 233 -22.19 41.58 3.87
CA LYS B 233 -21.22 41.00 4.80
C LYS B 233 -19.83 40.86 4.16
N LYS B 234 -19.78 40.16 3.03
CA LYS B 234 -18.51 39.81 2.38
C LYS B 234 -17.68 41.02 1.94
N LEU B 235 -18.34 42.03 1.38
CA LEU B 235 -17.66 43.26 0.94
C LEU B 235 -17.04 44.00 2.11
N ALA B 236 -17.83 44.21 3.17
CA ALA B 236 -17.33 44.82 4.41
C ALA B 236 -16.16 44.03 4.98
N ASP B 237 -16.30 42.70 5.06
CA ASP B 237 -15.26 41.84 5.57
C ASP B 237 -13.93 42.03 4.82
N ALA B 238 -13.99 42.03 3.49
CA ALA B 238 -12.77 42.16 2.68
C ALA B 238 -12.16 43.58 2.77
N GLU B 239 -13.03 44.60 2.77
CA GLU B 239 -12.62 46.00 2.88
C GLU B 239 -11.97 46.33 4.22
N ARG B 240 -12.32 45.58 5.25
CA ARG B 240 -11.72 45.69 6.57
C ARG B 240 -10.18 45.59 6.51
N PHE B 241 -9.66 44.82 5.55
CA PHE B 241 -8.22 44.54 5.47
C PHE B 241 -7.52 44.89 4.15
N ALA B 242 -8.28 45.15 3.08
CA ALA B 242 -7.67 45.39 1.77
C ALA B 242 -6.84 46.68 1.75
N SER B 243 -5.62 46.61 1.23
CA SER B 243 -4.78 47.80 1.08
C SER B 243 -5.02 48.50 -0.27
N THR B 244 -5.79 47.85 -1.16
CA THR B 244 -6.12 48.42 -2.46
C THR B 244 -7.62 48.29 -2.74
N LYS B 245 -8.06 48.82 -3.87
CA LYS B 245 -9.44 48.67 -4.33
C LYS B 245 -9.77 47.23 -4.80
N HIS B 246 -8.74 46.39 -4.90
CA HIS B 246 -8.92 45.01 -5.36
C HIS B 246 -9.23 44.02 -4.23
N LEU B 247 -10.48 43.60 -4.19
CA LEU B 247 -10.96 42.71 -3.15
C LEU B 247 -10.93 41.29 -3.67
N LEU B 248 -10.45 40.37 -2.85
CA LEU B 248 -10.33 38.97 -3.24
C LEU B 248 -11.43 38.11 -2.62
N MET B 249 -12.28 37.54 -3.47
CA MET B 249 -13.34 36.62 -3.03
C MET B 249 -13.03 35.23 -3.54
N MET B 250 -12.77 34.33 -2.60
CA MET B 250 -12.35 32.96 -2.88
C MET B 250 -13.58 32.07 -2.94
N ASN B 251 -13.98 31.73 -4.16
CA ASN B 251 -15.21 31.02 -4.44
C ASN B 251 -14.96 29.51 -4.41
N GLY B 252 -14.91 28.97 -3.21
CA GLY B 252 -14.62 27.55 -3.01
C GLY B 252 -14.37 27.30 -1.54
N CYS B 253 -14.06 26.05 -1.21
CA CYS B 253 -13.76 25.60 0.15
C CYS B 253 -13.18 24.17 0.09
N ASP B 254 -13.04 23.50 1.24
CA ASP B 254 -12.52 22.12 1.30
C ASP B 254 -13.39 21.19 0.47
N HIS B 255 -12.81 20.51 -0.52
CA HIS B 255 -13.53 19.59 -1.41
C HIS B 255 -14.86 20.14 -1.95
N GLN B 256 -14.93 21.45 -2.14
CA GLN B 256 -16.13 22.11 -2.62
C GLN B 256 -16.34 21.82 -4.09
N PRO B 257 -17.55 21.35 -4.47
CA PRO B 257 -17.93 21.21 -5.89
C PRO B 257 -17.88 22.57 -6.59
N VAL B 258 -17.63 22.59 -7.90
CA VAL B 258 -17.59 23.87 -8.62
C VAL B 258 -18.97 24.53 -8.55
N GLN B 259 -18.99 25.86 -8.36
CA GLN B 259 -20.27 26.57 -8.40
C GLN B 259 -20.72 26.74 -9.84
N LEU B 260 -21.63 25.89 -10.28
CA LEU B 260 -22.01 25.83 -11.69
C LEU B 260 -22.76 27.07 -12.20
N ASP B 261 -23.42 27.77 -11.28
CA ASP B 261 -24.15 28.98 -11.65
C ASP B 261 -23.45 30.28 -11.22
N VAL B 262 -22.12 30.24 -11.12
CA VAL B 262 -21.35 31.40 -10.64
C VAL B 262 -21.46 32.61 -11.56
N THR B 263 -21.59 32.38 -12.86
CA THR B 263 -21.78 33.49 -13.82
C THR B 263 -23.06 34.29 -13.52
N LYS B 264 -24.16 33.57 -13.32
CA LYS B 264 -25.41 34.19 -12.91
C LYS B 264 -25.22 34.97 -11.60
N ALA B 265 -24.46 34.38 -10.66
CA ALA B 265 -24.23 35.02 -9.37
C ALA B 265 -23.47 36.34 -9.52
N ILE B 266 -22.44 36.33 -10.38
CA ILE B 266 -21.64 37.53 -10.61
C ILE B 266 -22.43 38.60 -11.35
N ALA B 267 -23.24 38.20 -12.33
CA ALA B 267 -24.10 39.15 -13.05
C ALA B 267 -25.09 39.83 -12.10
N LEU B 268 -25.71 39.06 -11.21
CA LEU B 268 -26.61 39.60 -10.19
C LEU B 268 -25.90 40.62 -9.29
N ALA B 269 -24.72 40.25 -8.80
CA ALA B 269 -23.93 41.11 -7.94
C ALA B 269 -23.65 42.47 -8.59
N ASN B 270 -23.25 42.45 -9.86
CA ASN B 270 -23.05 43.69 -10.61
C ASN B 270 -24.32 44.54 -10.71
N GLN B 271 -25.47 43.89 -10.84
CA GLN B 271 -26.75 44.60 -10.91
C GLN B 271 -27.15 45.22 -9.57
N LEU B 272 -26.81 44.53 -8.49
CA LEU B 272 -27.16 45.01 -7.16
C LEU B 272 -26.21 46.11 -6.63
N TYR B 273 -24.98 46.12 -7.12
CA TYR B 273 -23.93 47.03 -6.60
C TYR B 273 -23.24 47.83 -7.70
N PRO B 274 -23.90 48.90 -8.17
CA PRO B 274 -23.35 49.77 -9.23
C PRO B 274 -21.94 50.31 -8.95
N ASP B 275 -21.55 50.44 -7.67
CA ASP B 275 -20.22 50.97 -7.32
C ASP B 275 -19.12 49.93 -7.18
N TYR B 276 -19.45 48.66 -7.47
CA TYR B 276 -18.50 47.55 -7.36
C TYR B 276 -18.47 46.80 -8.68
N GLU B 277 -17.27 46.63 -9.21
CA GLU B 277 -17.07 45.86 -10.43
C GLU B 277 -16.72 44.42 -10.08
N PHE B 278 -17.68 43.51 -10.27
CA PHE B 278 -17.49 42.10 -9.94
C PHE B 278 -17.00 41.39 -11.19
N VAL B 279 -15.91 40.64 -11.05
CA VAL B 279 -15.33 39.94 -12.19
C VAL B 279 -14.88 38.53 -11.82
N HIS B 280 -15.19 37.58 -12.69
CA HIS B 280 -14.67 36.24 -12.56
C HIS B 280 -13.20 36.29 -12.94
N SER B 281 -12.33 36.06 -11.97
CA SER B 281 -10.90 36.37 -12.13
C SER B 281 -10.01 35.14 -11.91
N CYS B 282 -8.70 35.38 -11.86
CA CYS B 282 -7.73 34.34 -11.56
C CYS B 282 -6.58 34.99 -10.80
N PHE B 283 -5.73 34.17 -10.20
CA PHE B 283 -4.64 34.70 -9.37
C PHE B 283 -3.63 35.54 -10.15
N GLU B 284 -3.34 35.13 -11.37
CA GLU B 284 -2.41 35.89 -12.22
C GLU B 284 -2.90 37.33 -12.47
N ASP B 285 -4.18 37.49 -12.84
CA ASP B 285 -4.76 38.81 -13.05
C ASP B 285 -4.86 39.61 -11.75
N TYR B 286 -5.21 38.91 -10.66
CA TYR B 286 -5.31 39.55 -9.36
C TYR B 286 -3.98 40.17 -8.94
N LEU B 287 -2.89 39.40 -9.08
CA LEU B 287 -1.56 39.88 -8.74
C LEU B 287 -1.13 41.05 -9.64
N ALA B 288 -1.45 40.95 -10.93
CA ALA B 288 -1.18 42.04 -11.87
C ALA B 288 -1.84 43.34 -11.41
N ASP B 289 -3.12 43.25 -11.03
CA ASP B 289 -3.87 44.41 -10.54
C ASP B 289 -3.31 44.94 -9.22
N LEU B 290 -2.96 44.03 -8.31
CA LEU B 290 -2.31 44.42 -7.05
C LEU B 290 -1.02 45.19 -7.27
N ALA B 291 -0.19 44.68 -8.18
CA ALA B 291 1.11 45.27 -8.52
C ALA B 291 0.98 46.75 -8.88
N ASP B 292 -0.08 47.08 -9.61
CA ASP B 292 -0.32 48.46 -10.01
C ASP B 292 -0.70 49.36 -8.84
N ASP B 293 -1.42 48.81 -7.87
CA ASP B 293 -2.09 49.62 -6.85
C ASP B 293 -1.56 49.53 -5.42
N LEU B 294 -0.63 48.62 -5.16
CA LEU B 294 -0.12 48.43 -3.80
C LEU B 294 0.48 49.71 -3.23
N PRO B 295 0.13 50.05 -1.98
CA PRO B 295 0.70 51.25 -1.35
C PRO B 295 2.12 50.95 -0.84
N GLU B 296 2.79 51.97 -0.29
CA GLU B 296 4.14 51.79 0.25
C GLU B 296 4.12 51.45 1.73
N ASN B 297 2.93 51.45 2.33
CA ASN B 297 2.79 51.27 3.77
C ASN B 297 2.30 49.86 4.17
N LEU B 298 2.73 48.85 3.43
CA LEU B 298 2.45 47.47 3.83
C LEU B 298 3.24 47.14 5.08
N SER B 299 2.61 46.47 6.03
CA SER B 299 3.32 45.97 7.19
C SER B 299 4.41 45.02 6.71
N THR B 300 5.56 45.04 7.39
CA THR B 300 6.56 44.02 7.19
C THR B 300 6.37 42.93 8.21
N VAL B 301 6.48 41.69 7.76
CA VAL B 301 6.55 40.56 8.66
C VAL B 301 7.86 39.86 8.35
N GLN B 302 8.66 39.65 9.39
CA GLN B 302 9.98 39.06 9.27
C GLN B 302 9.99 37.59 9.74
N GLY B 303 10.39 36.68 8.85
CA GLY B 303 10.69 35.31 9.26
C GLY B 303 9.48 34.39 9.29
N GLU B 304 9.55 33.36 10.13
CA GLU B 304 8.52 32.34 10.17
C GLU B 304 7.24 32.89 10.77
N ILE B 305 6.12 32.32 10.34
CA ILE B 305 4.79 32.74 10.76
C ILE B 305 4.08 31.51 11.34
N THR B 306 4.05 31.43 12.67
CA THR B 306 3.65 30.21 13.36
C THR B 306 2.67 30.50 14.50
N SER B 307 1.85 31.52 14.31
CA SER B 307 0.79 31.89 15.25
C SER B 307 1.31 32.32 16.63
N GLN B 308 2.47 32.98 16.63
CA GLN B 308 3.16 33.41 17.85
C GLN B 308 2.29 34.33 18.72
N GLU B 309 1.52 35.19 18.07
CA GLU B 309 0.66 36.14 18.78
C GLU B 309 -0.82 35.72 18.75
N THR B 310 -1.04 34.45 19.07
CA THR B 310 -2.37 33.88 19.25
C THR B 310 -2.43 33.27 20.65
N ASP B 311 -3.55 32.62 20.99
CA ASP B 311 -3.67 31.94 22.28
C ASP B 311 -2.92 30.61 22.34
N GLY B 312 -2.39 30.18 21.19
CA GLY B 312 -1.53 29.00 21.13
C GLY B 312 -2.24 27.65 21.12
N TRP B 313 -3.57 27.67 21.20
CA TRP B 313 -4.34 26.43 21.24
C TRP B 313 -4.61 25.81 19.87
N TYR B 314 -4.56 26.61 18.82
CA TYR B 314 -4.98 26.13 17.50
C TYR B 314 -3.92 26.32 16.41
N THR B 315 -2.65 26.20 16.79
CA THR B 315 -1.52 26.22 15.88
C THR B 315 -1.44 24.90 15.11
N LEU B 316 -2.01 23.85 15.72
CA LEU B 316 -1.98 22.49 15.16
C LEU B 316 -0.55 21.94 15.10
N ALA B 317 0.35 22.55 15.89
CA ALA B 317 1.77 22.14 15.94
C ALA B 317 1.98 20.71 16.42
N ASN B 318 1.02 20.20 17.20
CA ASN B 318 1.14 18.83 17.71
C ASN B 318 0.99 17.77 16.64
N THR B 319 0.68 18.18 15.41
CA THR B 319 0.79 17.27 14.26
C THR B 319 2.22 16.74 14.14
N ALA B 320 3.19 17.48 14.68
CA ALA B 320 4.60 17.04 14.62
C ALA B 320 4.84 15.73 15.36
N SER B 321 4.05 15.46 16.39
CA SER B 321 4.18 14.20 17.15
C SER B 321 3.02 13.20 16.92
N ALA B 322 2.06 13.55 16.06
CA ALA B 322 1.03 12.57 15.65
C ALA B 322 1.69 11.49 14.83
N ARG B 323 1.44 10.23 15.20
CA ARG B 323 1.97 9.08 14.43
C ARG B 323 3.45 9.28 14.05
N ILE B 324 4.29 9.36 15.07
CA ILE B 324 5.73 9.59 14.89
C ILE B 324 6.37 8.60 13.91
N TYR B 325 5.89 7.37 13.92
CA TYR B 325 6.35 6.35 12.95
C TYR B 325 6.30 6.83 11.49
N LEU B 326 5.34 7.69 11.13
CA LEU B 326 5.29 8.29 9.78
C LEU B 326 6.46 9.23 9.52
N LYS B 327 6.78 10.03 10.52
CA LYS B 327 7.88 10.98 10.41
C LYS B 327 9.22 10.27 10.36
N GLN B 328 9.34 9.17 11.11
CA GLN B 328 10.55 8.35 11.07
C GLN B 328 10.74 7.74 9.69
N ALA B 329 9.66 7.24 9.12
CA ALA B 329 9.68 6.62 7.78
C ALA B 329 10.03 7.71 6.74
N ASN B 330 9.39 8.87 6.84
CA ASN B 330 9.71 10.01 5.96
C ASN B 330 11.19 10.39 6.02
N THR B 331 11.74 10.46 7.23
CA THR B 331 13.16 10.80 7.42
C THR B 331 14.08 9.79 6.73
N ARG B 332 13.76 8.50 6.91
CA ARG B 332 14.50 7.43 6.28
C ARG B 332 14.52 7.53 4.75
N VAL B 333 13.36 7.75 4.14
CA VAL B 333 13.28 7.86 2.67
C VAL B 333 13.97 9.15 2.17
N SER B 334 13.79 10.24 2.93
CA SER B 334 14.36 11.52 2.55
C SER B 334 15.88 11.43 2.56
N ARG B 335 16.46 10.89 3.65
CA ARG B 335 17.90 10.68 3.72
C ARG B 335 18.38 9.75 2.62
N GLN B 336 17.61 8.70 2.34
CA GLN B 336 17.97 7.76 1.29
C GLN B 336 18.12 8.47 -0.05
N LEU B 337 17.09 9.22 -0.44
CA LEU B 337 17.12 9.88 -1.75
C LEU B 337 18.14 11.01 -1.81
N GLU B 338 18.08 11.92 -0.84
CA GLU B 338 18.87 13.17 -0.87
C GLU B 338 20.35 12.94 -0.61
N ASN B 339 20.65 12.06 0.34
CA ASN B 339 21.98 11.96 0.92
C ASN B 339 22.73 10.67 0.64
N ILE B 340 22.06 9.72 0.00
CA ILE B 340 22.71 8.46 -0.36
C ILE B 340 22.58 8.24 -1.86
N THR B 341 21.36 8.05 -2.35
CA THR B 341 21.12 7.75 -3.77
C THR B 341 21.63 8.84 -4.71
N GLU B 342 21.17 10.07 -4.53
CA GLU B 342 21.57 11.13 -5.44
C GLU B 342 23.09 11.37 -5.44
N PRO B 343 23.72 11.49 -4.27
CA PRO B 343 25.17 11.68 -4.28
C PRO B 343 25.93 10.54 -4.97
N LEU B 344 25.59 9.29 -4.67
CA LEU B 344 26.26 8.15 -5.33
C LEU B 344 26.04 8.15 -6.84
N ALA B 345 24.79 8.31 -7.26
CA ALA B 345 24.47 8.37 -8.69
C ALA B 345 25.18 9.53 -9.38
N ALA B 346 25.28 10.68 -8.71
CA ALA B 346 26.00 11.82 -9.25
C ALA B 346 27.45 11.46 -9.53
N MET B 347 28.09 10.78 -8.59
CA MET B 347 29.50 10.38 -8.76
C MET B 347 29.65 9.25 -9.79
N ALA B 348 28.71 8.32 -9.81
CA ALA B 348 28.75 7.17 -10.71
C ALA B 348 28.72 7.56 -12.20
N TYR B 349 28.12 8.72 -12.49
CA TYR B 349 28.06 9.24 -13.86
C TYR B 349 29.44 9.31 -14.53
N GLU B 350 30.49 9.59 -13.74
CA GLU B 350 31.87 9.55 -14.24
C GLU B 350 32.20 8.22 -14.94
N VAL B 351 31.67 7.12 -14.40
CA VAL B 351 31.90 5.77 -14.92
C VAL B 351 31.00 5.44 -16.10
N THR B 352 29.72 5.77 -15.96
CA THR B 352 28.68 5.25 -16.85
C THR B 352 28.18 6.25 -17.90
N SER B 353 28.42 7.54 -17.67
CA SER B 353 27.85 8.63 -18.50
C SER B 353 26.33 8.61 -18.52
N THR B 354 25.73 8.09 -17.46
CA THR B 354 24.28 8.13 -17.32
C THR B 354 23.88 8.34 -15.85
N TYR B 355 22.66 8.81 -15.65
CA TYR B 355 22.16 9.14 -14.32
C TYR B 355 20.67 8.84 -14.37
N PRO B 356 20.13 8.21 -13.31
CA PRO B 356 18.77 7.67 -13.40
C PRO B 356 17.66 8.70 -13.12
N HIS B 357 17.51 9.67 -14.03
CA HIS B 357 16.52 10.75 -13.83
C HIS B 357 15.09 10.25 -13.74
N ASP B 358 14.72 9.32 -14.62
CA ASP B 358 13.34 8.83 -14.64
C ASP B 358 13.01 8.06 -13.37
N GLN B 359 13.92 7.19 -12.95
CA GLN B 359 13.70 6.38 -11.74
C GLN B 359 13.67 7.25 -10.49
N LEU B 360 14.53 8.28 -10.47
CA LEU B 360 14.53 9.21 -9.34
C LEU B 360 13.25 10.04 -9.27
N ARG B 361 12.76 10.48 -10.43
CA ARG B 361 11.50 11.23 -10.48
C ARG B 361 10.38 10.37 -9.93
N TYR B 362 10.36 9.11 -10.36
CA TYR B 362 9.35 8.16 -9.93
C TYR B 362 9.40 8.00 -8.39
N ALA B 363 10.62 7.83 -7.84
CA ALA B 363 10.79 7.72 -6.38
C ALA B 363 10.36 8.99 -5.63
N TRP B 364 10.73 10.16 -6.18
CA TRP B 364 10.41 11.43 -5.55
C TRP B 364 8.91 11.73 -5.55
N LYS B 365 8.26 11.47 -6.69
CA LYS B 365 6.82 11.65 -6.79
C LYS B 365 6.09 10.70 -5.85
N THR B 366 6.55 9.45 -5.78
CA THR B 366 5.98 8.48 -4.84
C THR B 366 6.09 8.96 -3.39
N LEU B 367 7.29 9.41 -3.00
CA LEU B 367 7.51 9.94 -1.65
C LEU B 367 6.62 11.15 -1.37
N MET B 368 6.55 12.07 -2.34
CA MET B 368 5.82 13.33 -2.15
C MET B 368 4.31 13.15 -2.13
N GLN B 369 3.83 11.99 -2.56
CA GLN B 369 2.43 11.65 -2.39
C GLN B 369 2.08 11.49 -0.91
N ASN B 370 3.12 11.36 -0.08
CA ASN B 370 2.97 11.36 1.37
C ASN B 370 3.19 12.73 2.00
N HIS B 371 3.51 13.73 1.17
CA HIS B 371 3.78 15.08 1.67
C HIS B 371 2.62 16.10 1.76
N PRO B 372 1.46 15.82 1.14
CA PRO B 372 0.34 16.73 1.43
C PRO B 372 0.15 16.89 2.94
N HIS B 373 -0.15 18.11 3.39
CA HIS B 373 -0.19 18.37 4.84
C HIS B 373 -0.96 17.32 5.67
N ASP B 374 -2.18 16.96 5.27
CA ASP B 374 -2.97 16.01 6.08
C ASP B 374 -2.37 14.61 6.14
N SER B 375 -1.52 14.30 5.17
CA SER B 375 -0.86 13.00 5.11
C SER B 375 0.33 12.99 6.08
N ILE B 376 1.38 13.75 5.79
CA ILE B 376 2.57 13.80 6.67
C ILE B 376 2.26 14.26 8.10
N CYS B 377 1.28 15.16 8.27
CA CYS B 377 0.91 15.63 9.60
C CYS B 377 0.27 14.55 10.48
N GLY B 378 -0.05 13.40 9.89
CA GLY B 378 -0.66 12.32 10.65
C GLY B 378 -2.03 12.69 11.20
N CYS B 379 -2.74 13.58 10.50
CA CYS B 379 -4.05 14.07 10.96
C CYS B 379 -5.21 13.65 10.05
N SER B 380 -5.12 12.41 9.54
CA SER B 380 -6.19 11.82 8.75
C SER B 380 -6.70 10.53 9.42
N VAL B 381 -7.60 9.81 8.75
CA VAL B 381 -8.11 8.55 9.31
C VAL B 381 -7.13 7.37 9.14
N ASP B 382 -7.40 6.25 9.82
CA ASP B 382 -6.45 5.13 9.83
C ASP B 382 -6.07 4.61 8.43
N SER B 383 -7.06 4.43 7.56
CA SER B 383 -6.80 3.92 6.20
C SER B 383 -5.76 4.74 5.46
N VAL B 384 -5.82 6.06 5.62
CA VAL B 384 -4.89 6.97 4.95
C VAL B 384 -3.46 6.69 5.38
N HIS B 385 -3.23 6.55 6.68
CA HIS B 385 -1.87 6.37 7.15
C HIS B 385 -1.28 4.97 6.84
N ARG B 386 -2.13 3.95 6.78
CA ARG B 386 -1.70 2.64 6.27
C ARG B 386 -1.26 2.74 4.81
N GLU B 387 -2.03 3.47 4.00
CA GLU B 387 -1.66 3.65 2.58
C GLU B 387 -0.31 4.37 2.44
N MET B 388 -0.09 5.40 3.26
CA MET B 388 1.19 6.13 3.31
C MET B 388 2.39 5.23 3.60
N MET B 389 2.24 4.30 4.53
CA MET B 389 3.34 3.39 4.86
C MET B 389 3.80 2.59 3.62
N THR B 390 2.83 2.15 2.82
CA THR B 390 3.12 1.46 1.56
C THR B 390 3.89 2.38 0.60
N ARG B 391 3.43 3.63 0.47
CA ARG B 391 4.14 4.61 -0.38
C ARG B 391 5.58 4.81 0.08
N PHE B 392 5.80 4.90 1.40
CA PHE B 392 7.17 5.05 1.92
C PHE B 392 8.05 3.87 1.51
N GLU B 393 7.50 2.66 1.65
CA GLU B 393 8.23 1.45 1.31
C GLU B 393 8.62 1.45 -0.17
N LYS B 394 7.67 1.83 -1.03
CA LYS B 394 7.90 1.85 -2.48
C LYS B 394 9.03 2.84 -2.85
N ALA B 395 8.95 4.07 -2.35
CA ALA B 395 9.97 5.08 -2.64
C ALA B 395 11.32 4.67 -2.08
N TYR B 396 11.32 4.12 -0.87
CA TYR B 396 12.56 3.63 -0.29
C TYR B 396 13.23 2.57 -1.17
N GLU B 397 12.43 1.59 -1.60
N GLU B 397 12.46 1.58 -1.62
CA GLU B 397 12.91 0.46 -2.39
CA GLU B 397 13.06 0.46 -2.36
C GLU B 397 13.60 0.94 -3.67
C GLU B 397 13.61 0.89 -3.73
N VAL B 398 12.97 1.87 -4.36
CA VAL B 398 13.52 2.48 -5.59
C VAL B 398 14.84 3.21 -5.29
N GLY B 399 14.84 4.09 -4.28
CA GLY B 399 16.08 4.76 -3.88
C GLY B 399 17.20 3.79 -3.49
N HIS B 400 16.84 2.76 -2.73
CA HIS B 400 17.79 1.74 -2.27
C HIS B 400 18.40 0.97 -3.44
N TYR B 401 17.55 0.57 -4.40
CA TYR B 401 18.05 -0.11 -5.60
C TYR B 401 19.08 0.76 -6.33
N LEU B 402 18.72 2.02 -6.56
CA LEU B 402 19.57 2.95 -7.30
C LEU B 402 20.88 3.24 -6.58
N ALA B 403 20.83 3.36 -5.25
CA ALA B 403 22.03 3.61 -4.46
C ALA B 403 23.01 2.44 -4.53
N LYS B 404 22.49 1.23 -4.42
CA LYS B 404 23.34 0.03 -4.47
C LYS B 404 23.96 -0.08 -5.85
N GLU B 405 23.16 0.19 -6.89
CA GLU B 405 23.67 0.16 -8.27
C GLU B 405 24.78 1.19 -8.51
N ALA B 406 24.58 2.41 -8.01
CA ALA B 406 25.58 3.48 -8.18
C ALA B 406 26.90 3.15 -7.45
N ALA B 407 26.79 2.67 -6.21
CA ALA B 407 27.96 2.30 -5.41
C ALA B 407 28.77 1.21 -6.12
N LYS B 408 28.07 0.22 -6.67
CA LYS B 408 28.72 -0.89 -7.40
C LYS B 408 29.43 -0.39 -8.64
N GLN B 409 28.78 0.52 -9.37
CA GLN B 409 29.35 1.11 -10.60
C GLN B 409 30.69 1.78 -10.31
N ILE B 410 30.75 2.54 -9.23
CA ILE B 410 31.99 3.18 -8.80
C ILE B 410 33.02 2.14 -8.38
N ALA B 411 32.64 1.22 -7.49
CA ALA B 411 33.57 0.23 -6.96
C ALA B 411 34.15 -0.66 -8.05
N ASP B 412 33.30 -1.06 -9.00
CA ASP B 412 33.76 -1.91 -10.11
C ASP B 412 34.72 -1.18 -11.05
N ALA B 413 34.73 0.14 -11.00
CA ALA B 413 35.63 0.97 -11.83
C ALA B 413 36.89 1.45 -11.09
N ILE B 414 36.99 1.15 -9.79
CA ILE B 414 38.18 1.45 -9.02
C ILE B 414 39.30 0.48 -9.36
N ASP B 415 40.53 1.00 -9.48
CA ASP B 415 41.73 0.19 -9.58
C ASP B 415 42.03 -0.45 -8.23
N THR B 416 41.64 -1.72 -8.10
CA THR B 416 41.81 -2.46 -6.84
C THR B 416 42.98 -3.45 -6.91
N ARG B 417 43.93 -3.20 -7.81
CA ARG B 417 45.05 -4.13 -8.02
C ARG B 417 46.06 -4.19 -6.87
N ASP B 418 46.07 -3.16 -6.01
CA ASP B 418 46.98 -3.16 -4.85
C ASP B 418 46.65 -4.20 -3.77
N PHE B 419 45.43 -4.73 -3.82
CA PHE B 419 45.00 -5.76 -2.86
C PHE B 419 45.34 -7.17 -3.36
N PRO B 420 45.88 -8.02 -2.46
CA PRO B 420 46.22 -9.42 -2.79
C PRO B 420 45.00 -10.22 -3.29
N MET B 421 45.26 -11.26 -4.07
CA MET B 421 44.17 -12.11 -4.59
C MET B 421 43.45 -12.91 -3.51
N ASP B 422 44.11 -13.12 -2.38
CA ASP B 422 43.50 -13.80 -1.24
C ASP B 422 42.79 -12.82 -0.29
N SER B 423 42.40 -11.65 -0.81
CA SER B 423 41.65 -10.67 -0.03
C SER B 423 40.33 -10.29 -0.70
N GLN B 424 39.42 -9.69 0.07
CA GLN B 424 38.13 -9.26 -0.45
C GLN B 424 38.00 -7.75 -0.31
N PRO B 425 38.23 -7.02 -1.42
CA PRO B 425 38.12 -5.55 -1.36
C PRO B 425 36.70 -5.06 -1.04
N PHE B 426 36.62 -3.92 -0.36
CA PHE B 426 35.35 -3.26 -0.14
C PHE B 426 35.60 -1.75 -0.08
N VAL B 427 34.61 -1.00 -0.57
CA VAL B 427 34.73 0.45 -0.68
C VAL B 427 33.76 1.08 0.31
N LEU B 428 34.26 2.06 1.06
CA LEU B 428 33.45 2.78 2.04
C LEU B 428 33.25 4.22 1.55
N PHE B 429 32.01 4.68 1.57
CA PHE B 429 31.65 6.02 1.09
C PHE B 429 31.11 6.88 2.21
N ASN B 430 31.55 8.13 2.25
CA ASN B 430 30.87 9.17 2.98
C ASN B 430 30.18 10.09 1.96
N THR B 431 28.84 9.99 1.92
CA THR B 431 28.00 10.70 0.96
C THR B 431 27.47 12.03 1.53
N SER B 432 27.98 12.41 2.72
CA SER B 432 27.61 13.67 3.37
C SER B 432 28.59 14.81 3.07
N GLY B 433 28.19 16.02 3.45
CA GLY B 433 28.93 17.24 3.12
C GLY B 433 30.10 17.65 4.00
N HIS B 434 30.28 16.98 5.15
CA HIS B 434 31.45 17.23 6.01
C HIS B 434 32.12 15.90 6.38
N SER B 435 33.28 15.98 7.03
CA SER B 435 34.01 14.80 7.45
C SER B 435 33.14 13.92 8.35
N LYS B 436 33.18 12.61 8.13
CA LYS B 436 32.35 11.67 8.89
C LYS B 436 33.25 10.74 9.68
N THR B 437 33.21 10.86 11.01
CA THR B 437 33.94 9.95 11.88
C THR B 437 32.94 9.03 12.59
N SER B 438 33.09 7.73 12.38
CA SER B 438 32.19 6.76 12.99
C SER B 438 32.83 5.39 13.14
N VAL B 439 32.22 4.58 14.00
CA VAL B 439 32.57 3.18 14.10
C VAL B 439 31.52 2.47 13.27
N ALA B 440 31.90 2.13 12.05
CA ALA B 440 30.98 1.50 11.08
C ALA B 440 30.70 0.06 11.46
N GLU B 441 29.43 -0.33 11.41
CA GLU B 441 29.05 -1.70 11.70
C GLU B 441 28.81 -2.48 10.41
N LEU B 442 29.71 -3.42 10.14
CA LEU B 442 29.76 -4.12 8.85
C LEU B 442 29.47 -5.62 8.91
N SER B 443 28.91 -6.11 7.82
CA SER B 443 28.79 -7.53 7.55
C SER B 443 29.30 -7.77 6.13
N LEU B 444 30.50 -8.34 6.02
CA LEU B 444 31.13 -8.57 4.72
C LEU B 444 31.04 -10.04 4.31
N THR B 445 30.92 -10.27 3.00
CA THR B 445 30.99 -11.62 2.46
C THR B 445 32.44 -12.01 2.18
N TRP B 446 32.90 -13.05 2.86
CA TRP B 446 34.26 -13.55 2.70
C TRP B 446 34.39 -14.51 1.52
N LYS B 447 33.44 -15.44 1.43
CA LYS B 447 33.46 -16.51 0.43
C LYS B 447 32.05 -16.88 0.04
N LYS B 448 31.87 -17.28 -1.21
CA LYS B 448 30.57 -17.73 -1.68
C LYS B 448 30.64 -19.20 -2.09
N TYR B 449 29.71 -19.99 -1.58
CA TYR B 449 29.58 -21.39 -2.01
C TYR B 449 28.31 -21.52 -2.83
N HIS B 450 28.46 -21.58 -4.15
CA HIS B 450 27.29 -21.58 -5.04
C HIS B 450 26.55 -22.91 -5.00
N PHE B 451 25.21 -22.85 -5.13
CA PHE B 451 24.37 -24.06 -5.14
C PHE B 451 24.76 -24.99 -6.29
N GLY B 452 24.96 -24.43 -7.48
CA GLY B 452 25.21 -25.24 -8.67
C GLY B 452 24.06 -26.22 -8.84
N GLN B 453 24.39 -27.47 -9.13
CA GLN B 453 23.39 -28.54 -9.23
C GLN B 453 23.38 -29.46 -7.99
N ARG B 454 24.08 -29.04 -6.93
CA ARG B 454 24.20 -29.87 -5.74
C ARG B 454 23.00 -29.62 -4.82
N PHE B 455 22.78 -30.52 -3.85
CA PHE B 455 21.79 -30.27 -2.81
C PHE B 455 22.30 -29.14 -1.90
N PRO B 456 21.47 -28.12 -1.63
CA PRO B 456 21.90 -27.04 -0.74
C PRO B 456 22.57 -27.57 0.54
N LYS B 457 22.03 -28.65 1.09
CA LYS B 457 22.60 -29.30 2.27
C LYS B 457 24.10 -29.60 2.13
N GLU B 458 24.51 -30.13 0.97
CA GLU B 458 25.92 -30.47 0.73
C GLU B 458 26.80 -29.22 0.76
N VAL B 459 26.26 -28.15 0.18
CA VAL B 459 26.96 -26.87 0.04
C VAL B 459 27.08 -26.20 1.41
N TYR B 460 25.99 -26.25 2.18
CA TYR B 460 25.97 -25.73 3.54
C TYR B 460 27.06 -26.40 4.39
N GLN B 461 27.18 -27.72 4.28
CA GLN B 461 28.16 -28.48 5.07
C GLN B 461 29.59 -28.14 4.69
N GLU B 462 29.83 -27.93 3.41
CA GLU B 462 31.15 -27.50 2.95
C GLU B 462 31.54 -26.17 3.61
N ALA B 463 30.59 -25.23 3.67
CA ALA B 463 30.81 -23.95 4.36
C ALA B 463 31.09 -24.14 5.86
N GLN B 464 30.31 -25.03 6.49
CA GLN B 464 30.52 -25.36 7.91
C GLN B 464 31.91 -25.91 8.14
N GLU B 465 32.37 -26.79 7.25
CA GLU B 465 33.68 -27.40 7.38
C GLU B 465 34.83 -26.41 7.20
N TYR B 466 34.68 -25.46 6.27
CA TYR B 466 35.65 -24.36 6.11
C TYR B 466 35.84 -23.57 7.41
N LEU B 467 34.73 -23.16 8.03
CA LEU B 467 34.78 -22.43 9.29
C LEU B 467 35.32 -23.28 10.45
N ALA B 468 34.96 -24.57 10.48
CA ALA B 468 35.49 -25.51 11.48
C ALA B 468 37.02 -25.64 11.39
N ARG B 469 37.55 -25.59 10.17
CA ARG B 469 38.98 -25.74 9.92
C ARG B 469 39.76 -24.41 10.04
N LEU B 470 39.03 -23.29 10.12
CA LEU B 470 39.65 -21.95 10.15
C LEU B 470 40.52 -21.76 11.38
N SER B 471 41.79 -21.45 11.18
CA SER B 471 42.71 -21.21 12.30
C SER B 471 43.29 -19.78 12.35
N GLN B 472 43.19 -19.08 11.23
CA GLN B 472 43.69 -17.70 11.12
C GLN B 472 42.60 -16.72 11.55
N SER B 473 42.98 -15.45 11.69
CA SER B 473 42.05 -14.39 12.10
C SER B 473 41.80 -13.39 10.97
N PHE B 474 40.56 -12.91 10.89
CA PHE B 474 40.22 -11.86 9.92
C PHE B 474 40.83 -10.51 10.27
N GLN B 475 41.29 -9.80 9.23
CA GLN B 475 41.94 -8.49 9.39
C GLN B 475 41.53 -7.57 8.26
N ILE B 476 41.64 -6.26 8.49
CA ILE B 476 41.33 -5.25 7.50
C ILE B 476 42.62 -4.53 7.10
N ILE B 477 42.87 -4.49 5.79
CA ILE B 477 44.06 -3.86 5.23
C ILE B 477 43.73 -2.69 4.30
N ASP B 478 44.68 -1.79 4.10
CA ASP B 478 44.54 -0.75 3.07
C ASP B 478 45.35 -1.13 1.83
N THR B 479 45.45 -0.24 0.85
CA THR B 479 46.14 -0.55 -0.40
C THR B 479 47.65 -0.85 -0.19
N SER B 480 48.23 -0.30 0.88
CA SER B 480 49.67 -0.51 1.16
C SER B 480 49.93 -1.86 1.84
N GLY B 481 48.85 -2.55 2.21
CA GLY B 481 48.93 -3.83 2.90
C GLY B 481 48.90 -3.70 4.41
N GLN B 482 48.84 -2.46 4.89
CA GLN B 482 48.84 -2.15 6.31
C GLN B 482 47.54 -2.58 7.00
N VAL B 483 47.68 -3.29 8.13
CA VAL B 483 46.54 -3.75 8.95
C VAL B 483 46.00 -2.61 9.82
N ARG B 484 44.68 -2.49 9.89
CA ARG B 484 44.02 -1.53 10.78
C ARG B 484 43.71 -2.20 12.12
N PRO B 485 44.50 -1.87 13.16
CA PRO B 485 44.42 -2.59 14.43
C PRO B 485 43.12 -2.35 15.20
N GLU B 486 42.46 -1.22 14.93
CA GLU B 486 41.25 -0.79 15.65
C GLU B 486 40.00 -1.54 15.22
N ALA B 487 40.06 -2.23 14.08
CA ALA B 487 38.94 -3.07 13.61
C ALA B 487 38.69 -4.18 14.63
N GLU B 488 37.42 -4.48 14.87
CA GLU B 488 37.07 -5.56 15.79
C GLU B 488 36.19 -6.59 15.08
N ILE B 489 36.69 -7.81 14.99
CA ILE B 489 35.90 -8.91 14.41
C ILE B 489 34.90 -9.38 15.47
N LEU B 490 33.62 -9.27 15.17
CA LEU B 490 32.59 -9.65 16.12
C LEU B 490 32.19 -11.13 16.01
N GLY B 491 32.22 -11.66 14.80
CA GLY B 491 31.91 -13.08 14.59
C GLY B 491 31.84 -13.46 13.12
N THR B 492 31.63 -14.75 12.88
CA THR B 492 31.46 -15.29 11.54
C THR B 492 30.18 -16.11 11.52
N SER B 493 29.55 -16.22 10.36
CA SER B 493 28.34 -17.02 10.20
C SER B 493 28.19 -17.45 8.75
N ILE B 494 27.22 -18.34 8.52
CA ILE B 494 26.83 -18.76 7.19
C ILE B 494 25.44 -18.22 6.92
N ALA B 495 25.25 -17.61 5.76
CA ALA B 495 23.96 -17.05 5.42
C ALA B 495 23.66 -17.24 3.95
N PHE B 496 22.46 -17.71 3.65
CA PHE B 496 21.97 -17.72 2.28
C PHE B 496 21.97 -16.31 1.71
N ASP B 497 22.37 -16.17 0.45
CA ASP B 497 22.35 -14.89 -0.25
C ASP B 497 22.30 -15.20 -1.74
N TYR B 498 22.12 -14.17 -2.56
CA TYR B 498 22.05 -14.36 -4.01
C TYR B 498 22.49 -13.12 -4.75
N ASP B 499 22.95 -13.32 -5.98
CA ASP B 499 23.29 -12.22 -6.88
C ASP B 499 22.35 -12.22 -8.07
N LEU B 500 22.05 -11.03 -8.56
CA LEU B 500 21.20 -10.87 -9.73
C LEU B 500 22.00 -10.19 -10.83
N PRO B 501 22.72 -10.98 -11.64
CA PRO B 501 23.57 -10.41 -12.69
C PRO B 501 22.72 -9.70 -13.74
N LYS B 502 23.34 -8.74 -14.45
CA LYS B 502 22.68 -7.98 -15.51
C LYS B 502 22.36 -8.80 -16.76
N ARG B 503 23.12 -9.85 -17.01
CA ARG B 503 23.07 -10.57 -18.28
C ARG B 503 22.83 -12.07 -18.14
N SER B 504 22.51 -12.52 -16.93
CA SER B 504 22.24 -13.93 -16.72
C SER B 504 21.30 -14.16 -15.53
N PHE B 505 20.95 -15.42 -15.32
CA PHE B 505 19.99 -15.88 -14.31
C PHE B 505 20.51 -15.66 -12.87
N ARG B 506 19.59 -15.59 -11.90
CA ARG B 506 19.92 -15.48 -10.46
C ARG B 506 20.95 -16.52 -10.00
N GLU B 507 21.76 -16.15 -9.00
CA GLU B 507 22.86 -16.99 -8.54
C GLU B 507 22.80 -17.16 -7.03
N PRO B 508 22.18 -18.26 -6.55
CA PRO B 508 22.06 -18.49 -5.11
C PRO B 508 23.35 -19.07 -4.54
N TYR B 509 23.63 -18.78 -3.27
CA TYR B 509 24.81 -19.31 -2.60
C TYR B 509 24.66 -19.21 -1.09
N PHE B 510 25.50 -19.95 -0.38
CA PHE B 510 25.75 -19.71 1.03
C PHE B 510 27.02 -18.88 1.15
N ALA B 511 26.90 -17.73 1.83
CA ALA B 511 28.03 -16.84 2.04
C ALA B 511 28.61 -17.10 3.41
N ILE B 512 29.94 -17.08 3.51
CA ILE B 512 30.59 -16.94 4.80
C ILE B 512 30.61 -15.45 5.08
N LYS B 513 29.94 -15.06 6.17
CA LYS B 513 29.79 -13.66 6.53
C LYS B 513 30.70 -13.30 7.69
N VAL B 514 31.36 -12.15 7.56
CA VAL B 514 32.19 -11.64 8.65
C VAL B 514 31.57 -10.36 9.19
N ARG B 515 31.21 -10.40 10.48
CA ARG B 515 30.61 -9.28 11.19
C ARG B 515 31.75 -8.54 11.91
N LEU B 516 31.83 -7.24 11.71
CA LEU B 516 32.89 -6.43 12.32
C LEU B 516 32.54 -4.96 12.55
N ARG B 517 33.30 -4.35 13.47
CA ARG B 517 33.26 -2.91 13.72
CA ARG B 517 33.25 -2.92 13.71
C ARG B 517 34.50 -2.29 13.14
N LEU B 518 34.34 -1.17 12.42
CA LEU B 518 35.49 -0.52 11.80
C LEU B 518 35.50 0.99 12.07
N PRO B 519 36.30 1.44 13.07
CA PRO B 519 36.49 2.88 13.25
C PRO B 519 37.11 3.48 11.99
N ILE B 520 36.50 4.54 11.47
CA ILE B 520 36.98 5.18 10.24
C ILE B 520 36.60 6.65 10.21
N THR B 521 37.50 7.45 9.62
CA THR B 521 37.22 8.83 9.28
C THR B 521 37.30 8.96 7.76
N LEU B 522 36.23 9.51 7.17
CA LEU B 522 36.15 9.76 5.74
C LEU B 522 35.81 11.23 5.50
N PRO B 523 36.60 11.93 4.67
CA PRO B 523 36.29 13.33 4.38
C PRO B 523 34.94 13.43 3.64
N ALA B 524 34.39 14.63 3.57
CA ALA B 524 33.17 14.91 2.82
C ALA B 524 33.19 14.32 1.41
N MET B 525 32.07 13.74 1.01
CA MET B 525 31.86 13.23 -0.36
C MET B 525 33.07 12.46 -0.89
N SER B 526 33.47 11.43 -0.15
CA SER B 526 34.73 10.71 -0.41
C SER B 526 34.52 9.22 -0.32
N TRP B 527 35.45 8.48 -0.91
CA TRP B 527 35.52 7.05 -0.73
C TRP B 527 36.94 6.59 -0.38
N LYS B 528 37.00 5.40 0.21
CA LYS B 528 38.26 4.74 0.56
C LYS B 528 38.06 3.25 0.35
N THR B 529 39.00 2.61 -0.34
CA THR B 529 38.95 1.15 -0.52
C THR B 529 39.85 0.47 0.50
N LEU B 530 39.32 -0.57 1.14
CA LEU B 530 40.07 -1.43 2.04
C LEU B 530 39.82 -2.89 1.61
N ALA B 531 40.38 -3.84 2.34
CA ALA B 531 40.07 -5.25 2.07
C ALA B 531 40.08 -6.13 3.33
N LEU B 532 39.25 -7.18 3.28
CA LEU B 532 39.20 -8.19 4.32
C LEU B 532 40.15 -9.32 3.93
N LYS B 533 40.96 -9.78 4.88
CA LYS B 533 41.89 -10.88 4.62
C LYS B 533 42.06 -11.75 5.85
N LEU B 534 42.71 -12.91 5.68
CA LEU B 534 43.12 -13.76 6.80
C LEU B 534 44.59 -13.51 7.10
N GLY B 535 44.93 -13.38 8.38
CA GLY B 535 46.31 -13.16 8.80
C GLY B 535 46.65 -13.75 10.16
N VAL B 544 42.19 -0.23 27.65
CA VAL B 544 41.19 0.31 28.59
C VAL B 544 39.89 0.63 27.86
N SER B 545 38.82 -0.02 28.30
CA SER B 545 37.49 0.13 27.71
C SER B 545 36.85 1.48 28.03
N LEU B 546 35.85 1.85 27.25
CA LEU B 546 35.14 3.12 27.43
C LEU B 546 34.22 3.16 28.66
N TYR B 547 33.67 2.02 29.04
CA TYR B 547 32.78 1.92 30.20
C TYR B 547 33.48 1.31 31.41
N ASP B 548 33.21 1.88 32.57
CA ASP B 548 33.79 1.40 33.83
C ASP B 548 32.64 0.93 34.71
N ASP B 549 32.53 -0.39 34.88
CA ASP B 549 31.40 -0.99 35.61
C ASP B 549 31.38 -0.67 37.11
N SER B 550 32.54 -0.47 37.71
CA SER B 550 32.63 -0.15 39.14
C SER B 550 32.18 1.28 39.43
N ASN B 551 32.18 2.08 38.37
CA ASN B 551 31.95 3.51 38.43
C ASN B 551 30.63 3.87 37.72
N GLN B 552 30.13 2.91 36.93
CA GLN B 552 28.99 3.13 36.04
C GLN B 552 29.18 4.39 35.20
N CYS B 553 30.39 4.52 34.67
CA CYS B 553 30.79 5.70 33.92
CA CYS B 553 30.79 5.70 33.91
C CYS B 553 31.27 5.37 32.50
N LEU B 554 30.64 5.99 31.50
CA LEU B 554 31.14 5.97 30.12
C LEU B 554 32.02 7.20 29.94
N GLU B 555 33.23 7.02 29.43
CA GLU B 555 34.16 8.14 29.27
C GLU B 555 35.01 8.06 28.01
N ASN B 556 35.03 9.15 27.25
CA ASN B 556 35.99 9.32 26.17
C ASN B 556 36.71 10.67 26.31
N GLY B 557 37.40 11.11 25.26
CA GLY B 557 38.12 12.37 25.28
C GLY B 557 37.23 13.60 25.45
N PHE B 558 35.95 13.47 25.14
CA PHE B 558 34.98 14.59 25.19
C PHE B 558 34.08 14.63 26.43
N LEU B 559 33.57 13.47 26.83
CA LEU B 559 32.53 13.40 27.85
C LEU B 559 32.82 12.32 28.89
N LYS B 560 32.46 12.63 30.13
CA LYS B 560 32.32 11.65 31.19
C LYS B 560 30.82 11.54 31.50
N VAL B 561 30.27 10.33 31.36
CA VAL B 561 28.83 10.08 31.46
C VAL B 561 28.56 9.13 32.63
N MET B 562 28.09 9.68 33.75
CA MET B 562 27.76 8.85 34.89
C MET B 562 26.30 8.43 34.90
N ILE B 563 26.06 7.12 34.86
CA ILE B 563 24.70 6.61 34.96
C ILE B 563 24.32 6.64 36.44
N GLN B 564 23.31 7.45 36.77
CA GLN B 564 22.87 7.60 38.15
C GLN B 564 22.14 6.36 38.63
N THR B 565 21.94 6.24 39.94
CA THR B 565 21.21 5.11 40.49
C THR B 565 19.77 5.02 39.93
N ASP B 566 19.16 6.17 39.64
CA ASP B 566 17.79 6.22 39.06
C ASP B 566 17.74 6.10 37.52
N GLY B 567 18.90 5.92 36.90
CA GLY B 567 18.98 5.74 35.43
C GLY B 567 19.15 7.03 34.64
N ARG B 568 19.00 8.17 35.31
CA ARG B 568 19.28 9.45 34.68
C ARG B 568 20.80 9.64 34.57
N LEU B 569 21.24 10.60 33.76
CA LEU B 569 22.67 10.78 33.50
C LEU B 569 23.23 12.07 34.06
N THR B 570 24.43 11.97 34.64
CA THR B 570 25.25 13.14 34.92
C THR B 570 26.38 13.20 33.90
N ILE B 571 26.37 14.22 33.05
CA ILE B 571 27.35 14.34 31.98
C ILE B 571 28.29 15.53 32.22
N THR B 572 29.59 15.26 32.23
CA THR B 572 30.60 16.30 32.38
C THR B 572 31.29 16.55 31.05
N ASP B 573 31.30 17.81 30.62
CA ASP B 573 32.07 18.20 29.45
C ASP B 573 33.53 18.35 29.85
N LYS B 574 34.38 17.51 29.28
CA LYS B 574 35.81 17.45 29.65
C LYS B 574 36.69 18.61 29.14
N GLN B 575 36.16 19.43 28.24
CA GLN B 575 36.87 20.61 27.76
C GLN B 575 36.48 21.85 28.54
N SER B 576 35.19 22.03 28.74
CA SER B 576 34.65 23.22 29.37
C SER B 576 34.55 23.05 30.89
N GLY B 577 34.40 21.80 31.34
CA GLY B 577 34.27 21.51 32.76
C GLY B 577 32.84 21.57 33.27
N LEU B 578 31.90 21.97 32.41
CA LEU B 578 30.50 22.07 32.81
C LEU B 578 29.92 20.69 33.12
N ILE B 579 29.07 20.65 34.15
CA ILE B 579 28.42 19.40 34.59
C ILE B 579 26.91 19.52 34.41
N TYR B 580 26.30 18.50 33.80
CA TYR B 580 24.84 18.42 33.66
C TYR B 580 24.30 17.20 34.37
N GLN B 581 23.53 17.42 35.45
CA GLN B 581 22.94 16.35 36.24
C GLN B 581 21.51 16.03 35.78
N ASP B 582 21.05 14.81 36.05
CA ASP B 582 19.66 14.43 35.86
C ASP B 582 19.19 14.57 34.41
N LEU B 583 20.10 14.28 33.48
CA LEU B 583 19.74 14.24 32.06
C LEU B 583 19.01 12.95 31.73
N LEU B 584 18.28 12.96 30.63
CA LEU B 584 17.62 11.78 30.06
C LEU B 584 16.48 11.27 30.96
N ARG B 585 15.57 12.17 31.32
CA ARG B 585 14.42 11.79 32.13
C ARG B 585 13.26 11.46 31.22
N PHE B 586 12.64 10.29 31.43
CA PHE B 586 11.48 9.89 30.65
C PHE B 586 10.19 10.23 31.39
N GLU B 587 9.30 10.92 30.67
CA GLU B 587 8.15 11.59 31.27
C GLU B 587 6.89 11.13 30.54
N ASP B 588 5.95 10.54 31.26
CA ASP B 588 4.69 10.10 30.66
C ASP B 588 3.51 10.92 31.18
N CYS B 589 2.79 11.56 30.25
CA CYS B 589 1.64 12.40 30.58
C CYS B 589 0.38 11.91 29.88
N GLY B 590 -0.79 12.32 30.36
CA GLY B 590 -2.05 12.06 29.66
C GLY B 590 -2.16 12.89 28.38
N ASP B 591 -2.90 12.38 27.41
CA ASP B 591 -3.28 13.19 26.25
C ASP B 591 -4.72 12.88 25.85
N ILE B 592 -5.60 13.84 26.07
CA ILE B 592 -7.03 13.68 25.78
C ILE B 592 -7.43 14.49 24.55
N GLY B 593 -6.43 14.79 23.73
CA GLY B 593 -6.63 15.60 22.52
C GLY B 593 -6.84 14.73 21.29
N ASN B 594 -6.30 15.20 20.17
CA ASN B 594 -6.49 14.57 18.87
C ASN B 594 -5.20 14.59 18.05
N GLU B 595 -5.28 14.23 16.76
CA GLU B 595 -4.07 14.18 15.92
C GLU B 595 -3.42 15.56 15.68
N TYR B 596 -4.18 16.63 15.91
CA TYR B 596 -3.68 17.99 15.67
C TYR B 596 -3.13 18.67 16.92
N ILE B 597 -3.76 18.37 18.06
CA ILE B 597 -3.56 19.14 19.30
C ILE B 597 -3.45 18.21 20.51
N SER B 598 -2.37 18.36 21.26
CA SER B 598 -2.17 17.62 22.52
C SER B 598 -2.81 18.37 23.66
N ARG B 599 -3.55 17.66 24.51
CA ARG B 599 -4.16 18.26 25.69
C ARG B 599 -3.90 17.35 26.89
N GLN B 600 -3.20 17.88 27.88
CA GLN B 600 -3.04 17.13 29.14
C GLN B 600 -4.26 17.38 30.00
N PRO B 601 -4.81 16.32 30.66
CA PRO B 601 -5.97 16.47 31.53
C PRO B 601 -5.78 17.53 32.61
N ASN B 602 -6.88 18.09 33.11
CA ASN B 602 -6.80 19.01 34.23
C ASN B 602 -6.09 18.29 35.36
N HIS B 603 -5.17 19.00 36.03
CA HIS B 603 -4.40 18.47 37.16
C HIS B 603 -3.45 17.32 36.82
N ASP B 604 -3.13 17.14 35.54
CA ASP B 604 -2.28 16.04 35.11
C ASP B 604 -0.91 16.12 35.79
N GLN B 605 -0.46 14.99 36.35
CA GLN B 605 0.88 14.92 36.92
CA GLN B 605 0.87 14.88 36.98
C GLN B 605 1.67 13.83 36.21
N PRO B 606 2.85 14.18 35.68
CA PRO B 606 3.62 13.18 34.93
C PRO B 606 4.06 11.98 35.76
N PHE B 607 4.26 10.86 35.08
CA PHE B 607 4.90 9.68 35.66
C PHE B 607 6.32 9.66 35.15
N TYR B 608 7.28 9.48 36.05
CA TYR B 608 8.68 9.45 35.65
C TYR B 608 9.27 8.05 35.75
N ALA B 609 9.95 7.64 34.68
CA ALA B 609 10.54 6.30 34.59
C ALA B 609 11.60 6.05 35.66
N ASP B 610 12.31 7.11 36.04
CA ASP B 610 13.38 7.05 37.02
C ASP B 610 12.86 6.79 38.44
N GLN B 611 11.55 6.86 38.62
CA GLN B 611 10.96 6.56 39.93
C GLN B 611 10.42 5.13 39.98
N GLY B 612 10.71 4.37 38.92
CA GLY B 612 10.36 2.96 38.84
C GLY B 612 11.55 2.06 39.15
N THR B 613 11.54 0.86 38.56
CA THR B 613 12.60 -0.12 38.79
C THR B 613 13.65 -0.03 37.68
N ILE B 614 14.91 0.13 38.06
CA ILE B 614 16.00 0.42 37.11
C ILE B 614 16.93 -0.77 36.99
N LYS B 615 17.33 -1.12 35.76
CA LYS B 615 18.32 -2.18 35.52
C LYS B 615 19.30 -1.74 34.42
N LEU B 616 20.56 -2.17 34.56
CA LEU B 616 21.64 -1.82 33.63
C LEU B 616 22.21 -3.07 32.99
N ASN B 617 22.45 -3.00 31.68
CA ASN B 617 23.00 -4.13 30.94
C ASN B 617 24.08 -3.65 29.99
N ILE B 618 25.28 -4.24 30.09
CA ILE B 618 26.35 -3.93 29.14
C ILE B 618 26.16 -4.77 27.89
N ILE B 619 25.95 -4.09 26.75
CA ILE B 619 25.84 -4.74 25.45
C ILE B 619 27.21 -4.94 24.82
N SER B 620 28.04 -3.90 24.86
CA SER B 620 29.41 -4.03 24.41
C SER B 620 30.30 -3.00 25.09
N ASN B 621 31.60 -3.30 25.14
CA ASN B 621 32.53 -2.45 25.86
C ASN B 621 33.97 -2.68 25.40
N THR B 622 34.44 -1.82 24.51
CA THR B 622 35.83 -1.87 24.04
C THR B 622 36.41 -0.47 24.14
N ALA B 623 37.67 -0.31 23.73
CA ALA B 623 38.33 0.99 23.63
C ALA B 623 37.74 1.90 22.53
N GLN B 624 36.99 1.30 21.61
CA GLN B 624 36.44 2.04 20.46
C GLN B 624 34.96 2.39 20.61
N VAL B 625 34.21 1.55 21.32
CA VAL B 625 32.76 1.74 21.46
C VAL B 625 32.28 1.04 22.72
N ALA B 626 31.36 1.70 23.43
CA ALA B 626 30.59 1.06 24.49
C ALA B 626 29.12 1.27 24.24
N GLU B 627 28.35 0.22 24.47
CA GLU B 627 26.89 0.24 24.40
C GLU B 627 26.32 -0.23 25.72
N LEU B 628 25.58 0.65 26.38
CA LEU B 628 24.94 0.39 27.66
C LEU B 628 23.44 0.49 27.50
N GLU B 629 22.71 -0.46 28.08
CA GLU B 629 21.24 -0.37 28.14
C GLU B 629 20.77 0.01 29.53
N ILE B 630 20.00 1.09 29.61
CA ILE B 630 19.33 1.48 30.85
C ILE B 630 17.86 1.10 30.69
N GLN B 631 17.37 0.25 31.58
CA GLN B 631 15.99 -0.22 31.50
C GLN B 631 15.19 0.28 32.70
N GLN B 632 14.03 0.88 32.44
CA GLN B 632 13.13 1.27 33.52
C GLN B 632 11.78 0.62 33.36
N THR B 633 11.23 0.14 34.47
CA THR B 633 9.85 -0.33 34.50
C THR B 633 9.05 0.58 35.45
N PHE B 634 8.00 1.21 34.94
CA PHE B 634 7.14 2.05 35.78
C PHE B 634 5.68 1.94 35.36
N ALA B 635 4.78 2.06 36.33
CA ALA B 635 3.35 1.88 36.08
C ALA B 635 2.73 3.18 35.56
N ILE B 636 1.99 3.09 34.46
CA ILE B 636 1.28 4.23 33.91
C ILE B 636 -0.19 3.88 33.66
N PRO B 637 -1.08 4.89 33.69
CA PRO B 637 -2.48 4.61 33.35
C PRO B 637 -2.56 3.93 32.00
N ILE B 638 -3.39 2.88 31.91
CA ILE B 638 -3.50 2.08 30.69
C ILE B 638 -4.27 2.81 29.58
N SER B 639 -5.07 3.81 29.95
CA SER B 639 -5.93 4.51 29.00
C SER B 639 -6.41 5.82 29.60
N ALA B 640 -7.24 6.54 28.86
CA ALA B 640 -8.02 7.63 29.43
C ALA B 640 -9.26 7.04 30.09
N ASP B 641 -9.96 7.84 30.89
CA ASP B 641 -11.18 7.36 31.53
C ASP B 641 -12.33 7.28 30.53
N LYS B 642 -13.49 6.81 30.98
CA LYS B 642 -14.62 6.60 30.07
C LYS B 642 -15.25 7.90 29.57
N LEU B 643 -15.06 8.98 30.33
CA LEU B 643 -15.56 10.31 29.89
C LEU B 643 -14.98 10.74 28.54
N LEU B 644 -13.73 10.39 28.27
CA LEU B 644 -13.13 10.78 26.99
C LEU B 644 -13.98 10.33 25.80
N GLN B 645 -14.44 9.09 25.83
CA GLN B 645 -15.24 8.58 24.71
C GLN B 645 -16.48 9.45 24.46
N ALA B 646 -17.17 9.84 25.52
CA ALA B 646 -18.36 10.69 25.41
C ALA B 646 -18.03 12.08 24.85
N GLU B 647 -16.90 12.64 25.30
CA GLU B 647 -16.48 13.97 24.86
C GLU B 647 -16.07 14.00 23.39
N MET B 648 -15.44 12.92 22.92
CA MET B 648 -15.11 12.83 21.51
C MET B 648 -16.39 12.67 20.68
N GLU B 649 -17.31 11.82 21.15
CA GLU B 649 -18.54 11.57 20.40
C GLU B 649 -19.40 12.80 20.25
N ALA B 650 -19.35 13.68 21.27
CA ALA B 650 -20.12 14.92 21.29
C ALA B 650 -19.37 16.09 20.64
N VAL B 651 -18.17 15.81 20.11
CA VAL B 651 -17.32 16.83 19.47
C VAL B 651 -17.11 18.01 20.44
N ILE B 652 -16.70 17.68 21.65
CA ILE B 652 -16.34 18.68 22.66
C ILE B 652 -14.95 19.23 22.35
N ASP B 653 -14.82 20.56 22.26
CA ASP B 653 -13.52 21.19 22.02
C ASP B 653 -12.49 20.72 23.04
N ILE B 654 -11.27 20.45 22.57
CA ILE B 654 -10.22 19.90 23.42
C ILE B 654 -9.96 20.72 24.68
N THR B 655 -10.10 22.03 24.59
CA THR B 655 -9.82 22.93 25.72
C THR B 655 -10.86 22.83 26.83
N GLU B 656 -12.03 22.26 26.53
CA GLU B 656 -13.13 22.15 27.49
C GLU B 656 -13.24 20.76 28.12
N ARG B 657 -12.44 19.81 27.63
CA ARG B 657 -12.54 18.41 28.04
C ARG B 657 -12.14 18.18 29.49
N GLN B 658 -12.98 17.39 30.16
CA GLN B 658 -12.86 17.08 31.58
C GLN B 658 -12.30 15.69 31.83
N ALA B 659 -12.17 14.89 30.77
CA ALA B 659 -11.59 13.55 30.89
C ALA B 659 -10.22 13.57 31.57
N ARG B 660 -9.99 12.53 32.35
CA ARG B 660 -8.73 12.29 33.03
C ARG B 660 -8.16 10.95 32.57
N ARG B 661 -6.98 10.60 33.07
CA ARG B 661 -6.37 9.31 32.84
C ARG B 661 -7.10 8.25 33.65
N SER B 662 -7.04 7.01 33.20
CA SER B 662 -7.70 5.91 33.91
C SER B 662 -7.04 5.68 35.28
N GLN B 663 -7.80 5.07 36.20
CA GLN B 663 -7.28 4.59 37.47
C GLN B 663 -6.38 3.39 37.30
N GLU B 664 -6.80 2.46 36.45
CA GLU B 664 -6.07 1.24 36.22
C GLU B 664 -4.73 1.56 35.56
N LYS B 665 -3.67 0.96 36.10
CA LYS B 665 -2.33 1.14 35.56
C LYS B 665 -1.75 -0.18 35.06
N ALA B 666 -0.74 -0.08 34.19
CA ALA B 666 0.01 -1.25 33.77
C ALA B 666 1.47 -0.86 33.66
N GLU B 667 2.36 -1.86 33.79
CA GLU B 667 3.79 -1.61 33.70
C GLU B 667 4.27 -1.37 32.28
N LEU B 668 5.00 -0.27 32.10
CA LEU B 668 5.65 0.04 30.83
C LEU B 668 7.16 -0.11 31.06
N THR B 669 7.81 -0.88 30.19
CA THR B 669 9.26 -1.04 30.26
C THR B 669 9.94 -0.31 29.10
N LEU B 670 10.78 0.67 29.44
CA LEU B 670 11.61 1.36 28.48
C LEU B 670 13.04 0.82 28.54
N THR B 671 13.67 0.70 27.37
CA THR B 671 15.07 0.29 27.29
C THR B 671 15.76 1.27 26.36
N THR B 672 16.78 1.95 26.89
CA THR B 672 17.53 2.94 26.12
C THR B 672 18.96 2.46 25.97
N LEU B 673 19.36 2.27 24.71
CA LEU B 673 20.73 1.93 24.40
C LEU B 673 21.53 3.22 24.19
N ILE B 674 22.57 3.39 25.00
CA ILE B 674 23.49 4.50 24.90
C ILE B 674 24.75 4.02 24.20
N ARG B 675 25.07 4.62 23.06
CA ARG B 675 26.28 4.29 22.33
C ARG B 675 27.28 5.44 22.38
N MET B 676 28.42 5.20 22.99
CA MET B 676 29.55 6.13 22.96
C MET B 676 30.62 5.57 22.02
N GLU B 677 31.19 6.43 21.18
CA GLU B 677 32.31 6.04 20.34
C GLU B 677 33.55 6.86 20.69
N LYS B 678 34.70 6.19 20.65
CA LYS B 678 35.96 6.80 21.07
C LYS B 678 36.16 8.25 20.60
N ASN B 679 36.10 8.49 19.30
CA ASN B 679 36.43 9.82 18.76
C ASN B 679 35.24 10.65 18.33
N ASN B 680 34.13 10.46 19.06
CA ASN B 680 32.85 11.05 18.72
C ASN B 680 32.31 11.83 19.92
N PRO B 681 32.11 13.16 19.76
CA PRO B 681 31.60 13.98 20.85
C PRO B 681 30.10 13.78 21.08
N ARG B 682 29.43 13.18 20.09
CA ARG B 682 28.00 12.97 20.11
C ARG B 682 27.67 11.62 20.76
N LEU B 683 26.84 11.66 21.79
CA LEU B 683 26.34 10.47 22.44
C LEU B 683 25.03 10.06 21.78
N GLN B 684 24.93 8.80 21.37
CA GLN B 684 23.77 8.31 20.64
C GLN B 684 22.83 7.49 21.52
N PHE B 685 21.54 7.81 21.44
CA PHE B 685 20.52 7.07 22.18
C PHE B 685 19.52 6.39 21.24
N THR B 686 19.07 5.20 21.64
CA THR B 686 17.92 4.56 21.01
C THR B 686 17.00 4.02 22.11
N THR B 687 15.79 4.56 22.20
CA THR B 687 14.83 4.16 23.23
C THR B 687 13.76 3.29 22.59
N ARG B 688 13.60 2.08 23.14
CA ARG B 688 12.64 1.14 22.61
C ARG B 688 11.65 0.64 23.67
N PHE B 689 10.45 0.27 23.20
CA PHE B 689 9.39 -0.20 24.08
C PHE B 689 8.21 -0.70 23.25
N ASP B 690 7.32 -1.44 23.90
CA ASP B 690 6.09 -1.85 23.28
C ASP B 690 4.97 -1.05 23.92
N ASN B 691 4.38 -0.13 23.15
CA ASN B 691 3.30 0.69 23.68
C ASN B 691 1.98 -0.08 23.71
N GLN B 692 1.45 -0.29 24.91
CA GLN B 692 0.16 -0.94 25.05
C GLN B 692 -0.80 -0.08 25.90
N MET B 693 -0.60 1.23 25.86
CA MET B 693 -1.44 2.19 26.60
C MET B 693 -1.91 3.29 25.65
N THR B 694 -3.10 3.83 25.91
CA THR B 694 -3.74 4.77 24.99
C THR B 694 -3.89 6.13 25.63
N ASN B 695 -4.01 7.17 24.80
CA ASN B 695 -4.17 8.55 25.26
C ASN B 695 -3.10 9.04 26.24
N HIS B 696 -1.86 9.00 25.76
CA HIS B 696 -0.71 9.46 26.54
C HIS B 696 0.43 9.92 25.64
N ARG B 697 1.41 10.55 26.27
CA ARG B 697 2.55 11.14 25.58
C ARG B 697 3.80 10.79 26.38
N LEU B 698 4.82 10.30 25.67
CA LEU B 698 6.11 10.02 26.29
C LEU B 698 7.14 10.98 25.74
N ARG B 699 7.85 11.66 26.63
CA ARG B 699 8.94 12.54 26.23
C ARG B 699 10.23 12.19 26.97
N VAL B 700 11.37 12.58 26.40
CA VAL B 700 12.65 12.47 27.07
C VAL B 700 13.17 13.89 27.31
N LEU B 701 13.64 14.17 28.53
CA LEU B 701 13.97 15.55 28.92
C LEU B 701 15.46 15.74 29.16
N PHE B 702 15.98 16.89 28.77
CA PHE B 702 17.38 17.26 28.99
C PHE B 702 17.44 18.64 29.63
N PRO B 703 17.38 18.69 30.98
CA PRO B 703 17.51 19.97 31.70
C PRO B 703 18.92 20.56 31.58
N THR B 704 19.05 21.80 31.13
CA THR B 704 20.38 22.39 30.90
C THR B 704 20.77 23.47 31.91
N HIS B 705 19.77 24.14 32.47
CA HIS B 705 19.96 25.31 33.33
C HIS B 705 20.83 26.39 32.71
N LEU B 706 20.90 26.41 31.38
CA LEU B 706 21.69 27.40 30.65
C LEU B 706 21.07 28.79 30.73
N LYS B 707 21.93 29.81 30.81
CA LYS B 707 21.46 31.19 30.89
C LYS B 707 21.23 31.79 29.49
N THR B 708 20.00 31.69 29.02
CA THR B 708 19.59 32.25 27.73
C THR B 708 18.07 32.30 27.61
N ASP B 709 17.55 33.31 26.92
CA ASP B 709 16.11 33.47 26.72
C ASP B 709 15.65 32.97 25.37
N HIS B 710 16.57 32.45 24.57
CA HIS B 710 16.25 31.96 23.22
C HIS B 710 16.85 30.58 22.99
N HIS B 711 16.47 29.97 21.87
CA HIS B 711 17.02 28.69 21.46
C HIS B 711 17.06 28.64 19.94
N LEU B 712 17.72 27.61 19.42
CA LEU B 712 17.92 27.48 17.97
C LEU B 712 17.40 26.14 17.50
N ALA B 713 16.53 26.18 16.48
CA ALA B 713 15.92 24.97 15.93
C ALA B 713 16.28 24.79 14.46
N ASP B 714 16.51 23.54 14.07
CA ASP B 714 16.75 23.19 12.69
C ASP B 714 15.44 23.35 11.94
N SER B 715 15.37 24.33 11.07
CA SER B 715 14.16 24.54 10.27
C SER B 715 14.51 24.44 8.78
N ILE B 716 13.58 24.84 7.92
CA ILE B 716 13.73 24.64 6.47
C ILE B 716 14.80 25.61 5.96
N PHE B 717 15.96 25.06 5.61
CA PHE B 717 17.13 25.85 5.19
C PHE B 717 17.47 27.01 6.15
N GLU B 718 17.26 26.82 7.46
CA GLU B 718 17.67 27.85 8.42
C GLU B 718 17.73 27.31 9.84
N THR B 719 18.70 27.80 10.60
CA THR B 719 18.74 27.59 12.05
C THR B 719 17.99 28.77 12.66
N VAL B 720 16.70 28.56 12.91
CA VAL B 720 15.83 29.65 13.30
C VAL B 720 15.93 29.90 14.81
N LYS B 721 16.00 31.18 15.18
CA LYS B 721 16.03 31.58 16.58
C LYS B 721 14.60 31.79 17.07
N ARG B 722 14.31 31.24 18.24
CA ARG B 722 12.97 31.32 18.81
C ARG B 722 13.06 31.66 20.30
N PRO B 723 12.05 32.35 20.85
CA PRO B 723 12.07 32.62 22.29
C PRO B 723 11.77 31.35 23.12
N ASN B 724 12.32 31.28 24.33
CA ASN B 724 12.05 30.15 25.22
C ASN B 724 10.69 30.24 25.91
N HIS B 725 10.15 31.46 25.99
CA HIS B 725 8.80 31.72 26.53
C HIS B 725 7.91 32.11 25.35
N PRO B 726 6.69 31.56 25.26
CA PRO B 726 5.79 32.11 24.25
C PRO B 726 5.36 33.52 24.64
N ASP B 727 4.69 34.23 23.74
CA ASP B 727 4.32 35.61 24.02
C ASP B 727 3.21 35.70 25.07
N ALA B 728 3.56 36.16 26.27
CA ALA B 728 2.62 36.21 27.39
C ALA B 728 1.43 37.18 27.22
N THR B 729 1.51 38.08 26.24
CA THR B 729 0.39 38.98 25.91
C THR B 729 -0.78 38.20 25.33
N PHE B 730 -0.48 37.21 24.48
CA PHE B 730 -1.50 36.50 23.73
C PHE B 730 -1.70 35.03 24.13
N TRP B 731 -0.63 34.38 24.58
CA TRP B 731 -0.56 32.92 24.67
C TRP B 731 -1.26 32.36 25.91
N LYS B 732 -2.13 31.38 25.72
CA LYS B 732 -2.93 30.80 26.80
C LYS B 732 -2.61 29.32 27.03
N ASN B 733 -2.25 28.62 25.95
CA ASN B 733 -1.88 27.21 26.01
C ASN B 733 -0.71 27.03 26.97
N PRO B 734 -0.85 26.17 27.99
CA PRO B 734 0.24 25.97 28.95
C PRO B 734 1.52 25.41 28.29
N SER B 735 1.39 24.89 27.08
CA SER B 735 2.51 24.31 26.35
C SER B 735 2.83 25.15 25.11
N ASN B 736 4.06 24.98 24.62
CA ASN B 736 4.51 25.65 23.40
C ASN B 736 5.30 24.67 22.52
N PRO B 737 4.62 23.62 22.01
CA PRO B 737 5.32 22.67 21.15
C PRO B 737 5.82 23.35 19.87
N GLN B 738 7.03 23.00 19.44
CA GLN B 738 7.61 23.58 18.24
C GLN B 738 8.13 22.48 17.29
N HIS B 739 8.31 22.85 16.02
CA HIS B 739 8.81 21.91 15.00
C HIS B 739 10.32 21.97 14.87
N GLN B 740 10.91 20.81 14.57
CA GLN B 740 12.34 20.73 14.27
C GLN B 740 12.60 19.69 13.17
N GLU B 741 13.66 19.93 12.41
CA GLU B 741 14.11 18.97 11.46
C GLU B 741 15.08 18.00 12.17
N CYS B 742 16.39 18.26 12.08
CA CYS B 742 17.38 17.34 12.64
C CYS B 742 17.85 17.64 14.07
N PHE B 743 17.66 18.85 14.58
CA PHE B 743 18.16 19.17 15.91
C PHE B 743 17.48 20.39 16.53
N VAL B 744 17.72 20.55 17.83
CA VAL B 744 17.40 21.79 18.55
C VAL B 744 18.57 22.03 19.50
N SER B 745 18.83 23.30 19.81
CA SER B 745 20.03 23.68 20.52
C SER B 745 19.78 24.85 21.46
N LEU B 746 20.44 24.81 22.62
CA LEU B 746 20.50 25.94 23.53
C LEU B 746 21.95 26.37 23.63
N PHE B 747 22.21 27.67 23.67
CA PHE B 747 23.58 28.20 23.66
C PHE B 747 23.61 29.57 24.35
N ASP B 748 24.49 29.71 25.34
CA ASP B 748 24.53 30.93 26.16
C ASP B 748 25.56 31.99 25.75
N GLY B 749 26.21 31.79 24.59
CA GLY B 749 27.28 32.68 24.14
C GLY B 749 28.65 32.03 24.16
N GLU B 750 28.86 31.09 25.08
CA GLU B 750 30.12 30.33 25.12
C GLU B 750 29.93 28.81 25.22
N ASN B 751 28.84 28.39 25.86
CA ASN B 751 28.56 26.96 26.06
C ASN B 751 27.10 26.61 25.79
N GLY B 752 26.86 25.36 25.41
CA GLY B 752 25.50 24.94 25.17
C GLY B 752 25.34 23.44 24.98
N VAL B 753 24.17 23.07 24.47
CA VAL B 753 23.79 21.68 24.27
C VAL B 753 23.07 21.60 22.93
N THR B 754 23.37 20.54 22.16
CA THR B 754 22.66 20.26 20.93
C THR B 754 22.06 18.86 21.03
N ILE B 755 20.74 18.80 20.88
CA ILE B 755 20.03 17.52 20.87
C ILE B 755 19.65 17.20 19.44
N GLY B 756 20.16 16.08 18.92
CA GLY B 756 19.79 15.61 17.60
C GLY B 756 18.66 14.61 17.67
N ASN B 757 17.97 14.43 16.55
CA ASN B 757 16.86 13.48 16.49
C ASN B 757 16.79 12.81 15.12
N TYR B 758 16.06 11.70 15.03
CA TYR B 758 15.79 11.05 13.76
C TYR B 758 14.29 10.90 13.64
N GLY B 759 13.65 11.84 12.96
CA GLY B 759 12.20 11.78 12.78
C GLY B 759 11.39 12.09 14.03
N LEU B 760 12.03 12.69 15.04
CA LEU B 760 11.32 13.15 16.24
C LEU B 760 11.17 14.67 16.12
N ASN B 761 10.14 15.10 15.39
CA ASN B 761 10.05 16.47 14.93
C ASN B 761 9.39 17.45 15.89
N GLU B 762 8.93 16.97 17.04
CA GLU B 762 8.36 17.88 18.05
C GLU B 762 9.25 18.01 19.28
N TYR B 763 9.58 19.25 19.63
CA TYR B 763 10.30 19.53 20.87
C TYR B 763 9.55 20.63 21.62
N GLU B 764 9.90 20.79 22.89
CA GLU B 764 9.46 21.94 23.69
C GLU B 764 10.61 22.40 24.59
N ILE B 765 10.75 23.72 24.73
CA ILE B 765 11.64 24.26 25.75
C ILE B 765 10.83 24.55 27.01
N LEU B 766 11.31 24.04 28.14
CA LEU B 766 10.68 24.34 29.42
C LEU B 766 11.52 25.45 30.02
N PRO B 767 11.02 26.70 29.95
CA PRO B 767 11.86 27.87 30.20
C PRO B 767 12.38 28.05 31.63
N ASP B 768 11.68 27.53 32.64
CA ASP B 768 12.09 27.71 34.04
C ASP B 768 13.46 27.08 34.33
N THR B 769 13.79 26.03 33.59
CA THR B 769 15.04 25.25 33.78
C THR B 769 15.81 25.11 32.46
N ASN B 770 15.32 25.77 31.42
CA ASN B 770 15.80 25.54 30.06
C ASN B 770 16.04 24.06 29.75
N THR B 771 14.96 23.28 29.91
CA THR B 771 14.96 21.87 29.59
C THR B 771 14.54 21.68 28.14
N ILE B 772 15.29 20.85 27.41
CA ILE B 772 14.87 20.42 26.09
C ILE B 772 14.07 19.12 26.23
N ALA B 773 12.80 19.18 25.80
CA ALA B 773 11.89 18.04 25.84
C ALA B 773 11.64 17.52 24.42
N ILE B 774 12.00 16.27 24.17
CA ILE B 774 11.80 15.65 22.86
C ILE B 774 10.65 14.64 22.96
N THR B 775 9.65 14.77 22.08
CA THR B 775 8.51 13.88 22.10
C THR B 775 8.83 12.56 21.38
N LEU B 776 8.71 11.46 22.11
CA LEU B 776 9.02 10.12 21.58
C LEU B 776 7.77 9.35 21.16
N LEU B 777 6.64 9.70 21.74
CA LEU B 777 5.39 9.01 21.47
C LEU B 777 4.25 9.91 21.82
N ARG B 778 3.27 10.03 20.93
CA ARG B 778 2.01 10.64 21.29
CA ARG B 778 2.00 10.64 21.29
C ARG B 778 0.85 9.78 20.78
N SER B 779 0.04 9.30 21.70
CA SER B 779 -1.05 8.39 21.39
C SER B 779 -2.42 9.03 21.63
N VAL B 780 -3.22 9.15 20.57
CA VAL B 780 -4.60 9.67 20.67
C VAL B 780 -5.56 8.76 19.91
N GLY B 781 -6.87 8.97 20.08
CA GLY B 781 -7.86 8.07 19.49
C GLY B 781 -8.81 8.62 18.44
N GLU B 782 -8.63 9.89 18.05
CA GLU B 782 -9.48 10.51 17.03
C GLU B 782 -8.68 11.48 16.15
N MET B 783 -9.20 11.74 14.95
CA MET B 783 -8.59 12.71 14.02
C MET B 783 -8.64 14.14 14.58
N GLY B 784 -9.83 14.57 14.95
CA GLY B 784 -10.08 15.93 15.45
C GLY B 784 -10.80 16.78 14.39
N ASP B 785 -10.60 18.09 14.48
CA ASP B 785 -11.18 19.06 13.54
C ASP B 785 -12.73 19.07 13.54
N TRP B 786 -13.36 19.02 12.39
CA TRP B 786 -14.78 19.38 12.24
C TRP B 786 -15.81 18.34 12.72
N GLY B 787 -15.36 17.17 13.15
CA GLY B 787 -16.29 16.11 13.52
C GLY B 787 -15.65 15.02 14.33
N TYR B 788 -16.40 13.94 14.57
CA TYR B 788 -15.87 12.79 15.28
C TYR B 788 -15.43 11.68 14.32
N PHE B 789 -14.12 11.51 14.21
CA PHE B 789 -13.54 10.50 13.34
C PHE B 789 -12.60 9.60 14.15
N PRO B 790 -13.12 8.46 14.66
CA PRO B 790 -12.28 7.57 15.44
C PRO B 790 -11.09 7.09 14.62
N THR B 791 -9.92 7.11 15.25
CA THR B 791 -8.67 6.67 14.64
C THR B 791 -7.89 5.83 15.66
N PRO B 792 -8.32 4.58 15.89
CA PRO B 792 -7.64 3.77 16.91
C PRO B 792 -6.15 3.53 16.65
N GLU B 793 -5.74 3.49 15.38
CA GLU B 793 -4.31 3.27 15.06
C GLU B 793 -3.44 4.52 15.33
N ALA B 794 -4.08 5.65 15.61
CA ALA B 794 -3.35 6.83 16.04
C ALA B 794 -2.83 6.66 17.47
N GLN B 795 -3.27 5.60 18.14
CA GLN B 795 -2.77 5.26 19.49
C GLN B 795 -1.33 4.72 19.46
N CYS B 796 -0.86 4.35 18.27
CA CYS B 796 0.51 3.87 18.06
C CYS B 796 0.88 2.71 18.98
N LEU B 797 0.01 1.71 19.03
CA LEU B 797 0.26 0.51 19.84
C LEU B 797 1.33 -0.33 19.16
N GLY B 798 2.08 -1.10 19.95
CA GLY B 798 3.12 -1.98 19.42
C GLY B 798 4.50 -1.39 19.64
N LYS B 799 5.51 -2.04 19.02
CA LYS B 799 6.91 -1.70 19.26
C LYS B 799 7.35 -0.38 18.64
N HIS B 800 8.20 0.36 19.36
CA HIS B 800 8.76 1.59 18.86
C HIS B 800 10.23 1.62 19.17
N SER B 801 10.98 2.33 18.34
CA SER B 801 12.39 2.55 18.55
C SER B 801 12.72 3.97 18.09
N LEU B 802 13.05 4.84 19.05
CA LEU B 802 13.33 6.25 18.77
C LEU B 802 14.80 6.58 18.98
N SER B 803 15.42 7.21 17.99
CA SER B 803 16.85 7.58 18.08
C SER B 803 17.07 9.09 18.16
N TYR B 804 17.98 9.48 19.06
CA TYR B 804 18.29 10.89 19.30
C TYR B 804 19.68 10.98 19.92
N SER B 805 20.18 12.20 20.11
CA SER B 805 21.58 12.35 20.53
C SER B 805 21.81 13.57 21.38
N PHE B 806 22.90 13.54 22.15
CA PHE B 806 23.34 14.64 22.96
C PHE B 806 24.77 15.04 22.57
N GLU B 807 25.01 16.33 22.46
CA GLU B 807 26.36 16.85 22.33
C GLU B 807 26.46 18.12 23.15
N SER B 808 27.54 18.23 23.92
CA SER B 808 27.84 19.43 24.67
C SER B 808 28.77 20.30 23.82
N ILE B 809 28.42 21.57 23.67
CA ILE B 809 29.11 22.43 22.71
C ILE B 809 29.72 23.69 23.33
N THR B 810 30.72 24.24 22.63
CA THR B 810 31.32 25.53 22.93
C THR B 810 31.18 26.39 21.69
N LYS B 811 31.51 27.69 21.80
CA LYS B 811 31.47 28.56 20.62
C LYS B 811 32.18 27.91 19.42
N GLN B 812 33.29 27.22 19.69
CA GLN B 812 34.14 26.64 18.66
C GLN B 812 33.57 25.37 17.99
N THR B 813 32.63 24.71 18.65
CA THR B 813 32.08 23.44 18.11
C THR B 813 30.58 23.53 17.76
N GLN B 814 29.99 24.70 17.97
CA GLN B 814 28.55 24.89 17.80
C GLN B 814 28.04 24.45 16.42
N PHE B 815 28.66 24.96 15.37
CA PHE B 815 28.17 24.66 14.03
C PHE B 815 28.47 23.22 13.60
N ALA B 816 29.61 22.67 14.03
CA ALA B 816 29.90 21.26 13.79
C ALA B 816 28.87 20.34 14.47
N SER B 817 28.36 20.76 15.63
CA SER B 817 27.30 19.98 16.31
C SER B 817 26.01 19.95 15.49
N TYR B 818 25.80 20.99 14.69
CA TYR B 818 24.62 21.08 13.85
C TYR B 818 24.74 20.18 12.61
N TRP B 819 25.86 20.24 11.90
CA TRP B 819 26.00 19.30 10.78
C TRP B 819 26.17 17.84 11.21
N ARG B 820 26.72 17.60 12.39
CA ARG B 820 26.76 16.22 12.94
C ARG B 820 25.36 15.68 13.16
N ALA B 821 24.47 16.50 13.69
CA ALA B 821 23.09 16.08 13.90
C ALA B 821 22.40 15.79 12.56
N GLN B 822 22.67 16.62 11.55
CA GLN B 822 22.10 16.39 10.21
C GLN B 822 22.72 15.16 9.53
N GLU B 823 24.04 15.14 9.47
CA GLU B 823 24.76 14.11 8.71
C GLU B 823 24.86 12.78 9.47
N GLY B 824 24.74 12.83 10.80
CA GLY B 824 24.68 11.64 11.64
C GLY B 824 23.47 10.75 11.37
N GLN B 825 22.48 11.27 10.63
CA GLN B 825 21.37 10.44 10.18
C GLN B 825 21.75 9.52 9.02
N VAL B 826 22.95 9.68 8.48
CA VAL B 826 23.34 8.99 7.25
C VAL B 826 24.59 8.16 7.53
N PRO B 827 24.49 6.82 7.43
CA PRO B 827 25.64 5.98 7.71
C PRO B 827 26.66 5.98 6.59
N VAL B 828 27.86 5.55 6.94
CA VAL B 828 28.88 5.19 5.96
C VAL B 828 28.27 4.10 5.08
N ILE B 829 28.44 4.24 3.77
CA ILE B 829 27.93 3.26 2.81
C ILE B 829 29.06 2.35 2.39
N THR B 830 28.77 1.05 2.28
CA THR B 830 29.80 0.14 1.80
C THR B 830 29.35 -0.74 0.64
N THR B 831 30.31 -1.15 -0.17
CA THR B 831 30.04 -2.14 -1.20
C THR B 831 31.30 -2.93 -1.47
N GLN B 832 31.12 -4.17 -1.93
CA GLN B 832 32.24 -5.04 -2.24
C GLN B 832 32.50 -5.13 -3.74
N THR B 833 33.76 -5.36 -4.08
CA THR B 833 34.17 -5.56 -5.46
C THR B 833 35.41 -6.46 -5.46
N ASN B 834 35.79 -6.97 -6.62
CA ASN B 834 36.99 -7.81 -6.68
CA ASN B 834 36.98 -7.80 -6.69
C ASN B 834 38.25 -7.02 -7.09
N GLN B 835 39.33 -7.76 -7.36
CA GLN B 835 40.58 -7.20 -7.84
C GLN B 835 40.47 -6.98 -9.34
N HIS B 836 40.74 -5.76 -9.76
CA HIS B 836 40.65 -5.39 -11.18
C HIS B 836 41.35 -4.07 -11.44
N GLU B 837 41.77 -3.90 -12.70
CA GLU B 837 42.12 -2.59 -13.23
C GLU B 837 40.93 -1.65 -13.05
N GLY B 838 41.17 -0.35 -13.18
CA GLY B 838 40.11 0.63 -13.06
C GLY B 838 40.57 2.04 -13.42
N THR B 839 39.61 2.87 -13.79
CA THR B 839 39.92 4.25 -14.14
C THR B 839 39.85 5.18 -12.94
N LEU B 840 39.34 4.68 -11.81
CA LEU B 840 39.17 5.48 -10.61
C LEU B 840 40.21 5.11 -9.55
N ALA B 841 40.64 6.08 -8.75
CA ALA B 841 41.56 5.85 -7.65
C ALA B 841 40.89 5.12 -6.49
N ALA B 842 41.68 4.41 -5.69
CA ALA B 842 41.16 3.62 -4.57
C ALA B 842 40.65 4.50 -3.43
N GLU B 843 41.14 5.74 -3.37
CA GLU B 843 40.58 6.73 -2.47
C GLU B 843 40.50 8.07 -3.17
N TYR B 844 39.42 8.78 -2.92
CA TYR B 844 39.14 10.00 -3.67
C TYR B 844 38.15 10.88 -2.93
N SER B 845 38.35 12.18 -3.02
CA SER B 845 37.42 13.17 -2.46
C SER B 845 36.82 13.94 -3.60
N TYR B 846 35.51 13.85 -3.74
CA TYR B 846 34.83 14.49 -4.84
C TYR B 846 34.73 16.00 -4.71
N LEU B 847 34.78 16.48 -3.48
CA LEU B 847 34.75 17.92 -3.22
C LEU B 847 35.69 18.25 -2.05
N THR B 848 36.06 19.52 -1.94
CA THR B 848 36.85 20.05 -0.82
C THR B 848 36.30 21.42 -0.44
N GLY B 849 36.93 22.07 0.54
CA GLY B 849 36.53 23.40 0.99
C GLY B 849 35.23 23.37 1.79
N THR B 850 35.15 22.46 2.75
CA THR B 850 34.01 22.41 3.66
C THR B 850 34.16 23.56 4.67
N ASN B 851 33.04 23.99 5.25
CA ASN B 851 33.03 25.02 6.30
C ASN B 851 32.04 24.52 7.35
N ASP B 852 32.37 24.64 8.64
CA ASP B 852 31.44 24.18 9.69
C ASP B 852 30.08 24.89 9.60
N GLN B 853 30.12 26.18 9.23
CA GLN B 853 28.91 27.01 9.17
C GLN B 853 28.08 26.81 7.89
N VAL B 854 28.59 25.97 6.98
CA VAL B 854 27.91 25.76 5.69
C VAL B 854 27.40 24.34 5.53
N ALA B 855 26.08 24.18 5.55
CA ALA B 855 25.49 22.86 5.35
C ALA B 855 25.40 22.53 3.86
N LEU B 856 25.55 21.25 3.53
CA LEU B 856 25.32 20.76 2.17
C LEU B 856 24.03 19.93 2.23
N THR B 857 23.08 20.25 1.36
CA THR B 857 21.80 19.52 1.33
C THR B 857 21.53 18.75 0.05
N ALA B 858 22.18 19.14 -1.04
CA ALA B 858 21.99 18.46 -2.31
C ALA B 858 23.33 18.26 -3.01
N PHE B 859 23.47 17.07 -3.61
CA PHE B 859 24.58 16.69 -4.47
C PHE B 859 23.99 15.71 -5.48
N LYS B 860 23.67 16.22 -6.67
CA LYS B 860 22.80 15.54 -7.60
C LYS B 860 23.23 15.94 -9.01
N ARG B 861 22.46 15.53 -10.02
CA ARG B 861 22.67 16.06 -11.37
C ARG B 861 21.41 16.70 -11.93
N ARG B 862 21.60 17.55 -12.93
CA ARG B 862 20.55 18.36 -13.54
C ARG B 862 19.87 17.59 -14.67
N LEU B 863 18.54 17.62 -14.69
CA LEU B 863 17.76 16.90 -15.71
C LEU B 863 18.14 17.29 -17.14
N ALA B 864 18.24 18.58 -17.42
CA ALA B 864 18.48 19.10 -18.77
C ALA B 864 19.78 18.63 -19.44
N ASP B 865 20.87 18.61 -18.69
CA ASP B 865 22.20 18.45 -19.28
C ASP B 865 23.15 17.62 -18.44
N ASN B 866 22.65 17.04 -17.35
CA ASN B 866 23.46 16.20 -16.45
C ASN B 866 24.60 16.92 -15.70
N ALA B 867 24.57 18.25 -15.65
CA ALA B 867 25.57 18.99 -14.88
C ALA B 867 25.41 18.62 -13.41
N LEU B 868 26.54 18.51 -12.70
CA LEU B 868 26.52 18.35 -11.24
C LEU B 868 25.90 19.57 -10.60
N ILE B 869 24.98 19.33 -9.66
CA ILE B 869 24.30 20.39 -8.91
C ILE B 869 24.61 20.19 -7.44
N THR B 870 25.05 21.26 -6.78
CA THR B 870 25.14 21.26 -5.32
C THR B 870 24.22 22.30 -4.73
N ARG B 871 23.72 22.02 -3.52
CA ARG B 871 23.02 23.06 -2.78
C ARG B 871 23.53 23.12 -1.35
N SER B 872 23.85 24.34 -0.91
CA SER B 872 24.45 24.62 0.39
C SER B 872 23.64 25.73 1.04
N TYR B 873 23.69 25.83 2.36
CA TYR B 873 23.07 26.99 3.02
C TYR B 873 23.80 27.39 4.29
N ASN B 874 23.65 28.67 4.65
CA ASN B 874 24.28 29.19 5.84
C ASN B 874 23.52 28.73 7.08
N LEU B 875 24.23 28.03 7.98
CA LEU B 875 23.64 27.55 9.23
C LEU B 875 23.37 28.66 10.27
N SER B 876 23.75 29.89 9.93
CA SER B 876 23.44 31.03 10.79
C SER B 876 22.53 32.03 10.08
N ASN B 877 21.58 32.56 10.85
CA ASN B 877 20.76 33.68 10.41
C ASN B 877 21.37 35.02 10.81
N ASP B 878 22.44 35.01 11.60
CA ASP B 878 22.98 36.25 12.18
C ASP B 878 24.31 36.70 11.58
N LYS B 879 25.05 35.76 11.00
CA LYS B 879 26.42 36.02 10.53
C LYS B 879 26.64 35.45 9.13
N THR B 880 27.35 36.22 8.31
CA THR B 880 27.87 35.72 7.04
C THR B 880 29.03 34.76 7.33
N CYS B 881 29.47 34.04 6.31
CA CYS B 881 30.65 33.20 6.45
C CYS B 881 31.32 32.98 5.11
N ASP B 882 32.59 32.59 5.16
CA ASP B 882 33.34 32.14 3.99
C ASP B 882 32.65 30.96 3.35
N PHE B 883 32.66 30.94 2.02
CA PHE B 883 32.13 29.83 1.24
C PHE B 883 33.25 29.26 0.37
N SER B 884 33.81 28.14 0.80
CA SER B 884 35.02 27.59 0.19
C SER B 884 34.78 26.37 -0.73
N LEU B 885 33.52 25.95 -0.90
CA LEU B 885 33.21 24.69 -1.62
C LEU B 885 33.88 24.64 -2.98
N SER B 886 34.56 23.53 -3.25
CA SER B 886 35.24 23.34 -4.52
C SER B 886 35.15 21.89 -4.97
N LEU B 887 34.82 21.70 -6.25
CA LEU B 887 34.90 20.39 -6.88
C LEU B 887 36.10 20.42 -7.85
N PRO B 888 37.10 19.54 -7.62
CA PRO B 888 38.36 19.63 -8.38
C PRO B 888 38.17 19.48 -9.90
N ASN B 889 38.74 20.43 -10.64
CA ASN B 889 38.63 20.54 -12.10
C ASN B 889 37.20 20.78 -12.61
N TYR B 890 36.38 21.40 -11.76
CA TYR B 890 35.09 21.94 -12.16
C TYR B 890 35.03 23.44 -11.88
N ASN B 891 34.29 24.16 -12.72
CA ASN B 891 33.89 25.54 -12.47
C ASN B 891 32.42 25.58 -12.05
N ALA B 892 32.07 26.49 -11.13
CA ALA B 892 30.70 26.64 -10.67
C ALA B 892 30.00 27.85 -11.29
N LYS B 893 28.72 27.69 -11.58
CA LYS B 893 27.84 28.77 -12.02
C LYS B 893 26.59 28.77 -11.14
N VAL B 894 26.15 29.95 -10.73
CA VAL B 894 24.99 30.05 -9.84
C VAL B 894 23.70 29.76 -10.60
N THR B 895 22.86 28.91 -10.01
CA THR B 895 21.52 28.69 -10.54
C THR B 895 20.48 29.10 -9.51
N ASN B 896 19.19 29.10 -9.88
CA ASN B 896 18.15 29.18 -8.86
C ASN B 896 17.82 27.76 -8.36
N LEU B 897 16.77 27.62 -7.55
CA LEU B 897 16.41 26.34 -6.95
C LEU B 897 15.87 25.34 -7.98
N LEU B 898 15.36 25.87 -9.08
CA LEU B 898 14.88 25.09 -10.20
C LEU B 898 16.02 24.69 -11.15
N GLU B 899 17.24 25.03 -10.74
CA GLU B 899 18.46 24.68 -11.47
C GLU B 899 18.59 25.39 -12.85
N LYS B 900 17.94 26.53 -13.00
CA LYS B 900 18.11 27.39 -14.16
C LYS B 900 19.23 28.37 -13.86
N ASP B 901 20.11 28.59 -14.83
CA ASP B 901 21.30 29.45 -14.66
C ASP B 901 20.92 30.89 -14.37
N SER B 902 21.58 31.50 -13.40
CA SER B 902 21.38 32.92 -13.14
C SER B 902 22.55 33.73 -13.70
N LYS B 903 22.45 35.05 -13.63
CA LYS B 903 23.51 35.94 -14.09
C LYS B 903 24.49 36.27 -12.97
N GLN B 904 24.16 35.90 -11.74
CA GLN B 904 24.97 36.20 -10.57
C GLN B 904 26.32 35.48 -10.63
N SER B 905 27.39 36.16 -10.22
CA SER B 905 28.70 35.51 -10.12
C SER B 905 28.76 34.65 -8.85
N THR B 906 29.60 33.63 -8.87
CA THR B 906 29.78 32.71 -7.76
C THR B 906 30.39 33.46 -6.57
N PRO B 907 29.69 33.47 -5.42
CA PRO B 907 30.23 34.21 -4.27
C PRO B 907 31.38 33.46 -3.59
N SER B 908 32.19 34.20 -2.85
CA SER B 908 33.25 33.63 -2.01
C SER B 908 32.80 33.62 -0.55
N GLN B 909 31.65 34.23 -0.30
CA GLN B 909 31.00 34.23 1.01
C GLN B 909 29.51 33.95 0.89
N LEU B 910 28.91 33.43 1.96
CA LEU B 910 27.44 33.32 2.03
C LEU B 910 26.87 34.44 2.88
N GLY B 911 25.81 35.08 2.39
CA GLY B 911 25.03 36.00 3.22
C GLY B 911 24.33 35.27 4.35
N LYS B 912 23.87 36.02 5.35
CA LYS B 912 23.04 35.46 6.41
C LYS B 912 21.91 34.62 5.80
N ALA B 913 21.77 33.38 6.25
CA ALA B 913 20.68 32.50 5.80
C ALA B 913 20.61 32.27 4.27
N GLU B 914 21.71 32.49 3.56
CA GLU B 914 21.70 32.30 2.11
C GLU B 914 21.66 30.82 1.73
N ILE B 915 20.79 30.50 0.77
CA ILE B 915 20.75 29.17 0.16
C ILE B 915 21.37 29.33 -1.23
N LEU B 916 22.44 28.59 -1.49
CA LEU B 916 23.19 28.74 -2.74
C LEU B 916 23.19 27.45 -3.54
N THR B 917 22.61 27.50 -4.73
CA THR B 917 22.61 26.35 -5.63
C THR B 917 23.58 26.62 -6.80
N LEU B 918 24.38 25.60 -7.12
CA LEU B 918 25.48 25.76 -8.07
C LEU B 918 25.46 24.63 -9.08
N ALA B 919 25.68 24.96 -10.34
CA ALA B 919 25.91 23.95 -11.36
C ALA B 919 27.40 23.90 -11.67
N TRP B 920 27.94 22.70 -11.76
CA TRP B 920 29.38 22.53 -11.90
C TRP B 920 29.69 21.86 -13.23
N LYS B 921 30.59 22.48 -14.00
CA LYS B 921 31.04 21.93 -15.29
C LYS B 921 32.57 21.78 -15.34
N LYS B 922 33.04 20.73 -16.01
CA LYS B 922 34.48 20.46 -16.17
C LYS B 922 35.21 21.67 -16.73
N GLN B 923 36.42 21.91 -16.22
CA GLN B 923 37.21 23.07 -16.61
C GLN B 923 37.73 22.96 -18.04
ZN ZN C . 5.80 -17.53 -12.17
C1 GOL D . 19.06 -4.95 -4.49
O1 GOL D . 19.48 -4.20 -5.60
C2 GOL D . 17.84 -4.25 -3.95
O2 GOL D . 18.17 -2.91 -3.65
C3 GOL D . 16.83 -4.28 -5.09
O3 GOL D . 15.71 -3.53 -4.70
C1 GOL E . -13.15 -5.46 -16.60
O1 GOL E . -13.76 -5.83 -15.37
C2 GOL E . -13.95 -4.35 -17.29
O2 GOL E . -13.64 -4.22 -18.68
C3 GOL E . -13.59 -3.02 -16.66
O3 GOL E . -13.85 -3.11 -15.30
C1 GOL F . 35.70 -21.36 -30.47
O1 GOL F . 34.85 -21.69 -29.39
C2 GOL F . 34.90 -20.56 -31.48
O2 GOL F . 34.74 -19.26 -30.96
C3 GOL F . 33.52 -21.17 -31.56
O3 GOL F . 32.67 -20.38 -32.35
C1 GOL G . -26.59 16.14 -3.84
O1 GOL G . -27.26 15.33 -2.90
C2 GOL G . -27.37 17.45 -4.04
O2 GOL G . -27.53 17.77 -5.40
C3 GOL G . -26.59 18.57 -3.41
O3 GOL G . -25.90 19.20 -4.44
C1 GOL H . -14.28 -38.25 21.68
O1 GOL H . -13.48 -37.28 22.33
C2 GOL H . -13.49 -38.95 20.59
O2 GOL H . -12.34 -38.19 20.26
C3 GOL H . -14.36 -39.09 19.35
O3 GOL H . -14.16 -37.98 18.51
C1 GOL I . -19.11 -42.39 -5.57
O1 GOL I . -19.33 -43.38 -4.59
C2 GOL I . -19.61 -42.94 -6.88
O2 GOL I . -18.51 -43.48 -7.55
C3 GOL I . -20.18 -41.79 -7.68
O3 GOL I . -21.55 -42.01 -7.93
C1 GOL J . -9.33 -5.25 2.27
O1 GOL J . -8.85 -5.31 3.59
C2 GOL J . -10.66 -4.48 2.22
O2 GOL J . -10.49 -3.19 2.74
C3 GOL J . -11.70 -5.21 3.06
O3 GOL J . -12.80 -4.34 3.21
ZN ZN K . -5.98 21.58 3.64
C TRS L . -18.33 6.71 0.43
C1 TRS L . -18.32 5.48 -0.45
C2 TRS L . -19.59 7.53 0.17
C3 TRS L . -17.11 7.57 0.19
N TRS L . -18.32 6.32 1.84
O1 TRS L . -18.43 4.32 0.33
O2 TRS L . -20.03 7.39 -1.16
O3 TRS L . -16.20 6.92 -0.65
C1 GOL M . 20.75 35.23 25.75
O1 GOL M . 21.38 34.21 25.02
C2 GOL M . 19.73 35.92 24.86
O2 GOL M . 18.63 35.07 24.74
C3 GOL M . 19.25 37.16 25.60
O3 GOL M . 18.25 37.80 24.82
C1 GOL N . -11.07 4.74 35.55
O1 GOL N . -10.51 6.00 35.77
C2 GOL N . -11.80 4.80 34.23
O2 GOL N . -11.57 3.61 33.51
C3 GOL N . -13.29 4.96 34.50
O3 GOL N . -13.79 6.06 33.77
C1 GOL O . 26.43 -8.16 -14.01
O1 GOL O . 26.88 -8.25 -12.68
C2 GOL O . 27.39 -8.90 -14.93
O2 GOL O . 27.57 -8.20 -16.15
C3 GOL O . 26.80 -10.25 -15.29
O3 GOL O . 25.70 -10.08 -16.14
C1 GOL P . 20.63 8.64 14.47
O1 GOL P . 20.94 8.23 13.16
C2 GOL P . 20.44 10.15 14.52
O2 GOL P . 21.70 10.79 14.43
C3 GOL P . 19.80 10.55 15.84
O3 GOL P . 20.64 10.15 16.89
C1 GOL Q . 14.47 14.62 -9.12
O1 GOL Q . 13.39 13.75 -9.30
C2 GOL Q . 13.91 16.03 -9.07
O2 GOL Q . 13.30 16.36 -10.30
C3 GOL Q . 12.90 16.14 -7.92
O3 GOL Q . 13.46 15.58 -6.76
#